data_9J6X
#
_entry.id   9J6X
#
_cell.length_a   1.00
_cell.length_b   1.00
_cell.length_c   1.00
_cell.angle_alpha   90.00
_cell.angle_beta   90.00
_cell.angle_gamma   90.00
#
_symmetry.space_group_name_H-M   'P 1'
#
loop_
_entity.id
_entity.type
_entity.pdbx_description
1 polymer 'Isoamylase 1, chloroplastic'
2 polymer 'Isoamylase 2, chloroplastic'
#
loop_
_entity_poly.entity_id
_entity_poly.type
_entity_poly.pdbx_seq_one_letter_code
_entity_poly.pdbx_strand_id
1 'polypeptide(L)'
;MGSSHHHHHHSSGLVPRGSHSDEVDAHMSVASAVEVGVGEDEEEGVEEEEEEVEAVVMPERYALGGACRVLAGMPAPLGA
TALDGGVNFAVYSAGASAASLCLFTPDDLEADEVTEEVPLDPLFNRTGNVWHVFIEGELHNMLYGYRFDGMFAPHCGQYF
DVSNVVVDPYAKAVISRGEYGVPGPGGDCWPQMAGMIPLPYSTFDWQGDLPLRYPQKDLVIYEMHLRGFTKHSSSNVEHP
GTYIGAISKLDYLKELGVNCVELMPCHEFNELEYFSCSSKMNFWGYSTINFFSPMIRYSSGGIRNCGRDAINEFKTFVRE
AHKRGIEVIMDVVFNHTAEGNEKGPILSFRGIDNSTYYMLAPKGEFYNYSGCGNTFNCNHPVVREFIVDCLRYWVTEMHV
DGFRFDLASIMTRGCSLWDPVNVYGSPVEGDMTTTGTPLATPPLIDMISNDPILGDVKLIAEAWDAGGLYQVGQFPHWKI
WSEWNGKYRDIVRQFIKGTDGFAGGFAECLCGSPHLYQAGGRKPWHSINFVCAHDGFTLADLVTYNKKYNSSNGEDNRDG
ENHNLSWNCGEEGEFAGLSVKRLRKRQMRNFFVSLMVSQGVPMFYMGDEYGHTKGGNNNTYCHDHYVNYFRWDKKEESSD
LQRFCSLMTKFRKQCESLGLADFPTAQRLHWHGHQPGKPDWSETSRFVAFSTKDETKGEIYVAFNASHLPAVVGLPERPG
YRWEPLVDTGKPAPYDFLTDDLPDRAHAVHLFSHFLNSNLYPMLSYSSIILELQPDD
;
A,B
2 'polypeptide(L)'
;MASLPAPPTPLGSCPRGRGGGRVVARPRRAGLACAARSCYRFRTDDDGVVDVAVSGEDGDGGGGGYAVSVEVPGTRGREG
GLVLRASGSGEGVPLAPAAGGASLAAELSFDPTRAPFYLSFLLTDASGAEIRTHRKTSFRVPVGVGPGSPAPLGMSISGD
GAVNFAVYSKNANAVSLYLYAAAVGGGGGDEPALEIDLDPYIHRTGNVWHVSLASVDGYVSYAFCCGGIRRPLLDPYAKV
IGDFVSSNSVYDEGVTAPSMRCFASLAIAPSYNWGRDRHPRLPLEKLVVYRANVALFTKDRSSGLPDDAAGTFTGLSAKV
EHFRSLGVNAILLEPVFPFHQVKGPYFPYHFFSPMNLYSSKGLSVSAIKSMKDMVRVMHRNGIEVLLEVVFTHTAEGESE
CQTISMRGIDNSSYYIANGIAGCKASILNCNHPVTQKLILDSLRHWVLDFHVDGFCFINAPFLVRGPGGEYLSRPPLLEA
ITFDPVLSMTKIIADPWSPLDISNVQFPFPHWKRWAEVNTRFSIDVRKFLKREALISDLATRLCGSGDLFSTRGPAFSFN
HVSRNSGLSLVDLVSFSNDDLLSESSWNCGEEGPSENSAVLQTRLRQIRNFLFILFVSLGVPVLNMGDECGHSAAGSVSY
KDRGPLNWRGMKTTFVKEVTGFISFLTALRSRRGDIFQRREFLKLENIHWYGSDLCEPGWDDPTSNFLCMHINAEVDEMA
ADSVRGDLYICFNANEESVSAALPALAEGSVWLRLVDTSLAFPGFFATESNPKVQQVPGLSSYHVEAHTCVLFESKSALA
;
C
#
# COMPACT_ATOMS: atom_id res chain seq x y z
N GLU A 60 -7.57 -12.06 120.09
CA GLU A 60 -8.96 -12.24 119.70
C GLU A 60 -9.57 -10.93 119.24
N ARG A 61 -9.57 -10.70 117.92
CA ARG A 61 -10.07 -9.48 117.33
C ARG A 61 -11.08 -9.81 116.25
N TYR A 62 -12.17 -9.04 116.21
CA TYR A 62 -13.22 -9.21 115.20
C TYR A 62 -13.42 -7.90 114.45
N ALA A 63 -13.80 -8.01 113.19
CA ALA A 63 -14.04 -6.85 112.34
C ALA A 63 -15.50 -6.75 111.92
N LEU A 64 -16.06 -7.79 111.30
CA LEU A 64 -17.41 -7.73 110.75
C LEU A 64 -18.42 -8.25 111.78
N GLY A 65 -18.60 -7.45 112.82
CA GLY A 65 -19.61 -7.72 113.83
C GLY A 65 -19.44 -9.03 114.57
N GLY A 66 -18.20 -9.39 114.89
CA GLY A 66 -17.94 -10.61 115.63
C GLY A 66 -18.04 -11.88 114.83
N ALA A 67 -18.13 -11.80 113.50
CA ALA A 67 -18.24 -12.97 112.65
C ALA A 67 -16.93 -13.34 111.96
N CYS A 68 -16.02 -12.39 111.78
CA CYS A 68 -14.75 -12.62 111.11
C CYS A 68 -13.60 -12.35 112.07
N ARG A 69 -12.70 -13.33 112.18
CA ARG A 69 -11.52 -13.18 113.02
C ARG A 69 -10.39 -12.51 112.24
N VAL A 70 -9.53 -11.80 112.97
CA VAL A 70 -8.40 -11.08 112.39
C VAL A 70 -7.11 -11.68 112.95
N LEU A 71 -6.19 -12.02 112.06
CA LEU A 71 -4.90 -12.58 112.44
C LEU A 71 -3.79 -11.77 111.79
N ALA A 72 -2.55 -12.05 112.20
CA ALA A 72 -1.41 -11.32 111.66
C ALA A 72 -1.23 -11.59 110.17
N GLY A 73 -1.34 -12.85 109.75
CA GLY A 73 -1.15 -13.18 108.36
C GLY A 73 0.31 -13.26 107.97
N MET A 74 0.54 -13.40 106.67
CA MET A 74 1.88 -13.54 106.11
C MET A 74 2.07 -12.51 105.00
N PRO A 75 3.22 -11.82 104.99
CA PRO A 75 3.45 -10.80 103.96
C PRO A 75 3.62 -11.36 102.55
N ALA A 76 3.69 -12.67 102.37
CA ALA A 76 3.87 -13.25 101.05
C ALA A 76 2.81 -14.31 100.78
N PRO A 77 2.30 -14.40 99.54
CA PRO A 77 2.61 -13.56 98.37
C PRO A 77 1.90 -12.21 98.44
N LEU A 78 2.41 -11.21 97.74
CA LEU A 78 1.82 -9.87 97.78
C LEU A 78 0.42 -9.89 97.16
N GLY A 79 -0.49 -9.14 97.78
CA GLY A 79 -1.85 -9.05 97.29
C GLY A 79 -2.84 -9.84 98.13
N ALA A 80 -3.91 -10.32 97.51
CA ALA A 80 -4.94 -11.09 98.19
C ALA A 80 -4.86 -12.54 97.72
N THR A 81 -4.71 -13.45 98.67
CA THR A 81 -4.59 -14.88 98.39
C THR A 81 -5.62 -15.64 99.21
N ALA A 82 -6.36 -16.53 98.57
CA ALA A 82 -7.41 -17.29 99.22
C ALA A 82 -6.85 -18.64 99.69
N LEU A 83 -6.81 -18.82 101.01
CA LEU A 83 -6.36 -20.09 101.58
C LEU A 83 -6.90 -20.20 103.00
N ASP A 84 -7.05 -21.43 103.46
CA ASP A 84 -7.49 -21.74 104.83
C ASP A 84 -8.80 -21.05 105.16
N GLY A 85 -9.75 -21.08 104.22
CA GLY A 85 -11.06 -20.49 104.44
C GLY A 85 -11.04 -19.00 104.69
N GLY A 86 -10.16 -18.27 104.02
CA GLY A 86 -10.07 -16.84 104.23
C GLY A 86 -9.27 -16.18 103.12
N VAL A 87 -8.93 -14.92 103.34
CA VAL A 87 -8.15 -14.12 102.41
C VAL A 87 -7.01 -13.47 103.17
N ASN A 88 -5.79 -13.58 102.63
CA ASN A 88 -4.60 -13.00 103.22
C ASN A 88 -4.23 -11.75 102.44
N PHE A 89 -4.06 -10.63 103.15
CA PHE A 89 -3.77 -9.35 102.54
C PHE A 89 -2.30 -9.00 102.78
N ALA A 90 -1.64 -8.53 101.71
CA ALA A 90 -0.26 -8.06 101.80
C ALA A 90 -0.08 -6.88 100.88
N VAL A 91 0.66 -5.88 101.34
CA VAL A 91 0.93 -4.67 100.56
C VAL A 91 2.28 -4.13 100.99
N TYR A 92 3.04 -3.60 100.02
CA TYR A 92 4.38 -3.10 100.29
C TYR A 92 4.35 -1.59 100.39
N SER A 93 4.88 -1.06 101.51
CA SER A 93 4.93 0.38 101.74
C SER A 93 6.06 0.65 102.73
N ALA A 94 7.08 1.37 102.28
CA ALA A 94 8.24 1.66 103.11
C ALA A 94 8.08 2.93 103.94
N GLY A 95 7.55 4.00 103.33
CA GLY A 95 7.38 5.25 104.03
C GLY A 95 6.13 5.38 104.86
N ALA A 96 5.18 4.45 104.70
CA ALA A 96 3.94 4.51 105.45
C ALA A 96 4.17 4.12 106.91
N SER A 97 3.62 4.92 107.82
CA SER A 97 3.71 4.64 109.25
C SER A 97 2.49 3.93 109.80
N ALA A 98 1.30 4.24 109.29
CA ALA A 98 0.06 3.60 109.70
C ALA A 98 -0.72 3.17 108.46
N ALA A 99 -1.29 1.97 108.53
CA ALA A 99 -2.03 1.41 107.41
C ALA A 99 -3.39 0.89 107.90
N SER A 100 -4.34 0.81 106.98
CA SER A 100 -5.66 0.30 107.29
C SER A 100 -6.23 -0.39 106.06
N LEU A 101 -7.17 -1.30 106.29
CA LEU A 101 -7.84 -2.03 105.23
C LEU A 101 -9.32 -1.67 105.22
N CYS A 102 -9.81 -1.22 104.08
CA CYS A 102 -11.21 -0.83 103.91
C CYS A 102 -11.94 -1.89 103.12
N LEU A 103 -13.19 -2.15 103.49
CA LEU A 103 -14.02 -3.15 102.84
C LEU A 103 -15.30 -2.48 102.34
N PHE A 104 -15.68 -2.78 101.09
CA PHE A 104 -16.87 -2.20 100.48
C PHE A 104 -17.80 -3.28 99.99
N THR A 105 -19.08 -3.12 100.32
CA THR A 105 -20.14 -3.91 99.71
C THR A 105 -20.42 -3.37 98.31
N PRO A 106 -20.98 -4.18 97.42
CA PRO A 106 -21.31 -3.68 96.07
C PRO A 106 -22.22 -2.45 96.07
N ASP A 107 -23.10 -2.32 97.07
CA ASP A 107 -23.96 -1.14 97.12
C ASP A 107 -23.19 0.10 97.59
N ASP A 108 -22.12 -0.08 98.37
CA ASP A 108 -21.39 1.07 98.86
C ASP A 108 -20.62 1.80 97.78
N LEU A 109 -20.04 1.08 96.81
CA LEU A 109 -19.16 1.73 95.85
C LEU A 109 -19.92 2.74 95.00
N GLU A 110 -21.22 2.52 94.81
CA GLU A 110 -22.03 3.47 94.05
C GLU A 110 -22.30 4.75 94.85
N ALA A 111 -22.45 4.63 96.17
CA ALA A 111 -22.77 5.77 97.02
C ALA A 111 -21.58 6.34 97.78
N ASP A 112 -20.38 5.76 97.59
CA ASP A 112 -19.13 6.27 98.17
C ASP A 112 -19.20 6.30 99.70
N GLU A 113 -19.35 5.10 100.29
CA GLU A 113 -19.22 4.91 101.74
C GLU A 113 -18.45 3.64 102.01
N VAL A 114 -17.86 3.55 103.20
CA VAL A 114 -17.08 2.37 103.58
C VAL A 114 -17.82 1.61 104.67
N THR A 115 -18.05 0.32 104.45
CA THR A 115 -18.65 -0.52 105.49
C THR A 115 -17.73 -0.66 106.69
N GLU A 116 -16.48 -1.05 106.46
CA GLU A 116 -15.60 -1.48 107.53
C GLU A 116 -14.22 -0.86 107.36
N GLU A 117 -13.62 -0.47 108.48
CA GLU A 117 -12.26 0.06 108.51
C GLU A 117 -11.46 -0.72 109.54
N VAL A 118 -10.41 -1.39 109.08
CA VAL A 118 -9.60 -2.26 109.95
C VAL A 118 -8.20 -1.67 110.09
N PRO A 119 -7.89 -1.04 111.22
CA PRO A 119 -6.52 -0.52 111.42
C PRO A 119 -5.51 -1.65 111.51
N LEU A 120 -4.27 -1.31 111.19
CA LEU A 120 -3.17 -2.28 111.16
C LEU A 120 -2.17 -1.94 112.26
N ASP A 121 -1.86 -2.92 113.09
CA ASP A 121 -0.90 -2.70 114.17
C ASP A 121 0.51 -2.58 113.60
N PRO A 122 1.26 -1.54 113.95
CA PRO A 122 2.63 -1.40 113.44
C PRO A 122 3.55 -2.54 113.82
N LEU A 123 3.24 -3.26 114.91
CA LEU A 123 4.11 -4.34 115.38
C LEU A 123 3.68 -5.70 114.83
N PHE A 124 2.44 -6.11 115.12
CA PHE A 124 1.98 -7.45 114.77
C PHE A 124 1.52 -7.56 113.32
N ASN A 125 1.42 -6.45 112.58
CA ASN A 125 0.91 -6.48 111.21
C ASN A 125 1.90 -5.85 110.24
N ARG A 126 3.20 -6.03 110.46
CA ARG A 126 4.20 -5.45 109.59
C ARG A 126 5.51 -6.22 109.73
N THR A 127 6.01 -6.73 108.61
CA THR A 127 7.31 -7.40 108.55
C THR A 127 8.21 -6.56 107.65
N GLY A 128 9.15 -5.84 108.25
CA GLY A 128 10.00 -4.94 107.48
C GLY A 128 9.22 -3.77 106.93
N ASN A 129 9.01 -3.75 105.62
CA ASN A 129 8.25 -2.71 104.95
C ASN A 129 6.97 -3.24 104.31
N VAL A 130 6.46 -4.37 104.78
CA VAL A 130 5.26 -5.01 104.20
C VAL A 130 4.20 -5.10 105.28
N TRP A 131 2.99 -4.65 104.96
CA TRP A 131 1.85 -4.70 105.86
C TRP A 131 0.97 -5.89 105.49
N HIS A 132 0.69 -6.75 106.48
CA HIS A 132 -0.05 -7.97 106.24
C HIS A 132 -1.11 -8.17 107.32
N VAL A 133 -2.26 -8.69 106.90
CA VAL A 133 -3.39 -8.96 107.80
C VAL A 133 -4.17 -10.13 107.21
N PHE A 134 -4.70 -10.98 108.10
CA PHE A 134 -5.49 -12.14 107.69
C PHE A 134 -6.93 -11.94 108.16
N ILE A 135 -7.88 -12.24 107.28
CA ILE A 135 -9.30 -12.16 107.59
C ILE A 135 -9.92 -13.52 107.30
N GLU A 136 -10.69 -14.03 108.25
CA GLU A 136 -11.30 -15.35 108.12
C GLU A 136 -12.79 -15.21 107.86
N GLY A 137 -13.25 -15.78 106.76
CA GLY A 137 -14.66 -15.73 106.40
C GLY A 137 -14.82 -15.78 104.90
N GLU A 138 -16.01 -15.41 104.45
CA GLU A 138 -16.37 -15.38 103.03
C GLU A 138 -16.38 -13.93 102.57
N LEU A 139 -15.26 -13.51 101.98
CA LEU A 139 -15.10 -12.14 101.51
C LEU A 139 -15.15 -12.01 99.99
N HIS A 140 -15.48 -13.09 99.28
CA HIS A 140 -15.50 -13.06 97.83
C HIS A 140 -16.57 -12.13 97.27
N ASN A 141 -17.60 -11.79 98.06
CA ASN A 141 -18.61 -10.83 97.67
C ASN A 141 -18.25 -9.41 98.09
N MET A 142 -17.06 -9.21 98.65
CA MET A 142 -16.64 -7.93 99.20
C MET A 142 -15.43 -7.42 98.42
N LEU A 143 -15.20 -6.11 98.52
CA LEU A 143 -14.09 -5.44 97.87
C LEU A 143 -13.14 -4.88 98.93
N TYR A 144 -11.89 -4.69 98.55
CA TYR A 144 -10.86 -4.29 99.51
C TYR A 144 -10.06 -3.11 98.97
N GLY A 145 -9.59 -2.28 99.90
CA GLY A 145 -8.75 -1.14 99.59
C GLY A 145 -7.84 -0.84 100.76
N TYR A 146 -6.89 0.05 100.52
CA TYR A 146 -5.88 0.40 101.52
C TYR A 146 -5.89 1.89 101.82
N ARG A 147 -5.85 2.23 103.10
CA ARG A 147 -5.77 3.60 103.57
C ARG A 147 -4.44 3.79 104.29
N PHE A 148 -3.62 4.72 103.82
CA PHE A 148 -2.28 4.92 104.34
C PHE A 148 -2.14 6.31 104.94
N ASP A 149 -1.30 6.41 105.96
CA ASP A 149 -1.05 7.66 106.67
C ASP A 149 0.45 7.90 106.75
N GLY A 150 0.85 9.16 106.56
CA GLY A 150 2.24 9.54 106.60
C GLY A 150 2.47 11.00 106.28
N MET A 151 3.68 11.34 105.84
CA MET A 151 4.05 12.71 105.53
C MET A 151 3.50 13.11 104.17
N PHE A 152 3.13 14.38 104.03
CA PHE A 152 2.67 14.93 102.78
C PHE A 152 3.55 16.15 102.44
N ALA A 153 4.38 16.01 101.41
CA ALA A 153 5.25 17.09 100.95
C ALA A 153 5.48 16.90 99.47
N PRO A 154 4.83 17.70 98.62
CA PRO A 154 5.00 17.53 97.17
C PRO A 154 6.44 17.73 96.71
N HIS A 155 7.19 18.62 97.36
CA HIS A 155 8.58 18.85 97.01
C HIS A 155 9.51 17.74 97.47
N CYS A 156 9.02 16.81 98.31
CA CYS A 156 9.78 15.64 98.71
C CYS A 156 9.21 14.35 98.13
N GLY A 157 8.18 14.45 97.27
CA GLY A 157 7.59 13.26 96.69
C GLY A 157 6.80 12.40 97.66
N GLN A 158 6.18 13.01 98.67
CA GLN A 158 5.36 12.30 99.64
C GLN A 158 3.91 12.68 99.42
N TYR A 159 3.06 11.68 99.16
CA TYR A 159 1.65 11.93 98.87
C TYR A 159 0.75 11.12 99.78
N PHE A 160 1.09 11.05 101.07
CA PHE A 160 0.30 10.30 102.04
C PHE A 160 -0.88 11.16 102.49
N ASP A 161 -2.10 10.65 102.26
CA ASP A 161 -3.32 11.33 102.68
C ASP A 161 -4.22 10.35 103.38
N VAL A 162 -4.97 10.82 104.38
CA VAL A 162 -5.80 9.94 105.19
C VAL A 162 -7.21 9.77 104.64
N SER A 163 -7.68 10.67 103.79
CA SER A 163 -9.03 10.60 103.24
C SER A 163 -9.08 9.95 101.87
N ASN A 164 -7.96 9.48 101.34
CA ASN A 164 -7.90 8.82 100.04
C ASN A 164 -7.64 7.33 100.23
N VAL A 165 -8.42 6.51 99.55
CA VAL A 165 -8.30 5.06 99.59
C VAL A 165 -7.74 4.59 98.25
N VAL A 166 -6.62 3.89 98.29
CA VAL A 166 -5.95 3.42 97.09
C VAL A 166 -6.29 1.96 96.87
N VAL A 167 -6.08 1.49 95.65
CA VAL A 167 -6.34 0.11 95.25
C VAL A 167 -5.01 -0.61 95.08
N ASP A 168 -4.89 -1.77 95.71
CA ASP A 168 -3.66 -2.54 95.63
C ASP A 168 -3.40 -2.96 94.19
N PRO A 169 -2.20 -2.71 93.65
CA PRO A 169 -1.93 -3.10 92.26
C PRO A 169 -2.02 -4.59 92.00
N TYR A 170 -1.95 -5.43 93.04
CA TYR A 170 -2.01 -6.87 92.87
C TYR A 170 -3.44 -7.42 92.79
N ALA A 171 -4.44 -6.54 92.82
CA ALA A 171 -5.83 -6.98 92.69
C ALA A 171 -6.07 -7.51 91.28
N LYS A 172 -6.85 -8.59 91.18
CA LYS A 172 -7.11 -9.23 89.90
C LYS A 172 -8.36 -8.71 89.22
N ALA A 173 -9.12 -7.83 89.86
CA ALA A 173 -10.30 -7.24 89.25
C ALA A 173 -10.55 -5.86 89.84
N VAL A 174 -11.12 -4.98 89.03
CA VAL A 174 -11.40 -3.60 89.41
C VAL A 174 -12.84 -3.30 89.05
N ILE A 175 -13.57 -2.69 89.97
CA ILE A 175 -14.97 -2.33 89.77
C ILE A 175 -15.02 -0.81 89.75
N SER A 176 -15.31 -0.23 88.58
CA SER A 176 -15.52 1.20 88.45
C SER A 176 -16.90 1.56 87.94
N ARG A 177 -17.30 1.01 86.80
CA ARG A 177 -18.59 1.30 86.18
C ARG A 177 -19.10 0.06 85.45
N GLY A 178 -20.37 0.11 85.06
CA GLY A 178 -21.01 -1.05 84.47
C GLY A 178 -21.09 -1.06 82.95
N GLU A 179 -20.73 0.03 82.30
CA GLU A 179 -20.84 0.11 80.85
C GLU A 179 -19.79 1.03 80.29
N TYR A 180 -19.50 0.85 79.00
CA TYR A 180 -18.51 1.66 78.31
C TYR A 180 -19.13 2.95 77.80
N GLY A 181 -18.52 4.08 78.13
CA GLY A 181 -19.00 5.36 77.66
C GLY A 181 -20.10 5.98 78.50
N VAL A 182 -20.51 5.34 79.58
CA VAL A 182 -21.56 5.85 80.46
C VAL A 182 -20.92 6.24 81.78
N PRO A 183 -20.84 7.53 82.11
CA PRO A 183 -20.24 7.94 83.39
C PRO A 183 -21.10 7.51 84.57
N GLY A 184 -20.55 7.72 85.77
CA GLY A 184 -21.25 7.43 86.99
C GLY A 184 -22.35 8.43 87.26
N PRO A 185 -23.07 8.21 88.37
CA PRO A 185 -24.15 9.13 88.74
C PRO A 185 -23.63 10.54 88.93
N GLY A 186 -24.43 11.51 88.47
CA GLY A 186 -24.03 12.90 88.54
C GLY A 186 -23.02 13.33 87.51
N GLY A 187 -22.74 12.50 86.51
CA GLY A 187 -21.73 12.82 85.51
C GLY A 187 -20.33 12.85 86.07
N ASP A 188 -20.01 11.95 86.99
CA ASP A 188 -18.68 11.89 87.58
C ASP A 188 -17.82 10.93 86.77
N CYS A 189 -16.70 11.43 86.27
CA CYS A 189 -15.81 10.63 85.44
C CYS A 189 -14.76 9.88 86.24
N TRP A 190 -14.69 10.08 87.55
CA TRP A 190 -13.72 9.39 88.41
C TRP A 190 -14.44 8.84 89.64
N PRO A 191 -15.22 7.77 89.50
CA PRO A 191 -15.85 7.15 90.67
C PRO A 191 -14.83 6.50 91.60
N GLN A 192 -15.30 6.01 92.75
CA GLN A 192 -14.40 5.37 93.69
C GLN A 192 -13.95 4.02 93.16
N MET A 193 -12.69 3.68 93.42
CA MET A 193 -12.07 2.49 92.88
C MET A 193 -12.01 1.39 93.95
N ALA A 194 -12.11 0.14 93.51
CA ALA A 194 -12.14 -0.98 94.44
C ALA A 194 -11.45 -2.18 93.83
N GLY A 195 -10.95 -3.06 94.72
CA GLY A 195 -10.28 -4.27 94.32
C GLY A 195 -11.17 -5.51 94.39
N MET A 196 -10.51 -6.67 94.36
CA MET A 196 -11.17 -7.97 94.34
C MET A 196 -10.61 -8.89 95.41
N ILE A 197 -11.50 -9.71 95.97
CA ILE A 197 -11.13 -10.79 96.88
C ILE A 197 -11.22 -12.11 96.10
N PRO A 198 -10.13 -12.84 95.93
CA PRO A 198 -10.17 -14.03 95.09
C PRO A 198 -11.03 -15.13 95.68
N LEU A 199 -11.66 -15.90 94.78
CA LEU A 199 -12.38 -17.08 95.19
C LEU A 199 -11.40 -18.18 95.58
N PRO A 200 -11.80 -19.09 96.47
CA PRO A 200 -10.90 -20.19 96.84
C PRO A 200 -10.58 -21.14 95.71
N TYR A 201 -11.37 -21.15 94.64
CA TYR A 201 -11.17 -22.06 93.52
C TYR A 201 -11.40 -21.32 92.21
N SER A 202 -10.86 -21.89 91.13
CA SER A 202 -11.08 -21.34 89.80
C SER A 202 -12.33 -21.94 89.18
N THR A 203 -13.03 -21.15 88.37
CA THR A 203 -14.31 -21.55 87.79
C THR A 203 -14.27 -21.53 86.26
N PHE A 204 -13.13 -21.89 85.68
CA PHE A 204 -13.00 -22.00 84.22
C PHE A 204 -12.41 -23.35 83.86
N ASP A 205 -12.96 -23.98 82.83
CA ASP A 205 -12.47 -25.25 82.32
C ASP A 205 -11.64 -24.99 81.06
N TRP A 206 -10.38 -25.43 81.08
CA TRP A 206 -9.51 -25.25 79.94
C TRP A 206 -9.76 -26.24 78.82
N GLN A 207 -10.47 -27.35 79.10
CA GLN A 207 -10.75 -28.38 78.10
C GLN A 207 -9.46 -28.90 77.47
N GLY A 208 -8.42 -29.06 78.29
CA GLY A 208 -7.14 -29.53 77.80
C GLY A 208 -6.41 -28.53 76.93
N ASP A 209 -6.61 -27.24 77.18
CA ASP A 209 -5.93 -26.21 76.39
C ASP A 209 -4.42 -26.33 76.54
N LEU A 210 -3.73 -26.32 75.41
CA LEU A 210 -2.28 -26.49 75.39
C LEU A 210 -1.64 -25.44 74.50
N PRO A 211 -0.41 -25.03 74.81
CA PRO A 211 0.27 -24.02 73.98
C PRO A 211 0.68 -24.59 72.63
N LEU A 212 0.29 -23.91 71.56
CA LEU A 212 0.70 -24.33 70.22
C LEU A 212 2.20 -24.18 70.04
N ARG A 213 2.78 -23.08 70.56
CA ARG A 213 4.22 -22.82 70.51
C ARG A 213 4.73 -22.84 69.07
N TYR A 214 4.05 -22.10 68.20
CA TYR A 214 4.48 -21.97 66.82
C TYR A 214 5.81 -21.22 66.75
N PRO A 215 6.76 -21.72 65.96
CA PRO A 215 8.02 -20.98 65.76
C PRO A 215 7.76 -19.62 65.11
N GLN A 216 8.58 -18.64 65.49
CA GLN A 216 8.39 -17.27 65.04
C GLN A 216 8.62 -17.11 63.54
N LYS A 217 9.30 -18.05 62.90
CA LYS A 217 9.60 -17.90 61.47
C LYS A 217 8.38 -18.19 60.61
N ASP A 218 7.34 -18.82 61.17
CA ASP A 218 6.13 -19.15 60.42
C ASP A 218 4.92 -18.36 60.88
N LEU A 219 5.11 -17.31 61.67
CA LEU A 219 4.02 -16.53 62.23
C LEU A 219 3.58 -15.43 61.27
N VAL A 220 2.31 -15.03 61.40
CA VAL A 220 1.73 -13.89 60.69
C VAL A 220 0.96 -13.09 61.72
N ILE A 221 1.52 -11.98 62.17
CA ILE A 221 0.93 -11.20 63.25
C ILE A 221 -0.14 -10.28 62.68
N TYR A 222 -1.25 -10.17 63.39
CA TYR A 222 -2.41 -9.41 62.95
C TYR A 222 -2.83 -8.46 64.07
N GLU A 223 -2.49 -7.18 63.92
CA GLU A 223 -2.92 -6.18 64.91
C GLU A 223 -4.44 -6.09 64.96
N MET A 224 -4.98 -6.11 66.16
CA MET A 224 -6.43 -6.25 66.35
C MET A 224 -6.86 -5.40 67.53
N HIS A 225 -7.94 -4.63 67.36
CA HIS A 225 -8.54 -3.85 68.43
C HIS A 225 -9.87 -4.49 68.79
N LEU A 226 -10.07 -4.76 70.08
CA LEU A 226 -11.20 -5.58 70.50
C LEU A 226 -12.54 -4.88 70.28
N ARG A 227 -12.68 -3.65 70.76
CA ARG A 227 -13.99 -3.00 70.71
C ARG A 227 -14.34 -2.62 69.27
N GLY A 228 -13.37 -2.11 68.51
CA GLY A 228 -13.64 -1.64 67.17
C GLY A 228 -13.93 -2.73 66.16
N PHE A 229 -13.64 -3.99 66.49
CA PHE A 229 -13.80 -5.08 65.52
C PHE A 229 -15.27 -5.29 65.17
N THR A 230 -16.13 -5.42 66.17
CA THR A 230 -17.52 -5.81 65.95
C THR A 230 -18.51 -4.74 66.40
N LYS A 231 -18.04 -3.57 66.83
CA LYS A 231 -18.95 -2.55 67.33
C LYS A 231 -19.82 -1.94 66.24
N HIS A 232 -19.38 -1.97 64.99
CA HIS A 232 -20.19 -1.44 63.90
C HIS A 232 -21.44 -2.28 63.72
N SER A 233 -22.51 -1.63 63.26
CA SER A 233 -23.80 -2.28 63.11
C SER A 233 -23.79 -3.40 62.08
N SER A 234 -22.81 -3.45 61.20
CA SER A 234 -22.75 -4.46 60.16
C SER A 234 -22.14 -5.78 60.62
N SER A 235 -21.58 -5.83 61.83
CA SER A 235 -20.95 -7.06 62.29
C SER A 235 -21.97 -8.16 62.52
N ASN A 236 -23.18 -7.80 62.94
CA ASN A 236 -24.24 -8.77 63.23
C ASN A 236 -23.78 -9.80 64.27
N VAL A 237 -23.50 -9.31 65.47
CA VAL A 237 -23.03 -10.15 66.57
C VAL A 237 -23.93 -9.92 67.78
N GLU A 238 -23.95 -10.90 68.68
CA GLU A 238 -24.82 -10.82 69.84
C GLU A 238 -24.47 -9.64 70.74
N HIS A 239 -23.17 -9.43 70.97
CA HIS A 239 -22.69 -8.33 71.81
C HIS A 239 -21.58 -7.60 71.07
N PRO A 240 -21.93 -6.58 70.28
CA PRO A 240 -20.89 -5.77 69.62
C PRO A 240 -19.95 -5.15 70.63
N GLY A 241 -18.66 -5.14 70.28
CA GLY A 241 -17.64 -4.55 71.11
C GLY A 241 -17.03 -5.45 72.16
N THR A 242 -17.52 -6.68 72.30
CA THR A 242 -17.06 -7.59 73.34
C THR A 242 -16.31 -8.77 72.73
N TYR A 243 -15.74 -9.59 73.62
CA TYR A 243 -15.00 -10.77 73.19
C TYR A 243 -15.91 -11.78 72.51
N ILE A 244 -17.16 -11.89 72.97
CA ILE A 244 -18.11 -12.80 72.36
C ILE A 244 -18.35 -12.41 70.90
N GLY A 245 -18.29 -11.11 70.60
CA GLY A 245 -18.39 -10.68 69.22
C GLY A 245 -17.20 -11.11 68.38
N ALA A 246 -16.01 -11.11 68.98
CA ALA A 246 -14.81 -11.53 68.25
C ALA A 246 -14.72 -13.04 68.08
N ILE A 247 -15.42 -13.80 68.93
CA ILE A 247 -15.41 -15.25 68.79
C ILE A 247 -15.99 -15.65 67.43
N SER A 248 -17.07 -14.98 67.01
CA SER A 248 -17.72 -15.34 65.75
C SER A 248 -16.89 -14.95 64.53
N LYS A 249 -16.02 -13.95 64.64
CA LYS A 249 -15.15 -13.55 63.54
C LYS A 249 -13.76 -14.19 63.61
N LEU A 250 -13.51 -14.97 64.67
CA LEU A 250 -12.30 -15.78 64.69
C LEU A 250 -12.20 -16.69 63.48
N ASP A 251 -13.34 -17.15 62.93
CA ASP A 251 -13.30 -17.97 61.73
C ASP A 251 -12.83 -17.16 60.52
N TYR A 252 -13.27 -15.90 60.43
CA TYR A 252 -12.78 -15.01 59.38
C TYR A 252 -11.27 -14.79 59.50
N LEU A 253 -10.81 -14.57 60.74
CA LEU A 253 -9.36 -14.43 60.95
C LEU A 253 -8.62 -15.70 60.55
N LYS A 254 -9.19 -16.86 60.86
CA LYS A 254 -8.56 -18.13 60.48
C LYS A 254 -8.48 -18.28 58.97
N GLU A 255 -9.54 -17.89 58.26
CA GLU A 255 -9.54 -17.98 56.80
C GLU A 255 -8.58 -16.98 56.19
N LEU A 256 -8.30 -15.86 56.87
CA LEU A 256 -7.39 -14.86 56.30
C LEU A 256 -5.97 -15.40 56.16
N GLY A 257 -5.66 -16.52 56.79
CA GLY A 257 -4.33 -17.06 56.76
C GLY A 257 -3.42 -16.58 57.85
N VAL A 258 -3.95 -15.94 58.88
CA VAL A 258 -3.16 -15.54 60.03
C VAL A 258 -3.18 -16.65 61.06
N ASN A 259 -2.09 -16.74 61.84
CA ASN A 259 -2.00 -17.70 62.93
C ASN A 259 -1.57 -17.05 64.23
N CYS A 260 -1.46 -15.72 64.29
CA CYS A 260 -1.13 -14.99 65.50
C CYS A 260 -1.90 -13.68 65.48
N VAL A 261 -2.44 -13.30 66.64
CA VAL A 261 -3.19 -12.06 66.79
C VAL A 261 -2.54 -11.24 67.89
N GLU A 262 -2.34 -9.95 67.63
CA GLU A 262 -1.83 -9.01 68.62
C GLU A 262 -2.95 -8.08 69.04
N LEU A 263 -3.13 -7.91 70.34
CA LEU A 263 -4.24 -7.16 70.89
C LEU A 263 -3.78 -5.78 71.33
N MET A 264 -4.64 -4.79 71.12
CA MET A 264 -4.44 -3.48 71.72
C MET A 264 -4.52 -3.58 73.23
N PRO A 265 -3.89 -2.65 73.96
CA PRO A 265 -3.84 -2.77 75.42
C PRO A 265 -5.20 -3.02 76.07
N CYS A 266 -5.36 -4.20 76.63
CA CYS A 266 -6.62 -4.62 77.24
C CYS A 266 -6.63 -4.46 78.75
N HIS A 267 -5.55 -3.92 79.33
CA HIS A 267 -5.53 -3.66 80.76
C HIS A 267 -6.52 -2.55 81.11
N GLU A 268 -6.87 -2.48 82.39
CA GLU A 268 -7.90 -1.55 82.82
C GLU A 268 -7.46 -0.11 82.56
N PHE A 269 -8.27 0.62 81.78
CA PHE A 269 -8.03 2.03 81.53
C PHE A 269 -9.33 2.78 81.72
N ASN A 270 -9.25 4.10 81.61
CA ASN A 270 -10.42 4.96 81.72
C ASN A 270 -10.68 5.61 80.37
N GLU A 271 -11.78 5.21 79.72
CA GLU A 271 -12.18 5.87 78.48
C GLU A 271 -12.70 7.28 78.74
N LEU A 272 -13.03 7.59 79.98
CA LEU A 272 -13.49 8.92 80.38
C LEU A 272 -12.39 9.67 81.13
N GLU A 273 -11.13 9.30 80.88
CA GLU A 273 -10.01 9.93 81.58
C GLU A 273 -9.95 11.43 81.29
N TYR A 274 -10.15 11.82 80.04
CA TYR A 274 -10.07 13.22 79.62
C TYR A 274 -11.39 13.69 79.03
N PHE A 275 -12.51 13.15 79.53
CA PHE A 275 -13.82 13.57 79.05
C PHE A 275 -14.34 14.81 79.76
N SER A 276 -13.80 15.15 80.93
CA SER A 276 -14.18 16.39 81.59
C SER A 276 -13.79 17.60 80.76
N CYS A 277 -12.59 17.58 80.18
CA CYS A 277 -12.15 18.61 79.26
C CYS A 277 -12.58 18.25 77.85
N SER A 278 -13.06 19.25 77.11
CA SER A 278 -13.59 19.09 75.75
C SER A 278 -14.62 17.95 75.76
N SER A 279 -14.72 17.20 74.66
CA SER A 279 -15.67 16.10 74.59
C SER A 279 -15.10 14.87 73.91
N LYS A 280 -13.80 14.64 74.00
CA LYS A 280 -13.18 13.50 73.34
C LYS A 280 -13.07 12.31 74.30
N MET A 281 -13.32 11.12 73.76
CA MET A 281 -13.13 9.87 74.48
C MET A 281 -11.69 9.40 74.30
N ASN A 282 -11.30 8.37 75.04
CA ASN A 282 -9.99 7.75 74.89
C ASN A 282 -10.22 6.33 74.36
N PHE A 283 -9.57 6.01 73.24
CA PHE A 283 -9.85 4.78 72.50
C PHE A 283 -8.76 3.73 72.62
N TRP A 284 -7.50 4.08 72.33
CA TRP A 284 -6.44 3.09 72.29
C TRP A 284 -6.16 2.46 73.65
N GLY A 285 -6.59 3.09 74.74
CA GLY A 285 -6.38 2.54 76.06
C GLY A 285 -4.93 2.49 76.50
N TYR A 286 -4.15 3.51 76.16
CA TYR A 286 -2.75 3.58 76.59
C TYR A 286 -2.62 4.34 77.91
N SER A 287 -3.39 3.92 78.91
CA SER A 287 -3.33 4.51 80.25
C SER A 287 -3.74 3.43 81.24
N THR A 288 -2.75 2.71 81.76
CA THR A 288 -3.00 1.53 82.57
C THR A 288 -3.22 1.93 84.03
N ILE A 289 -4.32 1.46 84.61
CA ILE A 289 -4.62 1.71 86.01
C ILE A 289 -4.20 0.53 86.88
N ASN A 290 -4.50 -0.69 86.44
CA ASN A 290 -4.10 -1.90 87.13
C ASN A 290 -3.53 -2.87 86.11
N PHE A 291 -2.35 -3.43 86.40
CA PHE A 291 -1.68 -4.33 85.48
C PHE A 291 -2.15 -5.77 85.60
N PHE A 292 -2.75 -6.15 86.72
CA PHE A 292 -3.24 -7.51 86.90
C PHE A 292 -4.68 -7.70 86.42
N SER A 293 -5.36 -6.63 86.02
CA SER A 293 -6.77 -6.75 85.69
C SER A 293 -7.03 -6.38 84.23
N PRO A 294 -7.79 -7.19 83.51
CA PRO A 294 -8.20 -6.81 82.15
C PRO A 294 -9.31 -5.76 82.17
N MET A 295 -9.85 -5.43 81.00
CA MET A 295 -10.84 -4.37 80.90
C MET A 295 -12.22 -4.97 81.15
N ILE A 296 -12.89 -4.49 82.20
CA ILE A 296 -14.22 -4.98 82.54
C ILE A 296 -15.25 -4.53 81.51
N ARG A 297 -15.17 -3.26 81.10
CA ARG A 297 -16.14 -2.71 80.16
C ARG A 297 -16.04 -3.32 78.77
N TYR A 298 -14.91 -3.96 78.43
CA TYR A 298 -14.83 -4.71 77.19
C TYR A 298 -15.63 -6.00 77.23
N SER A 299 -16.02 -6.46 78.42
CA SER A 299 -16.79 -7.68 78.58
C SER A 299 -18.28 -7.36 78.65
N SER A 300 -19.08 -8.24 78.05
CA SER A 300 -20.52 -8.03 78.02
C SER A 300 -21.16 -8.16 79.40
N GLY A 301 -20.56 -8.91 80.30
CA GLY A 301 -21.11 -9.12 81.62
C GLY A 301 -21.02 -7.90 82.51
N GLY A 302 -20.12 -6.97 82.19
CA GLY A 302 -19.91 -5.80 83.00
C GLY A 302 -19.41 -6.12 84.39
N ILE A 303 -20.03 -5.52 85.40
CA ILE A 303 -19.64 -5.77 86.79
C ILE A 303 -20.52 -6.84 87.44
N ARG A 304 -21.21 -7.63 86.64
CA ARG A 304 -22.01 -8.73 87.17
C ARG A 304 -21.10 -9.73 87.88
N ASN A 305 -21.56 -10.24 89.02
CA ASN A 305 -20.76 -11.13 89.87
C ASN A 305 -19.46 -10.46 90.28
N CYS A 306 -19.55 -9.15 90.51
CA CYS A 306 -18.40 -8.32 90.92
C CYS A 306 -17.24 -8.40 89.94
N GLY A 307 -17.56 -8.52 88.65
CA GLY A 307 -16.53 -8.46 87.63
C GLY A 307 -15.79 -9.75 87.36
N ARG A 308 -16.23 -10.88 87.93
CA ARG A 308 -15.58 -12.16 87.64
C ARG A 308 -15.95 -12.65 86.24
N ASP A 309 -17.11 -12.23 85.73
CA ASP A 309 -17.50 -12.61 84.37
C ASP A 309 -16.56 -11.99 83.35
N ALA A 310 -16.07 -10.78 83.62
CA ALA A 310 -15.05 -10.19 82.76
C ALA A 310 -13.77 -11.01 82.77
N ILE A 311 -13.43 -11.65 83.88
CA ILE A 311 -12.29 -12.54 83.92
C ILE A 311 -12.56 -13.80 83.10
N ASN A 312 -13.78 -14.32 83.19
CA ASN A 312 -14.11 -15.55 82.49
C ASN A 312 -14.17 -15.35 80.98
N GLU A 313 -14.65 -14.20 80.52
CA GLU A 313 -14.77 -13.96 79.08
C GLU A 313 -13.42 -13.93 78.40
N PHE A 314 -12.42 -13.30 79.04
CA PHE A 314 -11.07 -13.28 78.46
C PHE A 314 -10.50 -14.68 78.34
N LYS A 315 -10.69 -15.49 79.38
CA LYS A 315 -10.20 -16.87 79.35
C LYS A 315 -10.91 -17.66 78.26
N THR A 316 -12.21 -17.45 78.09
CA THR A 316 -12.95 -18.11 77.02
C THR A 316 -12.42 -17.71 75.64
N PHE A 317 -12.15 -16.41 75.45
CA PHE A 317 -11.63 -15.94 74.17
C PHE A 317 -10.28 -16.59 73.87
N VAL A 318 -9.40 -16.63 74.86
CA VAL A 318 -8.08 -17.24 74.65
C VAL A 318 -8.22 -18.74 74.37
N ARG A 319 -9.11 -19.42 75.09
CA ARG A 319 -9.32 -20.85 74.90
C ARG A 319 -9.82 -21.16 73.50
N GLU A 320 -10.75 -20.38 72.98
CA GLU A 320 -11.23 -20.63 71.62
C GLU A 320 -10.22 -20.19 70.57
N ALA A 321 -9.44 -19.13 70.85
CA ALA A 321 -8.41 -18.71 69.92
C ALA A 321 -7.36 -19.80 69.74
N HIS A 322 -6.94 -20.42 70.85
CA HIS A 322 -6.04 -21.56 70.74
C HIS A 322 -6.69 -22.76 70.05
N LYS A 323 -8.00 -22.93 70.21
CA LYS A 323 -8.69 -24.00 69.49
C LYS A 323 -8.64 -23.78 67.97
N ARG A 324 -8.81 -22.53 67.52
CA ARG A 324 -8.75 -22.21 66.10
C ARG A 324 -7.33 -22.02 65.60
N GLY A 325 -6.34 -22.51 66.34
CA GLY A 325 -4.96 -22.45 65.91
C GLY A 325 -4.40 -21.04 65.79
N ILE A 326 -4.84 -20.12 66.63
CA ILE A 326 -4.42 -18.73 66.60
C ILE A 326 -3.73 -18.40 67.91
N GLU A 327 -2.48 -17.96 67.84
CA GLU A 327 -1.73 -17.58 69.03
C GLU A 327 -2.14 -16.17 69.48
N VAL A 328 -2.05 -15.93 70.78
CA VAL A 328 -2.52 -14.71 71.40
C VAL A 328 -1.35 -13.99 72.04
N ILE A 329 -1.21 -12.70 71.73
CA ILE A 329 -0.16 -11.85 72.29
C ILE A 329 -0.80 -10.60 72.87
N MET A 330 -0.37 -10.21 74.06
CA MET A 330 -0.91 -9.07 74.78
C MET A 330 0.02 -7.87 74.69
N ASP A 331 -0.56 -6.68 74.63
CA ASP A 331 0.19 -5.43 74.60
C ASP A 331 0.20 -4.82 76.00
N VAL A 332 1.40 -4.54 76.51
CA VAL A 332 1.58 -4.05 77.87
C VAL A 332 2.17 -2.65 77.82
N VAL A 333 1.67 -1.76 78.67
CA VAL A 333 2.13 -0.38 78.76
C VAL A 333 2.75 -0.22 80.14
N PHE A 334 4.07 -0.39 80.22
CA PHE A 334 4.80 -0.26 81.48
C PHE A 334 5.67 0.99 81.53
N ASN A 335 5.40 1.98 80.68
CA ASN A 335 6.20 3.19 80.63
C ASN A 335 5.60 4.34 81.42
N HIS A 336 4.32 4.26 81.80
CA HIS A 336 3.68 5.30 82.59
C HIS A 336 2.44 4.72 83.24
N THR A 337 1.69 5.59 83.92
CA THR A 337 0.47 5.22 84.62
C THR A 337 -0.57 6.31 84.40
N ALA A 338 -1.84 5.97 84.65
CA ALA A 338 -2.94 6.90 84.44
C ALA A 338 -2.85 8.13 85.33
N GLU A 339 -2.05 8.07 86.40
CA GLU A 339 -1.98 9.19 87.33
C GLU A 339 -1.36 10.43 86.71
N GLY A 340 -0.50 10.27 85.70
CA GLY A 340 0.11 11.42 85.06
C GLY A 340 1.07 12.14 86.00
N ASN A 341 1.16 13.46 85.82
CA ASN A 341 2.02 14.30 86.65
C ASN A 341 1.35 14.53 87.99
N GLU A 342 1.92 15.43 88.81
CA GLU A 342 1.44 15.61 90.18
C GLU A 342 0.01 16.15 90.23
N LYS A 343 -0.45 16.79 89.15
CA LYS A 343 -1.82 17.30 89.13
C LYS A 343 -2.83 16.16 89.11
N GLY A 344 -2.51 15.04 88.45
CA GLY A 344 -3.42 13.94 88.30
C GLY A 344 -3.84 13.32 89.62
N PRO A 345 -5.03 12.73 89.64
CA PRO A 345 -5.56 12.17 90.90
C PRO A 345 -4.74 10.98 91.38
N ILE A 346 -4.79 10.78 92.69
CA ILE A 346 -4.06 9.72 93.38
C ILE A 346 -4.93 8.47 93.39
N LEU A 347 -4.55 7.45 92.62
CA LEU A 347 -5.36 6.24 92.50
C LEU A 347 -4.66 5.01 93.04
N SER A 348 -3.53 4.62 92.47
CA SER A 348 -2.90 3.34 92.81
C SER A 348 -1.49 3.50 93.37
N PHE A 349 -0.60 4.19 92.64
CA PHE A 349 0.82 4.22 92.99
C PHE A 349 1.21 5.44 93.79
N ARG A 350 0.56 6.59 93.55
CA ARG A 350 0.92 7.80 94.28
C ARG A 350 0.58 7.69 95.76
N GLY A 351 -0.48 6.97 96.11
CA GLY A 351 -0.89 6.87 97.49
C GLY A 351 -0.18 5.83 98.31
N ILE A 352 0.68 5.02 97.69
CA ILE A 352 1.43 3.98 98.38
C ILE A 352 2.90 4.35 98.49
N ASP A 353 3.56 4.59 97.35
CA ASP A 353 4.97 5.00 97.36
C ASP A 353 5.27 5.74 96.07
N ASN A 354 5.36 7.07 96.16
CA ASN A 354 5.77 7.87 95.02
C ASN A 354 7.27 7.77 94.77
N SER A 355 8.06 7.66 95.82
CA SER A 355 9.51 7.59 95.65
C SER A 355 9.95 6.25 95.10
N THR A 356 9.16 5.19 95.33
CA THR A 356 9.56 3.86 94.89
C THR A 356 9.03 3.57 93.49
N TYR A 357 7.71 3.61 93.31
CA TYR A 357 7.09 3.25 92.04
C TYR A 357 7.32 4.30 90.96
N TYR A 358 7.81 5.49 91.31
CA TYR A 358 8.13 6.53 90.35
C TYR A 358 9.51 7.08 90.65
N MET A 359 10.15 7.61 89.60
CA MET A 359 11.36 8.38 89.79
C MET A 359 11.06 9.72 90.47
N LEU A 360 12.11 10.48 90.75
CA LEU A 360 11.98 11.81 91.32
C LEU A 360 13.18 12.66 90.92
N ALA A 361 12.91 13.95 90.72
CA ALA A 361 13.95 14.94 90.52
C ALA A 361 14.52 15.37 91.86
N PRO A 362 15.73 15.95 91.87
CA PRO A 362 16.25 16.48 93.15
C PRO A 362 15.32 17.52 93.76
N LYS A 363 14.68 18.35 92.94
CA LYS A 363 13.67 19.28 93.44
C LYS A 363 12.39 18.57 93.86
N GLY A 364 12.06 17.45 93.21
CA GLY A 364 10.86 16.72 93.52
C GLY A 364 9.77 16.80 92.46
N GLU A 365 10.13 16.96 91.20
CA GLU A 365 9.15 17.07 90.11
C GLU A 365 9.26 15.88 89.18
N PHE A 366 8.21 15.67 88.39
CA PHE A 366 8.18 14.53 87.48
C PHE A 366 8.87 14.87 86.16
N TYR A 367 9.75 13.97 85.72
CA TYR A 367 10.36 14.08 84.41
C TYR A 367 9.32 13.84 83.32
N ASN A 368 9.68 14.20 82.09
CA ASN A 368 8.82 13.98 80.93
C ASN A 368 9.60 13.18 79.90
N TYR A 369 9.42 11.86 79.90
CA TYR A 369 10.07 10.97 78.95
C TYR A 369 9.10 10.29 78.00
N SER A 370 7.99 9.74 78.50
CA SER A 370 6.97 9.14 77.64
C SER A 370 5.97 10.16 77.13
N GLY A 371 6.03 11.41 77.60
CA GLY A 371 5.12 12.43 77.14
C GLY A 371 3.70 12.30 77.66
N CYS A 372 3.46 11.43 78.63
CA CYS A 372 2.14 11.23 79.19
C CYS A 372 1.92 11.92 80.52
N GLY A 373 2.97 12.37 81.20
CA GLY A 373 2.83 13.07 82.46
C GLY A 373 3.81 12.60 83.52
N ASN A 374 4.15 11.32 83.51
CA ASN A 374 5.11 10.76 84.47
C ASN A 374 5.96 9.72 83.76
N THR A 375 6.78 9.02 84.54
CA THR A 375 7.66 7.98 84.02
C THR A 375 7.75 6.87 85.05
N PHE A 376 7.46 5.64 84.63
CA PHE A 376 7.51 4.51 85.53
C PHE A 376 8.96 4.18 85.91
N ASN A 377 9.11 3.52 87.06
CA ASN A 377 10.43 3.12 87.55
C ASN A 377 10.61 1.63 87.25
N CYS A 378 11.04 1.35 86.02
CA CYS A 378 11.19 -0.03 85.58
C CYS A 378 12.34 -0.73 86.30
N ASN A 379 13.37 0.01 86.70
CA ASN A 379 14.59 -0.58 87.21
C ASN A 379 14.59 -0.77 88.73
N HIS A 380 13.57 -0.30 89.43
CA HIS A 380 13.48 -0.53 90.87
C HIS A 380 13.31 -2.02 91.14
N PRO A 381 14.03 -2.59 92.11
CA PRO A 381 13.89 -4.04 92.38
C PRO A 381 12.47 -4.44 92.75
N VAL A 382 11.75 -3.61 93.51
CA VAL A 382 10.37 -3.94 93.86
C VAL A 382 9.50 -3.97 92.62
N VAL A 383 9.66 -2.98 91.75
CA VAL A 383 8.93 -2.96 90.49
C VAL A 383 9.38 -4.10 89.58
N ARG A 384 10.65 -4.50 89.67
CA ARG A 384 11.11 -5.67 88.93
C ARG A 384 10.37 -6.91 89.37
N GLU A 385 10.24 -7.12 90.68
CA GLU A 385 9.46 -8.24 91.19
C GLU A 385 8.01 -8.15 90.73
N PHE A 386 7.43 -6.95 90.79
CA PHE A 386 6.03 -6.77 90.40
C PHE A 386 5.82 -7.12 88.93
N ILE A 387 6.72 -6.65 88.06
CA ILE A 387 6.60 -6.92 86.62
C ILE A 387 6.78 -8.40 86.34
N VAL A 388 7.77 -9.03 86.98
CA VAL A 388 8.00 -10.46 86.76
C VAL A 388 6.79 -11.27 87.23
N ASP A 389 6.24 -10.93 88.39
CA ASP A 389 5.06 -11.63 88.90
C ASP A 389 3.87 -11.45 87.97
N CYS A 390 3.65 -10.24 87.47
CA CYS A 390 2.53 -9.98 86.58
C CYS A 390 2.66 -10.79 85.30
N LEU A 391 3.86 -10.78 84.70
CA LEU A 391 4.08 -11.55 83.48
C LEU A 391 3.91 -13.04 83.71
N ARG A 392 4.44 -13.54 84.84
CA ARG A 392 4.30 -14.96 85.15
C ARG A 392 2.84 -15.35 85.34
N TYR A 393 2.07 -14.51 86.04
CA TYR A 393 0.65 -14.79 86.24
C TYR A 393 -0.10 -14.80 84.92
N TRP A 394 0.18 -13.82 84.05
CA TRP A 394 -0.46 -13.78 82.75
C TRP A 394 -0.12 -15.03 81.93
N VAL A 395 1.14 -15.47 81.99
CA VAL A 395 1.56 -16.63 81.21
C VAL A 395 0.91 -17.90 81.72
N THR A 396 0.92 -18.11 83.05
CA THR A 396 0.54 -19.40 83.61
C THR A 396 -0.95 -19.54 83.89
N GLU A 397 -1.65 -18.45 84.18
CA GLU A 397 -3.07 -18.53 84.53
C GLU A 397 -3.99 -18.18 83.38
N MET A 398 -3.64 -17.18 82.56
CA MET A 398 -4.47 -16.78 81.45
C MET A 398 -3.98 -17.31 80.11
N HIS A 399 -2.89 -18.08 80.11
CA HIS A 399 -2.42 -18.81 78.92
C HIS A 399 -2.15 -17.87 77.74
N VAL A 400 -1.17 -17.00 77.91
CA VAL A 400 -0.78 -16.02 76.88
C VAL A 400 0.59 -16.40 76.35
N ASP A 401 0.72 -16.46 75.02
CA ASP A 401 1.93 -16.95 74.39
C ASP A 401 3.05 -15.92 74.33
N GLY A 402 2.74 -14.64 74.52
CA GLY A 402 3.79 -13.62 74.47
C GLY A 402 3.22 -12.25 74.71
N PHE A 403 4.14 -11.29 74.82
CA PHE A 403 3.78 -9.90 75.11
C PHE A 403 4.60 -8.96 74.24
N ARG A 404 3.99 -7.82 73.92
CA ARG A 404 4.66 -6.74 73.20
C ARG A 404 4.69 -5.52 74.10
N PHE A 405 5.86 -4.92 74.24
CA PHE A 405 6.11 -3.84 75.19
C PHE A 405 6.04 -2.49 74.50
N ASP A 406 5.27 -1.57 75.08
CA ASP A 406 5.16 -0.21 74.58
C ASP A 406 6.30 0.63 75.15
N LEU A 407 7.02 1.32 74.27
CA LEU A 407 8.13 2.19 74.66
C LEU A 407 9.16 1.41 75.49
N ALA A 408 9.68 0.34 74.89
CA ALA A 408 10.58 -0.55 75.59
C ALA A 408 11.95 0.06 75.84
N SER A 409 12.29 1.16 75.16
CA SER A 409 13.57 1.82 75.42
C SER A 409 13.55 2.55 76.75
N ILE A 410 12.37 2.84 77.29
CA ILE A 410 12.26 3.44 78.61
C ILE A 410 12.68 2.47 79.70
N MET A 411 12.69 1.16 79.40
CA MET A 411 13.09 0.15 80.37
C MET A 411 14.59 -0.03 80.46
N THR A 412 15.37 0.62 79.60
CA THR A 412 16.81 0.52 79.62
C THR A 412 17.47 1.75 80.23
N ARG A 413 16.68 2.67 80.80
CA ARG A 413 17.23 3.87 81.40
C ARG A 413 17.90 3.54 82.74
N GLY A 414 18.44 4.58 83.37
CA GLY A 414 19.12 4.41 84.64
C GLY A 414 18.16 4.38 85.82
N CYS A 415 18.72 4.05 86.98
CA CYS A 415 17.99 4.01 88.23
C CYS A 415 18.67 4.89 89.27
N SER A 416 17.86 5.55 90.09
CA SER A 416 18.38 6.46 91.11
C SER A 416 19.04 5.73 92.28
N LEU A 417 18.91 4.41 92.36
CA LEU A 417 19.50 3.67 93.47
C LEU A 417 21.01 3.51 93.36
N TRP A 418 21.61 3.86 92.23
CA TRP A 418 23.06 3.81 92.06
C TRP A 418 23.71 5.18 92.21
N ASP A 419 22.94 6.20 92.63
CA ASP A 419 23.49 7.53 92.77
C ASP A 419 24.57 7.55 93.85
N PRO A 420 25.65 8.33 93.64
CA PRO A 420 26.70 8.38 94.66
C PRO A 420 26.22 8.88 96.01
N VAL A 421 25.22 9.77 96.04
CA VAL A 421 24.70 10.26 97.30
C VAL A 421 24.03 9.14 98.08
N ASN A 422 23.22 8.32 97.41
CA ASN A 422 22.57 7.20 98.07
C ASN A 422 23.58 6.11 98.44
N VAL A 423 24.50 5.81 97.53
CA VAL A 423 25.50 4.77 97.77
C VAL A 423 26.89 5.39 97.84
N THR A 433 26.69 8.95 85.87
CA THR A 433 25.57 8.01 85.89
C THR A 433 24.35 8.66 86.55
N THR A 434 23.90 9.77 85.99
CA THR A 434 22.70 10.45 86.46
C THR A 434 21.47 9.64 86.07
N THR A 435 20.41 9.77 86.86
CA THR A 435 19.17 9.06 86.59
C THR A 435 18.63 9.45 85.21
N GLY A 436 18.26 8.44 84.42
CA GLY A 436 17.82 8.63 83.06
C GLY A 436 18.85 8.29 82.01
N THR A 437 20.09 8.06 82.41
CA THR A 437 21.14 7.68 81.45
C THR A 437 20.96 6.22 81.06
N PRO A 438 20.95 5.90 79.76
CA PRO A 438 20.77 4.50 79.34
C PRO A 438 21.89 3.62 79.85
N LEU A 439 21.56 2.36 80.11
CA LEU A 439 22.48 1.40 80.69
C LEU A 439 22.83 0.32 79.67
N ALA A 440 24.10 -0.09 79.68
CA ALA A 440 24.56 -1.14 78.78
C ALA A 440 23.88 -2.46 79.09
N THR A 441 23.70 -2.77 80.38
CA THR A 441 23.07 -4.01 80.82
C THR A 441 21.96 -3.67 81.81
N PRO A 442 20.76 -3.40 81.32
CA PRO A 442 19.63 -3.13 82.22
C PRO A 442 19.22 -4.39 82.95
N PRO A 443 19.11 -4.33 84.29
CA PRO A 443 18.79 -5.56 85.04
C PRO A 443 17.42 -6.13 84.73
N LEU A 444 16.43 -5.28 84.44
CA LEU A 444 15.07 -5.78 84.22
C LEU A 444 15.01 -6.65 82.97
N ILE A 445 15.64 -6.22 81.88
CA ILE A 445 15.65 -7.01 80.66
C ILE A 445 16.40 -8.32 80.89
N ASP A 446 17.51 -8.27 81.61
CA ASP A 446 18.29 -9.47 81.89
C ASP A 446 17.48 -10.49 82.67
N MET A 447 16.77 -10.02 83.71
CA MET A 447 15.97 -10.94 84.53
C MET A 447 14.75 -11.45 83.79
N ILE A 448 14.18 -10.63 82.89
CA ILE A 448 13.07 -11.11 82.08
C ILE A 448 13.52 -12.20 81.13
N SER A 449 14.67 -12.00 80.48
CA SER A 449 15.18 -13.00 79.54
C SER A 449 15.58 -14.29 80.26
N ASN A 450 16.24 -14.17 81.41
CA ASN A 450 16.74 -15.34 82.11
C ASN A 450 15.69 -16.06 82.94
N ASP A 451 14.48 -15.51 83.05
CA ASP A 451 13.45 -16.17 83.86
C ASP A 451 13.09 -17.51 83.24
N PRO A 452 12.91 -18.55 84.06
CA PRO A 452 12.64 -19.89 83.49
C PRO A 452 11.38 -19.96 82.64
N ILE A 453 10.33 -19.23 83.01
CA ILE A 453 9.05 -19.28 82.31
C ILE A 453 8.98 -18.22 81.21
N LEU A 454 9.41 -17.00 81.53
CA LEU A 454 9.37 -15.92 80.54
C LEU A 454 10.41 -16.08 79.44
N GLY A 455 11.33 -17.03 79.58
CA GLY A 455 12.32 -17.29 78.57
C GLY A 455 11.85 -18.16 77.42
N ASP A 456 10.60 -18.62 77.46
CA ASP A 456 10.05 -19.47 76.41
C ASP A 456 8.81 -18.85 75.76
N VAL A 457 8.68 -17.52 75.79
CA VAL A 457 7.56 -16.83 75.18
C VAL A 457 8.08 -15.84 74.16
N LYS A 458 7.18 -15.12 73.49
CA LYS A 458 7.55 -14.12 72.51
C LYS A 458 7.55 -12.74 73.14
N LEU A 459 8.64 -12.00 72.92
CA LEU A 459 8.80 -10.66 73.49
C LEU A 459 9.12 -9.69 72.36
N ILE A 460 8.17 -8.83 72.04
CA ILE A 460 8.31 -7.81 71.01
C ILE A 460 8.56 -6.47 71.69
N ALA A 461 9.56 -5.74 71.22
CA ALA A 461 9.96 -4.47 71.83
C ALA A 461 10.07 -3.40 70.75
N GLU A 462 9.56 -2.21 71.04
CA GLU A 462 9.82 -1.03 70.22
C GLU A 462 10.93 -0.23 70.88
N ALA A 463 12.02 -0.01 70.15
CA ALA A 463 13.20 0.68 70.69
C ALA A 463 13.15 2.17 70.36
N TRP A 464 12.05 2.82 70.74
CA TRP A 464 11.93 4.26 70.65
C TRP A 464 10.85 4.72 71.61
N ASP A 465 10.89 6.02 71.93
CA ASP A 465 9.91 6.63 72.82
C ASP A 465 9.86 8.12 72.50
N ALA A 466 9.20 8.89 73.37
CA ALA A 466 9.07 10.33 73.20
C ALA A 466 10.26 11.11 73.75
N GLY A 467 11.23 10.43 74.36
CA GLY A 467 12.41 11.06 74.92
C GLY A 467 13.58 11.20 73.99
N GLY A 468 13.43 10.86 72.72
CA GLY A 468 14.52 10.91 71.77
C GLY A 468 15.38 9.67 71.70
N LEU A 469 15.09 8.65 72.51
CA LEU A 469 15.83 7.40 72.47
C LEU A 469 15.48 6.62 71.21
N TYR A 470 16.47 5.89 70.68
CA TYR A 470 16.28 5.12 69.45
C TYR A 470 17.35 4.03 69.42
N GLN A 471 16.93 2.78 69.53
CA GLN A 471 17.83 1.63 69.58
C GLN A 471 17.39 0.55 68.59
N VAL A 472 16.89 0.94 67.43
CA VAL A 472 16.40 -0.02 66.44
C VAL A 472 17.59 -0.75 65.85
N GLY A 473 17.74 -2.03 66.18
CA GLY A 473 18.85 -2.84 65.78
C GLY A 473 19.89 -3.07 66.87
N GLN A 474 19.85 -2.26 67.93
CA GLN A 474 20.82 -2.36 69.02
C GLN A 474 20.16 -2.53 70.39
N PHE A 475 18.85 -2.78 70.44
CA PHE A 475 18.16 -2.90 71.70
C PHE A 475 18.65 -4.14 72.46
N PRO A 476 18.74 -4.07 73.79
CA PRO A 476 19.17 -5.24 74.57
C PRO A 476 18.26 -6.44 74.32
N HIS A 477 18.86 -7.52 73.81
CA HIS A 477 18.10 -8.68 73.34
C HIS A 477 18.46 -9.97 74.06
N TRP A 478 19.74 -10.19 74.36
CA TRP A 478 20.22 -11.45 74.92
C TRP A 478 19.89 -12.64 74.01
N LYS A 479 19.78 -12.37 72.70
CA LYS A 479 19.51 -13.36 71.67
C LYS A 479 18.15 -14.03 71.83
N ILE A 480 17.22 -13.38 72.52
CA ILE A 480 15.87 -13.93 72.70
C ILE A 480 14.83 -12.91 72.24
N TRP A 481 15.19 -11.62 72.31
CA TRP A 481 14.23 -10.55 72.08
C TRP A 481 14.11 -10.20 70.60
N SER A 482 12.90 -9.79 70.21
CA SER A 482 12.60 -9.29 68.89
C SER A 482 12.46 -7.76 68.93
N GLU A 483 12.16 -7.17 67.78
CA GLU A 483 12.07 -5.72 67.68
C GLU A 483 11.18 -5.33 66.50
N TRP A 484 10.33 -4.33 66.70
CA TRP A 484 9.70 -3.66 65.58
C TRP A 484 10.74 -3.04 64.67
N ASN A 485 10.57 -3.21 63.38
CA ASN A 485 11.51 -2.71 62.38
C ASN A 485 10.93 -1.46 61.73
N GLY A 486 11.38 -0.29 62.19
CA GLY A 486 10.95 0.95 61.57
C GLY A 486 11.74 1.31 60.34
N LYS A 487 13.00 0.87 60.27
CA LYS A 487 13.80 1.09 59.06
C LYS A 487 13.18 0.38 57.87
N TYR A 488 12.66 -0.84 58.08
CA TYR A 488 11.97 -1.54 57.02
C TYR A 488 10.78 -0.74 56.50
N ARG A 489 9.96 -0.22 57.42
CA ARG A 489 8.80 0.57 57.02
C ARG A 489 9.23 1.80 56.23
N ASP A 490 10.25 2.50 56.72
CA ASP A 490 10.76 3.68 56.03
C ASP A 490 11.22 3.36 54.62
N ILE A 491 12.09 2.35 54.49
CA ILE A 491 12.69 2.02 53.20
C ILE A 491 11.62 1.56 52.21
N VAL A 492 10.71 0.69 52.64
CA VAL A 492 9.68 0.19 51.74
C VAL A 492 8.75 1.33 51.32
N ARG A 493 8.35 2.19 52.27
CA ARG A 493 7.45 3.28 51.95
C ARG A 493 8.07 4.22 50.93
N GLN A 494 9.37 4.51 51.06
CA GLN A 494 9.97 5.40 50.08
C GLN A 494 10.25 4.72 48.74
N PHE A 495 10.61 3.43 48.76
CA PHE A 495 10.92 2.75 47.50
C PHE A 495 9.68 2.53 46.65
N ILE A 496 8.58 2.05 47.24
CA ILE A 496 7.43 1.62 46.45
C ILE A 496 6.84 2.79 45.67
N LYS A 497 6.73 3.95 46.29
CA LYS A 497 6.15 5.10 45.60
C LYS A 497 7.08 5.68 44.55
N GLY A 498 8.39 5.46 44.65
CA GLY A 498 9.33 5.95 43.67
C GLY A 498 10.23 7.05 44.19
N THR A 499 11.45 6.70 44.56
CA THR A 499 12.41 7.66 45.09
C THR A 499 13.81 7.18 44.78
N ASP A 500 14.70 8.12 44.42
CA ASP A 500 16.04 7.76 44.00
C ASP A 500 16.88 7.27 45.17
N GLY A 501 17.68 6.24 44.92
CA GLY A 501 18.71 5.83 45.86
C GLY A 501 18.26 4.86 46.93
N PHE A 502 17.15 4.15 46.72
CA PHE A 502 16.63 3.23 47.74
C PHE A 502 16.53 1.80 47.24
N ALA A 503 17.24 1.45 46.17
CA ALA A 503 17.19 0.07 45.67
C ALA A 503 17.96 -0.87 46.58
N GLY A 504 19.18 -0.47 46.99
CA GLY A 504 19.98 -1.33 47.84
C GLY A 504 19.35 -1.55 49.21
N GLY A 505 18.82 -0.48 49.81
CA GLY A 505 18.11 -0.63 51.07
C GLY A 505 16.90 -1.52 50.95
N PHE A 506 16.18 -1.42 49.82
CA PHE A 506 15.04 -2.30 49.58
C PHE A 506 15.48 -3.76 49.49
N ALA A 507 16.60 -4.02 48.81
CA ALA A 507 17.11 -5.38 48.72
C ALA A 507 17.49 -5.92 50.10
N GLU A 508 18.18 -5.10 50.90
CA GLU A 508 18.53 -5.52 52.25
C GLU A 508 17.28 -5.79 53.09
N CYS A 509 16.26 -4.96 52.94
CA CYS A 509 15.02 -5.17 53.67
C CYS A 509 14.37 -6.50 53.27
N LEU A 510 14.36 -6.80 51.97
CA LEU A 510 13.87 -8.10 51.52
C LEU A 510 14.74 -9.26 52.00
N CYS A 511 16.01 -9.01 52.30
CA CYS A 511 16.91 -10.02 52.82
C CYS A 511 16.80 -10.18 54.35
N GLY A 512 15.83 -9.52 54.97
CA GLY A 512 15.68 -9.61 56.42
C GLY A 512 16.55 -8.68 57.22
N SER A 513 17.17 -7.70 56.58
CA SER A 513 18.07 -6.73 57.21
C SER A 513 19.24 -7.43 57.89
N PRO A 514 20.15 -8.04 57.13
CA PRO A 514 21.32 -8.68 57.77
C PRO A 514 22.26 -7.68 58.44
N HIS A 515 22.20 -6.40 58.07
CA HIS A 515 23.09 -5.41 58.66
C HIS A 515 22.74 -5.08 60.11
N LEU A 516 21.56 -5.46 60.58
CA LEU A 516 21.11 -5.12 61.92
C LEU A 516 20.97 -6.31 62.87
N TYR A 517 21.09 -7.54 62.38
CA TYR A 517 20.89 -8.72 63.21
C TYR A 517 21.94 -9.80 63.05
N GLN A 518 22.70 -9.82 61.96
CA GLN A 518 23.68 -10.89 61.77
C GLN A 518 24.92 -10.65 62.63
N ALA A 519 25.26 -9.39 62.89
CA ALA A 519 26.43 -9.08 63.71
C ALA A 519 26.24 -9.58 65.14
N GLY A 520 25.04 -9.44 65.69
CA GLY A 520 24.77 -9.81 67.05
C GLY A 520 24.44 -11.26 67.29
N GLY A 521 24.64 -12.13 66.30
CA GLY A 521 24.34 -13.53 66.46
C GLY A 521 22.87 -13.87 66.52
N ARG A 522 22.03 -13.02 65.93
CA ARG A 522 20.59 -13.23 65.93
C ARG A 522 20.16 -13.81 64.59
N LYS A 523 18.85 -13.97 64.41
CA LYS A 523 18.27 -14.67 63.28
C LYS A 523 17.26 -13.79 62.58
N PRO A 524 17.00 -14.02 61.28
CA PRO A 524 16.11 -13.14 60.53
C PRO A 524 14.71 -13.03 61.10
N TRP A 525 14.16 -14.10 61.67
CA TRP A 525 12.79 -14.10 62.16
C TRP A 525 12.60 -13.30 63.44
N HIS A 526 13.63 -12.57 63.88
CA HIS A 526 13.52 -11.71 65.05
C HIS A 526 13.10 -10.28 64.72
N SER A 527 12.75 -10.01 63.47
CA SER A 527 12.37 -8.68 63.03
C SER A 527 10.89 -8.65 62.65
N ILE A 528 10.17 -7.69 63.21
CA ILE A 528 8.75 -7.50 62.91
C ILE A 528 8.65 -6.48 61.79
N ASN A 529 8.40 -6.95 60.58
CA ASN A 529 8.27 -6.10 59.41
C ASN A 529 6.82 -5.66 59.23
N PHE A 530 6.62 -4.37 59.02
CA PHE A 530 5.29 -3.84 58.83
C PHE A 530 5.38 -2.54 58.03
N VAL A 531 4.29 -2.21 57.36
CA VAL A 531 4.18 -0.98 56.59
C VAL A 531 3.25 0.01 57.27
N CYS A 532 2.05 -0.43 57.64
CA CYS A 532 1.07 0.40 58.32
C CYS A 532 0.67 -0.24 59.63
N ALA A 533 0.50 0.60 60.66
CA ALA A 533 0.14 0.14 62.00
C ALA A 533 -1.07 0.95 62.46
N HIS A 534 -1.41 0.81 63.75
CA HIS A 534 -2.56 1.55 64.28
C HIS A 534 -2.31 3.05 64.30
N ASP A 535 -1.07 3.47 64.54
CA ASP A 535 -0.71 4.87 64.52
C ASP A 535 -0.11 5.25 63.17
N GLY A 536 -0.57 6.36 62.62
CA GLY A 536 -0.17 6.77 61.29
C GLY A 536 -1.22 6.44 60.26
N PHE A 537 -0.82 6.59 59.00
CA PHE A 537 -1.73 6.33 57.89
C PHE A 537 -2.04 4.84 57.78
N THR A 538 -3.25 4.54 57.32
CA THR A 538 -3.60 3.19 56.92
C THR A 538 -3.07 2.91 55.51
N LEU A 539 -3.24 1.65 55.07
CA LEU A 539 -2.75 1.27 53.76
C LEU A 539 -3.46 2.05 52.65
N ALA A 540 -4.77 2.21 52.77
CA ALA A 540 -5.51 3.00 51.79
C ALA A 540 -5.10 4.46 51.84
N ASP A 541 -4.92 5.01 53.05
CA ASP A 541 -4.52 6.40 53.19
C ASP A 541 -3.08 6.65 52.77
N LEU A 542 -2.26 5.59 52.71
CA LEU A 542 -0.87 5.76 52.28
C LEU A 542 -0.77 6.15 50.81
N VAL A 543 -1.80 5.90 50.01
CA VAL A 543 -1.77 6.18 48.59
C VAL A 543 -2.87 7.16 48.18
N THR A 544 -3.38 7.94 49.13
CA THR A 544 -4.41 8.93 48.81
C THR A 544 -4.06 10.33 49.27
N TYR A 545 -3.36 10.48 50.38
CA TYR A 545 -3.04 11.78 50.96
C TYR A 545 -1.54 11.88 51.18
N ASN A 546 -0.94 13.00 50.76
CA ASN A 546 0.45 13.26 51.08
C ASN A 546 0.61 14.10 52.34
N LYS A 547 -0.47 14.71 52.82
CA LYS A 547 -0.45 15.49 54.05
C LYS A 547 -1.60 15.06 54.95
N LYS A 548 -1.45 15.30 56.25
CA LYS A 548 -2.39 14.82 57.24
C LYS A 548 -3.59 15.77 57.39
N TYR A 549 -4.72 15.17 57.74
CA TYR A 549 -5.98 15.90 57.97
C TYR A 549 -6.40 15.60 59.41
N ASN A 550 -5.89 16.38 60.36
CA ASN A 550 -6.15 16.17 61.78
C ASN A 550 -6.95 17.31 62.40
N SER A 551 -7.77 17.99 61.58
CA SER A 551 -8.55 19.12 62.07
C SER A 551 -9.68 18.70 63.00
N SER A 552 -10.07 17.42 62.97
CA SER A 552 -11.15 16.95 63.83
C SER A 552 -10.67 16.56 65.23
N ASN A 553 -9.35 16.56 65.47
CA ASN A 553 -8.85 16.27 66.81
C ASN A 553 -9.08 17.44 67.75
N GLY A 554 -8.90 18.66 67.27
CA GLY A 554 -9.06 19.84 68.09
C GLY A 554 -7.78 20.52 68.53
N GLU A 555 -6.63 20.06 68.07
CA GLU A 555 -5.35 20.67 68.40
C GLU A 555 -4.72 21.38 67.21
N ASP A 556 -5.54 21.78 66.24
CA ASP A 556 -5.10 22.53 65.06
C ASP A 556 -4.01 21.79 64.30
N ASN A 557 -4.23 20.48 64.10
CA ASN A 557 -3.36 19.58 63.33
C ASN A 557 -1.92 19.56 63.82
N ARG A 558 -1.67 20.06 65.03
CA ARG A 558 -0.32 20.08 65.56
C ARG A 558 0.19 18.69 65.90
N ASP A 559 -0.71 17.76 66.20
CA ASP A 559 -0.34 16.40 66.55
C ASP A 559 -0.22 15.53 65.30
N GLY A 560 0.44 14.38 65.46
CA GLY A 560 0.64 13.44 64.39
C GLY A 560 1.98 13.59 63.70
N GLU A 561 2.28 12.60 62.86
CA GLU A 561 3.53 12.59 62.13
C GLU A 561 3.44 13.51 60.92
N ASN A 562 4.39 14.43 60.79
CA ASN A 562 4.42 15.37 59.67
C ASN A 562 5.23 14.85 58.49
N HIS A 563 5.96 13.74 58.64
CA HIS A 563 6.75 13.14 57.56
C HIS A 563 6.23 11.71 57.36
N ASN A 564 5.18 11.58 56.54
CA ASN A 564 4.56 10.28 56.31
C ASN A 564 5.19 9.50 55.16
N LEU A 565 5.93 10.18 54.29
CA LEU A 565 6.59 9.55 53.14
C LEU A 565 5.56 8.79 52.28
N SER A 566 4.48 9.49 51.98
CA SER A 566 3.39 8.94 51.18
C SER A 566 3.31 9.67 49.85
N TRP A 567 2.59 9.05 48.91
CA TRP A 567 2.33 9.63 47.60
C TRP A 567 0.86 9.44 47.28
N ASN A 568 0.22 10.50 46.81
CA ASN A 568 -1.22 10.46 46.55
C ASN A 568 -1.56 9.88 45.18
N CYS A 569 -0.57 9.36 44.45
CA CYS A 569 -0.79 8.70 43.15
C CYS A 569 -1.34 9.66 42.10
N GLY A 570 -0.90 10.92 42.12
CA GLY A 570 -1.18 11.88 41.08
C GLY A 570 -2.36 12.80 41.37
N GLU A 571 -3.18 12.46 42.36
CA GLU A 571 -4.33 13.29 42.70
C GLU A 571 -4.64 13.15 44.18
N GLU A 572 -5.30 14.16 44.73
CA GLU A 572 -5.55 14.22 46.17
C GLU A 572 -6.99 13.86 46.48
N GLY A 573 -7.19 12.97 47.44
CA GLY A 573 -8.51 12.60 47.91
C GLY A 573 -9.14 11.49 47.08
N GLU A 574 -10.29 11.02 47.57
CA GLU A 574 -10.99 9.93 46.91
C GLU A 574 -11.50 10.33 45.54
N PHE A 575 -12.04 11.54 45.41
CA PHE A 575 -12.66 11.99 44.16
C PHE A 575 -11.57 12.25 43.13
N ALA A 576 -11.30 11.25 42.29
CA ALA A 576 -10.23 11.33 41.30
C ALA A 576 -10.64 10.50 40.09
N GLY A 577 -9.77 10.47 39.07
CA GLY A 577 -10.06 9.74 37.86
C GLY A 577 -9.76 8.26 37.96
N LEU A 578 -10.08 7.55 36.86
CA LEU A 578 -9.94 6.10 36.85
C LEU A 578 -8.48 5.68 36.96
N SER A 579 -7.58 6.39 36.28
CA SER A 579 -6.17 6.01 36.29
C SER A 579 -5.59 6.11 37.71
N VAL A 580 -6.01 7.13 38.47
CA VAL A 580 -5.53 7.27 39.84
C VAL A 580 -5.99 6.10 40.70
N LYS A 581 -7.25 5.68 40.55
CA LYS A 581 -7.74 4.52 41.30
C LYS A 581 -6.99 3.25 40.93
N ARG A 582 -6.75 3.05 39.63
CA ARG A 582 -6.01 1.87 39.19
C ARG A 582 -4.60 1.87 39.77
N LEU A 583 -3.94 3.03 39.76
CA LEU A 583 -2.59 3.11 40.33
C LEU A 583 -2.61 2.87 41.83
N ARG A 584 -3.64 3.35 42.53
CA ARG A 584 -3.75 3.13 43.96
C ARG A 584 -3.91 1.64 44.29
N LYS A 585 -4.78 0.95 43.54
CA LYS A 585 -4.93 -0.49 43.74
C LYS A 585 -3.64 -1.22 43.46
N ARG A 586 -2.95 -0.84 42.37
CA ARG A 586 -1.66 -1.43 42.05
C ARG A 586 -0.67 -1.26 43.20
N GLN A 587 -0.59 -0.04 43.74
CA GLN A 587 0.40 0.25 44.77
C GLN A 587 0.08 -0.49 46.07
N MET A 588 -1.20 -0.59 46.43
CA MET A 588 -1.56 -1.34 47.62
C MET A 588 -1.20 -2.82 47.47
N ARG A 589 -1.47 -3.38 46.29
CA ARG A 589 -1.07 -4.76 46.03
C ARG A 589 0.45 -4.92 46.08
N ASN A 590 1.19 -3.92 45.59
CA ASN A 590 2.64 -3.96 45.66
C ASN A 590 3.12 -3.97 47.10
N PHE A 591 2.52 -3.13 47.94
CA PHE A 591 2.89 -3.11 49.36
C PHE A 591 2.63 -4.45 50.03
N PHE A 592 1.47 -5.04 49.76
CA PHE A 592 1.18 -6.34 50.37
C PHE A 592 2.11 -7.43 49.84
N VAL A 593 2.45 -7.40 48.55
CA VAL A 593 3.39 -8.36 48.00
C VAL A 593 4.75 -8.23 48.68
N SER A 594 5.23 -6.99 48.82
CA SER A 594 6.53 -6.78 49.46
C SER A 594 6.51 -7.24 50.91
N LEU A 595 5.40 -7.00 51.62
CA LEU A 595 5.29 -7.49 52.98
C LEU A 595 5.34 -9.01 53.04
N MET A 596 4.66 -9.67 52.10
CA MET A 596 4.52 -11.11 52.14
C MET A 596 5.70 -11.87 51.52
N VAL A 597 6.62 -11.19 50.85
CA VAL A 597 7.80 -11.83 50.30
C VAL A 597 9.09 -11.42 51.00
N SER A 598 8.99 -10.70 52.12
CA SER A 598 10.19 -10.30 52.85
C SER A 598 10.58 -11.37 53.86
N GLN A 599 11.86 -11.38 54.22
CA GLN A 599 12.37 -12.27 55.24
C GLN A 599 12.10 -11.68 56.62
N GLY A 600 11.54 -12.49 57.51
CA GLY A 600 11.12 -12.01 58.82
C GLY A 600 9.73 -12.48 59.17
N VAL A 601 8.98 -11.67 59.91
CA VAL A 601 7.62 -11.98 60.30
C VAL A 601 6.72 -10.87 59.75
N PRO A 602 5.79 -11.19 58.84
CA PRO A 602 4.87 -10.16 58.35
C PRO A 602 3.96 -9.66 59.45
N MET A 603 3.53 -8.41 59.33
CA MET A 603 2.70 -7.77 60.33
C MET A 603 1.89 -6.65 59.69
N PHE A 604 0.58 -6.66 59.91
CA PHE A 604 -0.26 -5.60 59.37
C PHE A 604 -1.46 -5.37 60.28
N TYR A 605 -1.88 -4.11 60.34
CA TYR A 605 -2.99 -3.68 61.18
C TYR A 605 -4.32 -4.12 60.58
N MET A 606 -5.31 -4.29 61.45
CA MET A 606 -6.64 -4.74 61.02
C MET A 606 -7.27 -3.74 60.06
N GLY A 607 -8.02 -4.25 59.09
CA GLY A 607 -8.65 -3.43 58.09
C GLY A 607 -7.80 -3.12 56.89
N ASP A 608 -6.51 -3.44 56.92
CA ASP A 608 -5.62 -3.19 55.80
C ASP A 608 -5.79 -4.20 54.68
N GLU A 609 -6.47 -5.32 54.95
CA GLU A 609 -6.70 -6.35 53.95
C GLU A 609 -7.86 -6.02 53.01
N TYR A 610 -8.62 -4.97 53.30
CA TYR A 610 -9.70 -4.54 52.43
C TYR A 610 -9.72 -3.03 52.20
N GLY A 611 -8.71 -2.29 52.65
CA GLY A 611 -8.60 -0.89 52.36
C GLY A 611 -9.48 0.01 53.22
N HIS A 612 -9.22 0.03 54.52
CA HIS A 612 -9.93 0.93 55.42
C HIS A 612 -9.38 2.35 55.29
N THR A 613 -10.30 3.32 55.20
CA THR A 613 -9.94 4.72 55.09
C THR A 613 -10.42 5.47 56.33
N LYS A 614 -9.59 6.40 56.80
CA LYS A 614 -9.91 7.21 57.97
C LYS A 614 -10.23 8.66 57.61
N GLY A 615 -10.39 8.96 56.32
CA GLY A 615 -10.63 10.32 55.90
C GLY A 615 -9.37 11.17 55.78
N GLY A 616 -8.21 10.60 56.04
CA GLY A 616 -6.97 11.34 56.05
C GLY A 616 -6.38 11.62 57.40
N ASN A 617 -6.90 10.99 58.45
CA ASN A 617 -6.49 11.24 59.83
C ASN A 617 -5.44 10.22 60.23
N ASN A 618 -4.22 10.69 60.49
CA ASN A 618 -3.12 9.80 60.86
C ASN A 618 -2.96 9.64 62.37
N ASN A 619 -3.74 10.35 63.18
CA ASN A 619 -3.67 10.25 64.64
C ASN A 619 -5.11 10.30 65.16
N THR A 620 -5.66 9.13 65.46
CA THR A 620 -7.07 8.97 65.83
C THR A 620 -7.17 8.28 67.19
N TYR A 621 -6.39 8.76 68.15
CA TYR A 621 -6.34 8.16 69.48
C TYR A 621 -7.49 8.59 70.37
N CYS A 622 -8.28 9.57 69.96
CA CYS A 622 -9.35 10.13 70.79
C CYS A 622 -10.66 10.21 70.02
N HIS A 623 -11.02 9.12 69.35
CA HIS A 623 -12.26 9.07 68.56
C HIS A 623 -12.97 7.76 68.82
N ASP A 624 -14.14 7.84 69.46
CA ASP A 624 -15.01 6.68 69.63
C ASP A 624 -16.06 6.67 68.51
N HIS A 625 -15.56 6.75 67.28
CA HIS A 625 -16.38 6.99 66.11
C HIS A 625 -16.27 5.84 65.12
N TYR A 626 -17.16 5.85 64.12
CA TYR A 626 -17.17 4.82 63.08
C TYR A 626 -15.91 4.82 62.24
N VAL A 627 -15.10 5.88 62.30
CA VAL A 627 -13.84 5.90 61.59
C VAL A 627 -12.92 4.77 62.06
N ASN A 628 -12.95 4.46 63.35
CA ASN A 628 -12.08 3.45 63.92
C ASN A 628 -12.74 2.08 64.08
N TYR A 629 -13.97 1.90 63.58
CA TYR A 629 -14.65 0.61 63.66
C TYR A 629 -14.54 -0.13 62.34
N PHE A 630 -14.19 -1.42 62.43
CA PHE A 630 -14.13 -2.27 61.25
C PHE A 630 -15.48 -2.28 60.53
N ARG A 631 -15.44 -2.10 59.22
CA ARG A 631 -16.65 -2.03 58.39
C ARG A 631 -16.84 -3.38 57.70
N TRP A 632 -17.93 -4.07 58.04
CA TRP A 632 -18.29 -5.29 57.34
C TRP A 632 -19.22 -5.03 56.17
N ASP A 633 -19.76 -3.82 56.05
CA ASP A 633 -20.57 -3.47 54.89
C ASP A 633 -19.70 -3.21 53.67
N LYS A 634 -18.52 -2.63 53.88
CA LYS A 634 -17.59 -2.34 52.79
C LYS A 634 -16.60 -3.46 52.54
N LYS A 635 -16.59 -4.50 53.38
CA LYS A 635 -15.72 -5.64 53.11
C LYS A 635 -16.16 -6.38 51.85
N GLU A 636 -17.47 -6.54 51.67
CA GLU A 636 -17.97 -7.25 50.50
C GLU A 636 -17.72 -6.47 49.21
N GLU A 637 -17.56 -5.16 49.28
CA GLU A 637 -17.25 -4.36 48.10
C GLU A 637 -15.78 -4.48 47.68
N SER A 638 -14.89 -4.76 48.63
CA SER A 638 -13.47 -4.93 48.35
C SER A 638 -13.06 -6.40 48.39
N SER A 639 -13.91 -7.29 47.89
CA SER A 639 -13.63 -8.73 47.96
C SER A 639 -12.39 -9.09 47.14
N ASP A 640 -12.11 -8.34 46.08
CA ASP A 640 -10.97 -8.67 45.22
C ASP A 640 -9.65 -8.49 45.95
N LEU A 641 -9.48 -7.35 46.63
CA LEU A 641 -8.26 -7.12 47.39
C LEU A 641 -8.13 -8.10 48.55
N GLN A 642 -9.25 -8.41 49.21
CA GLN A 642 -9.24 -9.38 50.28
C GLN A 642 -8.80 -10.75 49.77
N ARG A 643 -9.31 -11.16 48.61
CA ARG A 643 -8.90 -12.42 47.99
C ARG A 643 -7.42 -12.39 47.65
N PHE A 644 -6.93 -11.26 47.13
CA PHE A 644 -5.51 -11.14 46.82
C PHE A 644 -4.65 -11.32 48.07
N CYS A 645 -5.04 -10.70 49.18
CA CYS A 645 -4.27 -10.83 50.41
C CYS A 645 -4.30 -12.26 50.96
N SER A 646 -5.48 -12.89 50.93
CA SER A 646 -5.58 -14.27 51.40
C SER A 646 -4.73 -15.21 50.55
N LEU A 647 -4.75 -15.01 49.23
CA LEU A 647 -3.93 -15.86 48.36
C LEU A 647 -2.44 -15.60 48.58
N MET A 648 -2.06 -14.35 48.83
CA MET A 648 -0.66 -14.04 49.12
C MET A 648 -0.20 -14.73 50.40
N THR A 649 -1.03 -14.69 51.45
CA THR A 649 -0.66 -15.36 52.70
C THR A 649 -0.58 -16.87 52.51
N LYS A 650 -1.52 -17.45 51.77
CA LYS A 650 -1.45 -18.88 51.49
C LYS A 650 -0.18 -19.24 50.71
N PHE A 651 0.18 -18.39 49.73
CA PHE A 651 1.40 -18.62 48.95
C PHE A 651 2.63 -18.54 49.83
N ARG A 652 2.66 -17.59 50.77
CA ARG A 652 3.79 -17.53 51.70
C ARG A 652 3.85 -18.78 52.57
N LYS A 653 2.70 -19.30 53.00
CA LYS A 653 2.68 -20.54 53.76
C LYS A 653 3.22 -21.70 52.94
N GLN A 654 2.83 -21.80 51.67
CA GLN A 654 3.19 -22.94 50.84
C GLN A 654 4.64 -22.93 50.37
N CYS A 655 5.34 -21.80 50.47
CA CYS A 655 6.70 -21.67 49.99
C CYS A 655 7.66 -21.69 51.18
N GLU A 656 8.60 -22.62 51.17
CA GLU A 656 9.52 -22.79 52.30
C GLU A 656 10.73 -21.87 52.22
N SER A 657 10.95 -21.19 51.09
CA SER A 657 12.08 -20.27 50.98
C SER A 657 11.80 -18.94 51.66
N LEU A 658 10.59 -18.73 52.17
CA LEU A 658 10.23 -17.50 52.87
C LEU A 658 10.42 -17.59 54.37
N GLY A 659 10.10 -18.74 54.97
CA GLY A 659 10.44 -18.97 56.36
C GLY A 659 11.79 -19.63 56.49
N LEU A 660 12.83 -18.85 56.75
CA LEU A 660 14.19 -19.35 56.85
C LEU A 660 14.74 -19.02 58.24
N ALA A 661 15.26 -20.05 58.93
CA ALA A 661 15.82 -19.83 60.25
C ALA A 661 17.08 -18.99 60.19
N ASP A 662 17.89 -19.18 59.17
CA ASP A 662 19.15 -18.44 59.00
C ASP A 662 19.04 -17.50 57.81
N PHE A 663 20.04 -16.64 57.68
CA PHE A 663 20.07 -15.68 56.57
C PHE A 663 20.36 -16.41 55.27
N PRO A 664 19.74 -16.01 54.16
CA PRO A 664 20.01 -16.69 52.88
C PRO A 664 21.43 -16.43 52.40
N THR A 665 21.96 -17.38 51.64
CA THR A 665 23.29 -17.29 51.08
C THR A 665 23.22 -17.11 49.56
N ALA A 666 24.34 -16.68 48.98
CA ALA A 666 24.39 -16.38 47.55
C ALA A 666 24.09 -17.59 46.68
N GLN A 667 24.29 -18.81 47.19
CA GLN A 667 23.98 -20.00 46.41
C GLN A 667 22.49 -20.12 46.13
N ARG A 668 21.64 -19.82 47.11
CA ARG A 668 20.20 -19.94 46.97
C ARG A 668 19.55 -18.74 46.33
N LEU A 669 20.05 -17.53 46.61
CA LEU A 669 19.42 -16.30 46.15
C LEU A 669 20.33 -15.60 45.12
N HIS A 670 19.72 -15.20 44.00
CA HIS A 670 20.44 -14.52 42.93
C HIS A 670 19.70 -13.24 42.58
N TRP A 671 20.46 -12.21 42.22
CA TRP A 671 19.90 -10.90 41.92
C TRP A 671 19.95 -10.64 40.42
N HIS A 672 18.87 -10.05 39.89
CA HIS A 672 18.73 -9.77 38.47
C HIS A 672 18.20 -8.35 38.29
N GLY A 673 18.38 -7.83 37.08
CA GLY A 673 17.84 -6.52 36.74
C GLY A 673 16.88 -6.58 35.57
N HIS A 674 16.99 -5.63 34.64
CA HIS A 674 16.22 -5.72 33.41
C HIS A 674 16.67 -6.93 32.59
N GLN A 675 17.96 -7.25 32.64
CA GLN A 675 18.54 -8.44 32.05
C GLN A 675 19.00 -9.39 33.15
N PRO A 676 18.96 -10.70 32.92
CA PRO A 676 19.29 -11.64 33.99
C PRO A 676 20.76 -11.52 34.41
N GLY A 677 20.97 -11.47 35.71
CA GLY A 677 22.30 -11.44 36.28
C GLY A 677 23.01 -10.11 36.20
N LYS A 678 22.31 -9.02 35.95
CA LYS A 678 22.91 -7.69 35.88
C LYS A 678 22.06 -6.69 36.68
N PRO A 679 22.06 -6.80 38.01
CA PRO A 679 21.34 -5.82 38.82
C PRO A 679 22.00 -4.45 38.73
N ASP A 680 21.19 -3.42 38.85
CA ASP A 680 21.64 -2.04 38.76
C ASP A 680 21.40 -1.39 40.12
N TRP A 681 22.50 -1.08 40.82
CA TRP A 681 22.45 -0.54 42.17
C TRP A 681 22.70 0.97 42.20
N SER A 682 22.63 1.64 41.05
CA SER A 682 22.93 3.06 40.98
C SER A 682 21.85 3.86 41.70
N GLU A 683 22.05 5.19 41.75
CA GLU A 683 21.14 6.08 42.46
C GLU A 683 19.85 6.32 41.70
N THR A 684 19.82 6.13 40.39
CA THR A 684 18.63 6.33 39.59
C THR A 684 17.79 5.06 39.49
N SER A 685 18.31 3.93 39.97
CA SER A 685 17.63 2.66 39.82
C SER A 685 16.32 2.63 40.61
N ARG A 686 15.28 2.07 39.99
CA ARG A 686 14.02 1.80 40.66
C ARG A 686 13.51 0.40 40.31
N PHE A 687 14.42 -0.53 40.05
CA PHE A 687 14.07 -1.90 39.67
C PHE A 687 14.90 -2.86 40.49
N VAL A 688 14.22 -3.69 41.29
CA VAL A 688 14.87 -4.71 42.11
C VAL A 688 14.16 -6.03 41.83
N ALA A 689 14.94 -7.07 41.54
CA ALA A 689 14.39 -8.37 41.22
C ALA A 689 15.36 -9.46 41.64
N PHE A 690 14.82 -10.62 42.04
CA PHE A 690 15.63 -11.75 42.45
C PHE A 690 14.92 -13.05 42.06
N SER A 691 15.69 -14.13 42.05
CA SER A 691 15.17 -15.47 41.86
C SER A 691 15.80 -16.38 42.92
N THR A 692 15.00 -17.29 43.46
CA THR A 692 15.46 -18.17 44.52
C THR A 692 14.93 -19.58 44.27
N LYS A 693 15.69 -20.57 44.74
CA LYS A 693 15.35 -21.97 44.53
C LYS A 693 14.48 -22.49 45.68
N ASP A 694 13.61 -23.44 45.35
CA ASP A 694 12.72 -24.06 46.32
C ASP A 694 12.68 -25.56 46.10
N GLU A 695 12.53 -26.30 47.20
CA GLU A 695 12.38 -27.74 47.10
C GLU A 695 10.96 -28.16 46.74
N THR A 696 9.99 -27.26 46.91
CA THR A 696 8.59 -27.55 46.57
C THR A 696 8.18 -26.94 45.23
N LYS A 697 8.36 -25.64 45.06
CA LYS A 697 7.98 -24.96 43.83
C LYS A 697 9.07 -25.02 42.76
N GLY A 698 10.28 -25.46 43.10
CA GLY A 698 11.37 -25.50 42.15
C GLY A 698 12.16 -24.21 42.12
N GLU A 699 11.55 -23.14 41.62
CA GLU A 699 12.19 -21.84 41.57
C GLU A 699 11.10 -20.78 41.41
N ILE A 700 11.29 -19.63 42.06
CA ILE A 700 10.38 -18.51 41.90
C ILE A 700 11.18 -17.29 41.50
N TYR A 701 10.52 -16.39 40.75
CA TYR A 701 11.13 -15.16 40.28
C TYR A 701 10.25 -14.00 40.71
N VAL A 702 10.85 -13.01 41.37
CA VAL A 702 10.11 -11.86 41.90
C VAL A 702 10.74 -10.60 41.32
N ALA A 703 9.90 -9.67 40.88
CA ALA A 703 10.37 -8.41 40.32
C ALA A 703 9.50 -7.27 40.80
N PHE A 704 10.13 -6.15 41.15
CA PHE A 704 9.44 -4.92 41.51
C PHE A 704 9.88 -3.83 40.54
N ASN A 705 8.92 -3.15 39.94
CA ASN A 705 9.19 -2.03 39.03
C ASN A 705 8.53 -0.79 39.64
N ALA A 706 9.33 -0.01 40.36
CA ALA A 706 8.87 1.22 40.97
C ALA A 706 9.02 2.42 40.05
N SER A 707 9.53 2.22 38.84
CA SER A 707 9.68 3.29 37.87
C SER A 707 8.33 3.66 37.26
N HIS A 708 8.28 4.85 36.66
CA HIS A 708 7.08 5.36 36.02
C HIS A 708 6.96 4.94 34.55
N LEU A 709 7.92 4.16 34.05
CA LEU A 709 7.94 3.73 32.67
C LEU A 709 7.76 2.22 32.59
N PRO A 710 6.82 1.72 31.79
CA PRO A 710 6.69 0.27 31.60
C PRO A 710 7.94 -0.30 30.95
N ALA A 711 8.26 -1.55 31.29
CA ALA A 711 9.44 -2.21 30.77
C ALA A 711 9.14 -3.66 30.44
N VAL A 712 9.93 -4.22 29.53
CA VAL A 712 9.89 -5.63 29.20
C VAL A 712 11.16 -6.27 29.76
N VAL A 713 11.01 -7.21 30.68
CA VAL A 713 12.14 -7.76 31.41
C VAL A 713 12.55 -9.09 30.80
N GLY A 714 13.80 -9.46 30.99
CA GLY A 714 14.33 -10.71 30.53
C GLY A 714 14.44 -11.71 31.66
N LEU A 715 13.74 -12.83 31.50
CA LEU A 715 13.71 -13.87 32.50
C LEU A 715 14.97 -14.73 32.43
N PRO A 716 15.37 -15.34 33.54
CA PRO A 716 16.58 -16.19 33.53
C PRO A 716 16.40 -17.38 32.59
N GLU A 717 17.51 -17.79 31.97
CA GLU A 717 17.50 -18.88 31.01
C GLU A 717 17.69 -20.20 31.74
N ARG A 718 16.65 -21.04 31.72
CA ARG A 718 16.68 -22.35 32.37
C ARG A 718 16.37 -23.41 31.33
N PRO A 719 17.36 -24.11 30.79
CA PRO A 719 17.09 -25.11 29.75
C PRO A 719 16.17 -26.22 30.25
N GLY A 720 15.18 -26.56 29.43
CA GLY A 720 14.25 -27.61 29.75
C GLY A 720 13.04 -27.20 30.58
N TYR A 721 12.98 -25.94 31.01
CA TYR A 721 11.89 -25.45 31.83
C TYR A 721 11.28 -24.20 31.19
N ARG A 722 10.35 -23.58 31.91
CA ARG A 722 9.76 -22.32 31.48
C ARG A 722 9.12 -21.64 32.69
N TRP A 723 8.75 -20.39 32.52
CA TRP A 723 8.18 -19.56 33.58
C TRP A 723 6.68 -19.45 33.39
N GLU A 724 5.93 -19.63 34.48
CA GLU A 724 4.47 -19.59 34.44
C GLU A 724 3.97 -18.43 35.28
N PRO A 725 3.09 -17.58 34.74
CA PRO A 725 2.62 -16.42 35.51
C PRO A 725 1.75 -16.84 36.69
N LEU A 726 2.05 -16.29 37.86
CA LEU A 726 1.23 -16.50 39.05
C LEU A 726 0.62 -15.20 39.55
N VAL A 727 1.42 -14.17 39.82
CA VAL A 727 0.94 -12.91 40.35
C VAL A 727 1.40 -11.78 39.43
N ASP A 728 0.48 -10.88 39.10
CA ASP A 728 0.78 -9.67 38.33
C ASP A 728 -0.18 -8.59 38.83
N THR A 729 0.35 -7.68 39.66
CA THR A 729 -0.51 -6.68 40.30
C THR A 729 -1.16 -5.73 39.30
N GLY A 730 -0.63 -5.63 38.07
CA GLY A 730 -1.25 -4.77 37.08
C GLY A 730 -2.52 -5.33 36.47
N LYS A 731 -2.62 -6.66 36.40
CA LYS A 731 -3.77 -7.28 35.75
C LYS A 731 -5.03 -7.07 36.58
N PRO A 732 -6.19 -7.00 35.93
CA PRO A 732 -7.45 -6.86 36.67
C PRO A 732 -7.80 -8.14 37.40
N ALA A 733 -8.56 -7.99 38.48
CA ALA A 733 -9.03 -9.14 39.23
C ALA A 733 -10.07 -9.91 38.42
N PRO A 734 -10.13 -11.25 38.55
CA PRO A 734 -9.34 -12.11 39.44
C PRO A 734 -8.03 -12.60 38.83
N TYR A 735 -7.57 -12.04 37.71
CA TYR A 735 -6.38 -12.52 37.04
C TYR A 735 -5.09 -11.94 37.61
N ASP A 736 -5.18 -11.08 38.63
CA ASP A 736 -3.98 -10.65 39.34
C ASP A 736 -3.38 -11.78 40.17
N PHE A 737 -4.20 -12.79 40.50
CA PHE A 737 -3.72 -14.00 41.16
C PHE A 737 -4.37 -15.20 40.48
N LEU A 738 -3.56 -16.13 40.00
CA LEU A 738 -4.03 -17.25 39.20
C LEU A 738 -4.14 -18.50 40.06
N THR A 739 -5.33 -19.11 40.07
CA THR A 739 -5.61 -20.30 40.84
C THR A 739 -6.37 -21.30 39.99
N ASP A 740 -6.33 -22.57 40.41
CA ASP A 740 -7.07 -23.61 39.70
C ASP A 740 -8.57 -23.42 39.80
N ASP A 741 -9.04 -22.63 40.78
CA ASP A 741 -10.46 -22.28 40.84
C ASP A 741 -10.90 -21.47 39.63
N LEU A 742 -9.97 -20.84 38.92
CA LEU A 742 -10.31 -20.11 37.71
C LEU A 742 -10.56 -21.09 36.56
N PRO A 743 -11.69 -20.96 35.85
CA PRO A 743 -11.95 -21.86 34.73
C PRO A 743 -11.14 -21.55 33.47
N ASP A 744 -10.53 -20.37 33.38
CA ASP A 744 -9.81 -19.96 32.18
C ASP A 744 -8.33 -19.72 32.45
N ARG A 745 -7.72 -20.50 33.34
CA ARG A 745 -6.31 -20.29 33.66
C ARG A 745 -5.41 -20.66 32.49
N ALA A 746 -5.65 -21.82 31.88
CA ALA A 746 -4.78 -22.28 30.79
C ALA A 746 -4.87 -21.35 29.59
N HIS A 747 -6.07 -20.87 29.28
CA HIS A 747 -6.22 -19.93 28.17
C HIS A 747 -5.50 -18.62 28.46
N ALA A 748 -5.55 -18.16 29.71
CA ALA A 748 -4.85 -16.94 30.09
C ALA A 748 -3.34 -17.10 29.94
N VAL A 749 -2.81 -18.26 30.31
CA VAL A 749 -1.37 -18.51 30.12
C VAL A 749 -1.05 -18.60 28.63
N HIS A 750 -1.94 -19.21 27.85
CA HIS A 750 -1.72 -19.34 26.42
C HIS A 750 -1.66 -17.98 25.72
N LEU A 751 -2.49 -17.03 26.16
CA LEU A 751 -2.49 -15.71 25.56
C LEU A 751 -1.24 -14.89 25.87
N PHE A 752 -0.40 -15.34 26.79
CA PHE A 752 0.89 -14.73 27.07
C PHE A 752 2.05 -15.63 26.66
N SER A 753 1.75 -16.84 26.19
CA SER A 753 2.80 -17.76 25.78
C SER A 753 3.75 -17.17 24.74
N HIS A 754 3.27 -16.26 23.87
CA HIS A 754 4.15 -15.71 22.86
C HIS A 754 5.24 -14.83 23.45
N PHE A 755 4.99 -14.20 24.59
CA PHE A 755 6.03 -13.50 25.33
C PHE A 755 6.85 -14.45 26.21
N LEU A 756 6.19 -15.44 26.82
CA LEU A 756 6.88 -16.31 27.77
C LEU A 756 7.81 -17.31 27.07
N ASN A 757 7.56 -17.60 25.79
CA ASN A 757 8.37 -18.59 25.08
C ASN A 757 9.78 -18.06 24.81
N SER A 758 9.95 -16.75 24.76
CA SER A 758 11.25 -16.13 24.53
C SER A 758 11.86 -15.56 25.81
N ASN A 759 11.41 -16.03 26.97
CA ASN A 759 11.94 -15.61 28.27
C ASN A 759 11.78 -14.10 28.49
N LEU A 760 10.56 -13.63 28.25
CA LEU A 760 10.25 -12.22 28.36
C LEU A 760 8.96 -12.04 29.16
N TYR A 761 8.79 -10.84 29.71
CA TYR A 761 7.54 -10.50 30.39
C TYR A 761 7.30 -9.00 30.35
N PRO A 762 6.16 -8.55 29.85
CA PRO A 762 5.85 -7.12 29.85
C PRO A 762 5.29 -6.66 31.19
N MET A 763 5.79 -5.53 31.67
CA MET A 763 5.41 -4.98 32.97
C MET A 763 4.94 -3.54 32.81
N LEU A 764 3.96 -3.16 33.61
CA LEU A 764 3.51 -1.78 33.67
C LEU A 764 4.44 -0.98 34.59
N SER A 765 4.06 0.26 34.86
CA SER A 765 4.73 1.07 35.87
C SER A 765 4.07 0.87 37.22
N TYR A 766 4.89 0.82 38.27
CA TYR A 766 4.42 0.60 39.64
C TYR A 766 3.66 -0.73 39.76
N SER A 767 4.37 -1.83 39.48
CA SER A 767 3.76 -3.14 39.46
C SER A 767 4.78 -4.20 39.90
N SER A 768 4.27 -5.36 40.26
CA SER A 768 5.07 -6.48 40.73
C SER A 768 4.63 -7.76 40.03
N ILE A 769 5.56 -8.68 39.85
CA ILE A 769 5.26 -9.99 39.25
C ILE A 769 5.95 -11.08 40.05
N ILE A 770 5.29 -12.24 40.15
CA ILE A 770 5.89 -13.46 40.69
C ILE A 770 5.61 -14.58 39.70
N LEU A 771 6.65 -15.33 39.34
CA LEU A 771 6.55 -16.45 38.42
C LEU A 771 7.13 -17.70 39.06
N GLU A 772 6.58 -18.85 38.68
CA GLU A 772 7.08 -20.14 39.11
C GLU A 772 7.66 -20.92 37.94
N LEU A 773 8.76 -21.62 38.19
CA LEU A 773 9.38 -22.44 37.15
C LEU A 773 8.71 -23.80 37.07
N GLN A 774 8.37 -24.21 35.86
CA GLN A 774 7.69 -25.48 35.63
C GLN A 774 8.32 -26.19 34.45
N PRO A 775 8.35 -27.52 34.48
CA PRO A 775 8.97 -28.27 33.37
C PRO A 775 8.23 -28.09 32.07
N ASP A 776 8.98 -28.14 30.97
CA ASP A 776 8.44 -28.00 29.63
C ASP A 776 8.89 -29.22 28.82
N ASP A 777 8.09 -30.29 28.87
CA ASP A 777 8.42 -31.52 28.19
C ASP A 777 7.16 -32.27 27.78
N GLU B 60 -6.77 -18.17 -65.98
CA GLU B 60 -7.48 -19.25 -65.28
C GLU B 60 -6.48 -20.20 -64.61
N ARG B 61 -6.65 -20.38 -63.30
CA ARG B 61 -5.70 -21.15 -62.51
C ARG B 61 -6.45 -21.91 -61.42
N TYR B 62 -6.01 -23.15 -61.16
CA TYR B 62 -6.62 -24.00 -60.16
C TYR B 62 -5.54 -24.63 -59.29
N ALA B 63 -5.90 -24.98 -58.07
CA ALA B 63 -4.92 -25.41 -57.07
C ALA B 63 -5.07 -26.88 -56.66
N LEU B 64 -6.22 -27.26 -56.09
CA LEU B 64 -6.33 -28.55 -55.41
C LEU B 64 -7.03 -29.54 -56.32
N GLY B 65 -6.26 -30.12 -57.23
CA GLY B 65 -6.82 -31.08 -58.18
C GLY B 65 -7.87 -30.48 -59.08
N GLY B 66 -7.73 -29.21 -59.44
CA GLY B 66 -8.70 -28.56 -60.29
C GLY B 66 -9.98 -28.16 -59.61
N ALA B 67 -10.05 -28.22 -58.29
CA ALA B 67 -11.29 -27.96 -57.56
C ALA B 67 -11.41 -26.54 -57.04
N CYS B 68 -10.30 -25.83 -56.84
CA CYS B 68 -10.31 -24.50 -56.24
C CYS B 68 -9.68 -23.48 -57.18
N ARG B 69 -10.32 -22.32 -57.30
CA ARG B 69 -9.84 -21.23 -58.15
C ARG B 69 -8.82 -20.40 -57.40
N VAL B 70 -7.86 -19.85 -58.15
CA VAL B 70 -6.80 -19.01 -57.60
C VAL B 70 -6.93 -17.62 -58.22
N LEU B 71 -7.07 -16.60 -57.37
CA LEU B 71 -7.28 -15.24 -57.80
C LEU B 71 -6.19 -14.33 -57.23
N ALA B 72 -6.29 -13.04 -57.54
CA ALA B 72 -5.22 -12.10 -57.18
C ALA B 72 -5.15 -11.87 -55.68
N GLY B 73 -6.29 -11.59 -55.04
CA GLY B 73 -6.31 -11.31 -53.63
C GLY B 73 -6.09 -9.84 -53.30
N MET B 74 -6.04 -9.56 -52.01
CA MET B 74 -5.93 -8.21 -51.47
C MET B 74 -4.75 -8.13 -50.52
N PRO B 75 -4.04 -7.00 -50.50
CA PRO B 75 -2.87 -6.87 -49.60
C PRO B 75 -3.21 -6.66 -48.14
N ALA B 76 -4.46 -6.39 -47.79
CA ALA B 76 -4.85 -6.18 -46.41
C ALA B 76 -6.18 -6.89 -46.13
N PRO B 77 -6.41 -7.32 -44.89
CA PRO B 77 -5.50 -7.30 -43.74
C PRO B 77 -4.43 -8.38 -43.84
N LEU B 78 -3.32 -8.22 -43.12
CA LEU B 78 -2.25 -9.22 -43.16
C LEU B 78 -2.70 -10.51 -42.49
N GLY B 79 -2.22 -11.63 -43.01
CA GLY B 79 -2.57 -12.93 -42.49
C GLY B 79 -3.57 -13.65 -43.38
N ALA B 80 -4.32 -14.56 -42.77
CA ALA B 80 -5.33 -15.34 -43.46
C ALA B 80 -6.71 -14.93 -42.96
N THR B 81 -7.59 -14.56 -43.89
CA THR B 81 -8.94 -14.11 -43.57
C THR B 81 -9.93 -14.83 -44.47
N ALA B 82 -11.07 -15.21 -43.90
CA ALA B 82 -12.09 -15.98 -44.61
C ALA B 82 -13.19 -15.05 -45.09
N LEU B 83 -13.42 -15.03 -46.40
CA LEU B 83 -14.47 -14.21 -46.99
C LEU B 83 -14.78 -14.72 -48.39
N ASP B 84 -16.00 -14.47 -48.83
CA ASP B 84 -16.44 -14.74 -50.21
C ASP B 84 -16.21 -16.20 -50.59
N GLY B 85 -16.52 -17.10 -49.67
CA GLY B 85 -16.33 -18.52 -49.93
C GLY B 85 -14.89 -18.93 -50.16
N GLY B 86 -13.95 -18.30 -49.46
CA GLY B 86 -12.56 -18.62 -49.64
C GLY B 86 -11.70 -17.94 -48.59
N VAL B 87 -10.39 -18.02 -48.79
CA VAL B 87 -9.42 -17.45 -47.87
C VAL B 87 -8.49 -16.53 -48.66
N ASN B 88 -8.23 -15.35 -48.11
CA ASN B 88 -7.24 -14.43 -48.64
C ASN B 88 -5.97 -14.52 -47.79
N PHE B 89 -4.82 -14.60 -48.46
CA PHE B 89 -3.53 -14.69 -47.79
C PHE B 89 -2.72 -13.45 -48.15
N ALA B 90 -2.13 -12.80 -47.15
CA ALA B 90 -1.29 -11.63 -47.38
C ALA B 90 -0.11 -11.66 -46.41
N VAL B 91 1.10 -11.39 -46.92
CA VAL B 91 2.31 -11.45 -46.13
C VAL B 91 3.30 -10.41 -46.66
N TYR B 92 4.01 -9.76 -45.74
CA TYR B 92 4.97 -8.73 -46.08
C TYR B 92 6.35 -9.33 -46.29
N SER B 93 7.02 -8.93 -47.37
CA SER B 93 8.42 -9.32 -47.59
C SER B 93 9.05 -8.33 -48.56
N ALA B 94 9.98 -7.51 -48.06
CA ALA B 94 10.67 -6.55 -48.92
C ALA B 94 11.81 -7.19 -49.71
N GLY B 95 12.48 -8.18 -49.15
CA GLY B 95 13.68 -8.72 -49.76
C GLY B 95 13.49 -9.95 -50.61
N ALA B 96 12.31 -10.55 -50.56
CA ALA B 96 12.05 -11.76 -51.34
C ALA B 96 11.93 -11.42 -52.83
N SER B 97 12.45 -12.30 -53.67
CA SER B 97 12.31 -12.19 -55.11
C SER B 97 11.27 -13.14 -55.68
N ALA B 98 10.93 -14.20 -54.95
CA ALA B 98 9.85 -15.10 -55.33
C ALA B 98 9.19 -15.63 -54.07
N ALA B 99 7.94 -16.06 -54.20
CA ALA B 99 7.17 -16.54 -53.07
C ALA B 99 6.21 -17.63 -53.52
N SER B 100 5.88 -18.52 -52.59
CA SER B 100 4.97 -19.63 -52.87
C SER B 100 4.16 -19.93 -51.62
N LEU B 101 2.90 -20.34 -51.82
CA LEU B 101 2.04 -20.76 -50.72
C LEU B 101 2.02 -22.28 -50.65
N CYS B 102 2.26 -22.81 -49.46
CA CYS B 102 2.36 -24.25 -49.23
C CYS B 102 1.21 -24.69 -48.35
N LEU B 103 0.55 -25.78 -48.73
CA LEU B 103 -0.59 -26.30 -47.98
C LEU B 103 -0.29 -27.72 -47.52
N PHE B 104 -0.75 -28.04 -46.31
CA PHE B 104 -0.54 -29.35 -45.70
C PHE B 104 -1.88 -29.92 -45.25
N THR B 105 -2.06 -31.21 -45.45
CA THR B 105 -3.06 -31.93 -44.67
C THR B 105 -2.45 -32.33 -43.33
N PRO B 106 -3.27 -32.55 -42.30
CA PRO B 106 -2.70 -32.94 -41.01
C PRO B 106 -1.86 -34.21 -41.07
N ASP B 107 -2.21 -35.16 -41.94
CA ASP B 107 -1.40 -36.36 -42.09
C ASP B 107 -0.09 -36.06 -42.80
N ASP B 108 -0.11 -35.19 -43.80
CA ASP B 108 1.11 -34.89 -44.55
C ASP B 108 2.08 -34.03 -43.74
N LEU B 109 1.56 -33.22 -42.81
CA LEU B 109 2.44 -32.43 -41.95
C LEU B 109 3.27 -33.33 -41.04
N GLU B 110 2.66 -34.43 -40.55
CA GLU B 110 3.40 -35.37 -39.71
C GLU B 110 4.52 -36.04 -40.50
N ALA B 111 4.30 -36.32 -41.77
CA ALA B 111 5.29 -36.95 -42.62
C ALA B 111 6.30 -35.96 -43.21
N ASP B 112 6.17 -34.67 -42.90
CA ASP B 112 7.04 -33.62 -43.41
C ASP B 112 6.94 -33.44 -44.92
N GLU B 113 5.73 -33.53 -45.48
CA GLU B 113 5.52 -33.42 -46.91
C GLU B 113 4.52 -32.32 -47.22
N VAL B 114 4.84 -31.49 -48.21
CA VAL B 114 3.93 -30.46 -48.67
C VAL B 114 2.88 -31.07 -49.59
N THR B 115 1.61 -30.86 -49.26
CA THR B 115 0.52 -31.45 -50.04
C THR B 115 0.34 -30.72 -51.37
N GLU B 116 0.47 -29.40 -51.37
CA GLU B 116 0.22 -28.61 -52.57
C GLU B 116 1.02 -27.32 -52.51
N GLU B 117 1.53 -26.89 -53.66
CA GLU B 117 2.28 -25.65 -53.78
C GLU B 117 1.61 -24.75 -54.81
N VAL B 118 1.45 -23.48 -54.46
CA VAL B 118 0.87 -22.48 -55.35
C VAL B 118 1.89 -21.36 -55.55
N PRO B 119 2.57 -21.30 -56.68
CA PRO B 119 3.50 -20.19 -56.93
C PRO B 119 2.78 -18.86 -57.01
N LEU B 120 3.48 -17.81 -56.60
CA LEU B 120 2.93 -16.45 -56.61
C LEU B 120 3.55 -15.65 -57.74
N ASP B 121 2.70 -15.05 -58.57
CA ASP B 121 3.16 -14.27 -59.70
C ASP B 121 3.56 -12.86 -59.23
N PRO B 122 4.79 -12.42 -59.50
CA PRO B 122 5.19 -11.07 -59.07
C PRO B 122 4.39 -9.95 -59.69
N LEU B 123 3.68 -10.21 -60.80
CA LEU B 123 2.90 -9.16 -61.44
C LEU B 123 1.55 -8.98 -60.76
N PHE B 124 0.78 -10.07 -60.61
CA PHE B 124 -0.59 -10.00 -60.14
C PHE B 124 -0.74 -10.29 -58.65
N ASN B 125 0.23 -10.94 -58.03
CA ASN B 125 0.11 -11.37 -56.64
C ASN B 125 1.01 -10.54 -55.71
N ARG B 126 1.28 -9.29 -56.08
CA ARG B 126 2.17 -8.46 -55.29
C ARG B 126 1.80 -7.00 -55.46
N THR B 127 1.47 -6.34 -54.35
CA THR B 127 1.21 -4.91 -54.33
C THR B 127 2.21 -4.28 -53.37
N GLY B 128 3.14 -3.48 -53.90
CA GLY B 128 4.20 -2.94 -53.09
C GLY B 128 5.12 -4.02 -52.55
N ASN B 129 5.20 -4.14 -51.23
CA ASN B 129 6.00 -5.17 -50.58
C ASN B 129 5.14 -6.25 -49.94
N VAL B 130 3.89 -6.39 -50.37
CA VAL B 130 2.95 -7.37 -49.82
C VAL B 130 2.62 -8.38 -50.92
N TRP B 131 2.90 -9.65 -50.65
CA TRP B 131 2.45 -10.75 -51.51
C TRP B 131 1.06 -11.20 -51.05
N HIS B 132 0.19 -11.45 -52.02
CA HIS B 132 -1.17 -11.83 -51.68
C HIS B 132 -1.74 -12.77 -52.72
N VAL B 133 -2.74 -13.56 -52.31
CA VAL B 133 -3.40 -14.52 -53.19
C VAL B 133 -4.73 -14.89 -52.55
N PHE B 134 -5.69 -15.27 -53.39
CA PHE B 134 -7.00 -15.72 -52.93
C PHE B 134 -7.27 -17.13 -53.46
N ILE B 135 -7.81 -17.98 -52.59
CA ILE B 135 -8.19 -19.35 -52.93
C ILE B 135 -9.66 -19.52 -52.62
N GLU B 136 -10.41 -20.06 -53.58
CA GLU B 136 -11.85 -20.25 -53.42
C GLU B 136 -12.14 -21.71 -53.13
N GLY B 137 -12.67 -21.99 -51.95
CA GLY B 137 -12.99 -23.35 -51.58
C GLY B 137 -13.08 -23.51 -50.07
N GLU B 138 -13.04 -24.77 -49.63
CA GLU B 138 -13.11 -25.13 -48.22
C GLU B 138 -11.72 -25.56 -47.77
N LEU B 139 -11.01 -24.66 -47.10
CA LEU B 139 -9.62 -24.88 -46.72
C LEU B 139 -9.41 -24.99 -45.22
N HIS B 140 -10.47 -24.91 -44.41
CA HIS B 140 -10.30 -24.82 -42.97
C HIS B 140 -9.74 -26.10 -42.36
N ASN B 141 -9.75 -27.21 -43.07
CA ASN B 141 -9.15 -28.45 -42.59
C ASN B 141 -7.74 -28.65 -43.12
N MET B 142 -7.03 -27.57 -43.41
CA MET B 142 -5.67 -27.62 -43.93
C MET B 142 -4.82 -26.60 -43.16
N LEU B 143 -3.50 -26.74 -43.30
CA LEU B 143 -2.56 -25.82 -42.71
C LEU B 143 -1.67 -25.23 -43.80
N TYR B 144 -1.11 -24.05 -43.55
CA TYR B 144 -0.41 -23.32 -44.60
C TYR B 144 0.91 -22.78 -44.08
N GLY B 145 1.82 -22.56 -45.03
CA GLY B 145 3.11 -21.96 -44.78
C GLY B 145 3.60 -21.24 -46.03
N TYR B 146 4.81 -20.67 -45.98
CA TYR B 146 5.33 -19.91 -47.10
C TYR B 146 6.73 -20.37 -47.47
N ARG B 147 7.04 -20.25 -48.76
CA ARG B 147 8.37 -20.51 -49.29
C ARG B 147 8.85 -19.25 -49.99
N PHE B 148 10.07 -18.82 -49.68
CA PHE B 148 10.62 -17.59 -50.24
C PHE B 148 11.98 -17.84 -50.87
N ASP B 149 12.28 -17.05 -51.89
CA ASP B 149 13.55 -17.11 -52.59
C ASP B 149 14.19 -15.74 -52.57
N GLY B 150 15.51 -15.71 -52.59
CA GLY B 150 16.23 -14.44 -52.55
C GLY B 150 17.73 -14.62 -52.34
N MET B 151 18.35 -13.61 -51.74
CA MET B 151 19.78 -13.62 -51.50
C MET B 151 20.10 -14.28 -50.17
N PHE B 152 21.10 -15.16 -50.17
CA PHE B 152 21.63 -15.74 -48.95
C PHE B 152 23.00 -15.13 -48.67
N ALA B 153 23.06 -14.27 -47.68
CA ALA B 153 24.31 -13.62 -47.29
C ALA B 153 24.21 -13.22 -45.82
N PRO B 154 24.62 -14.09 -44.90
CA PRO B 154 24.54 -13.74 -43.48
C PRO B 154 25.37 -12.52 -43.12
N HIS B 155 26.40 -12.19 -43.90
CA HIS B 155 27.19 -10.98 -43.66
C HIS B 155 26.53 -9.73 -44.22
N CYS B 156 25.38 -9.85 -44.88
CA CYS B 156 24.52 -8.71 -45.19
C CYS B 156 23.16 -8.82 -44.51
N GLY B 157 22.96 -9.81 -43.64
CA GLY B 157 21.68 -9.96 -42.97
C GLY B 157 20.58 -10.59 -43.78
N GLN B 158 20.92 -11.41 -44.78
CA GLN B 158 19.93 -12.04 -45.65
C GLN B 158 19.99 -13.56 -45.45
N TYR B 159 18.83 -14.17 -45.25
CA TYR B 159 18.73 -15.59 -44.91
C TYR B 159 17.65 -16.28 -45.74
N PHE B 160 17.61 -16.00 -47.03
CA PHE B 160 16.61 -16.59 -47.91
C PHE B 160 17.09 -17.95 -48.40
N ASP B 161 16.21 -18.94 -48.31
CA ASP B 161 16.53 -20.31 -48.67
C ASP B 161 15.25 -21.02 -49.10
N VAL B 162 15.29 -21.64 -50.28
CA VAL B 162 14.08 -22.20 -50.87
C VAL B 162 13.64 -23.51 -50.25
N SER B 163 14.47 -24.14 -49.41
CA SER B 163 14.07 -25.40 -48.80
C SER B 163 13.37 -25.23 -47.46
N ASN B 164 13.25 -24.01 -46.96
CA ASN B 164 12.57 -23.75 -45.70
C ASN B 164 11.13 -23.34 -45.95
N VAL B 165 10.22 -23.93 -45.17
CA VAL B 165 8.82 -23.51 -45.13
C VAL B 165 8.62 -22.80 -43.79
N VAL B 166 8.36 -21.51 -43.85
CA VAL B 166 8.25 -20.69 -42.65
C VAL B 166 6.78 -20.47 -42.32
N VAL B 167 6.53 -20.06 -41.08
CA VAL B 167 5.18 -19.84 -40.58
C VAL B 167 4.86 -18.35 -40.65
N ASP B 168 3.66 -18.03 -41.11
CA ASP B 168 3.21 -16.65 -41.17
C ASP B 168 3.18 -16.05 -39.76
N PRO B 169 3.77 -14.86 -39.56
CA PRO B 169 3.72 -14.25 -38.22
C PRO B 169 2.31 -13.91 -37.75
N TYR B 170 1.34 -13.82 -38.65
CA TYR B 170 -0.03 -13.47 -38.31
C TYR B 170 -0.93 -14.69 -38.09
N ALA B 171 -0.36 -15.89 -38.10
CA ALA B 171 -1.16 -17.09 -37.90
C ALA B 171 -1.70 -17.15 -36.48
N LYS B 172 -2.94 -17.60 -36.34
CA LYS B 172 -3.61 -17.62 -35.05
C LYS B 172 -3.40 -18.92 -34.28
N ALA B 173 -2.87 -19.96 -34.92
CA ALA B 173 -2.51 -21.19 -34.23
C ALA B 173 -1.40 -21.88 -35.01
N VAL B 174 -0.44 -22.44 -34.30
CA VAL B 174 0.70 -23.12 -34.91
C VAL B 174 0.66 -24.57 -34.46
N ILE B 175 0.68 -25.49 -35.42
CA ILE B 175 0.53 -26.92 -35.18
C ILE B 175 1.90 -27.57 -35.33
N SER B 176 2.50 -27.96 -34.21
CA SER B 176 3.75 -28.71 -34.22
C SER B 176 3.61 -30.07 -33.54
N ARG B 177 3.18 -30.10 -32.29
CA ARG B 177 3.12 -31.31 -31.49
C ARG B 177 1.92 -31.22 -30.58
N GLY B 178 1.42 -32.37 -30.13
CA GLY B 178 0.19 -32.41 -29.38
C GLY B 178 0.33 -32.50 -27.87
N GLU B 179 1.41 -33.10 -27.37
CA GLU B 179 1.55 -33.40 -25.96
C GLU B 179 2.79 -32.72 -25.39
N TYR B 180 2.65 -32.22 -24.17
CA TYR B 180 3.74 -31.52 -23.51
C TYR B 180 4.87 -32.50 -23.17
N GLY B 181 6.09 -32.14 -23.58
CA GLY B 181 7.28 -32.89 -23.23
C GLY B 181 7.57 -34.10 -24.10
N VAL B 182 6.72 -34.43 -25.05
CA VAL B 182 6.87 -35.61 -25.89
C VAL B 182 7.39 -35.17 -27.25
N PRO B 183 8.53 -35.69 -27.70
CA PRO B 183 9.07 -35.28 -29.00
C PRO B 183 8.32 -35.93 -30.15
N GLY B 184 8.62 -35.47 -31.36
CA GLY B 184 8.08 -36.06 -32.56
C GLY B 184 8.75 -37.38 -32.89
N PRO B 185 8.30 -37.99 -33.97
CA PRO B 185 8.86 -39.29 -34.38
C PRO B 185 10.36 -39.22 -34.59
N GLY B 186 11.08 -40.13 -33.93
CA GLY B 186 12.52 -40.14 -34.01
C GLY B 186 13.22 -39.23 -33.01
N GLY B 187 12.54 -38.81 -31.96
CA GLY B 187 13.14 -37.90 -31.00
C GLY B 187 13.33 -36.50 -31.54
N ASP B 188 12.54 -36.11 -32.54
CA ASP B 188 12.67 -34.80 -33.17
C ASP B 188 12.10 -33.74 -32.24
N CYS B 189 12.94 -32.77 -31.85
CA CYS B 189 12.49 -31.69 -30.99
C CYS B 189 12.08 -30.44 -31.76
N TRP B 190 12.38 -30.37 -33.05
CA TRP B 190 11.99 -29.24 -33.90
C TRP B 190 11.36 -29.75 -35.18
N PRO B 191 10.18 -30.35 -35.10
CA PRO B 191 9.49 -30.80 -36.32
C PRO B 191 8.93 -29.61 -37.10
N GLN B 192 8.43 -29.93 -38.29
CA GLN B 192 7.89 -28.89 -39.17
C GLN B 192 6.62 -28.29 -38.58
N MET B 193 6.49 -26.97 -38.69
CA MET B 193 5.37 -26.22 -38.13
C MET B 193 4.57 -25.57 -39.25
N ALA B 194 3.26 -25.48 -39.04
CA ALA B 194 2.37 -24.86 -40.02
C ALA B 194 1.26 -24.12 -39.29
N GLY B 195 0.62 -23.20 -40.00
CA GLY B 195 -0.39 -22.34 -39.42
C GLY B 195 -1.82 -22.75 -39.76
N MET B 196 -2.73 -22.40 -38.86
CA MET B 196 -4.14 -22.75 -38.99
C MET B 196 -4.86 -21.80 -39.93
N ILE B 197 -5.78 -22.34 -40.72
CA ILE B 197 -6.58 -21.57 -41.66
C ILE B 197 -7.98 -21.37 -41.06
N PRO B 198 -8.52 -20.16 -41.05
CA PRO B 198 -9.74 -19.89 -40.31
C PRO B 198 -10.99 -20.45 -41.00
N LEU B 199 -12.10 -20.45 -40.21
CA LEU B 199 -13.51 -20.74 -40.51
C LEU B 199 -14.24 -19.45 -40.86
N PRO B 200 -15.29 -19.53 -41.69
CA PRO B 200 -16.03 -18.32 -42.06
C PRO B 200 -16.86 -17.71 -40.93
N TYR B 201 -17.01 -18.40 -39.81
CA TYR B 201 -17.84 -17.95 -38.71
C TYR B 201 -17.14 -18.21 -37.38
N SER B 202 -17.82 -17.87 -36.28
CA SER B 202 -17.29 -18.06 -34.93
C SER B 202 -17.98 -19.25 -34.26
N THR B 203 -17.25 -19.87 -33.34
CA THR B 203 -17.71 -21.11 -32.69
C THR B 203 -17.59 -21.00 -31.17
N PHE B 204 -17.60 -19.79 -30.62
CA PHE B 204 -17.52 -19.60 -29.18
C PHE B 204 -18.66 -18.70 -28.71
N ASP B 205 -19.27 -19.08 -27.59
CA ASP B 205 -20.36 -18.33 -26.99
C ASP B 205 -19.82 -17.62 -25.76
N TRP B 206 -19.81 -16.29 -25.79
CA TRP B 206 -19.35 -15.50 -24.65
C TRP B 206 -20.39 -15.36 -23.56
N GLN B 207 -21.66 -15.67 -23.85
CA GLN B 207 -22.75 -15.63 -22.87
C GLN B 207 -22.93 -14.23 -22.27
N GLY B 208 -22.74 -13.21 -23.10
CA GLY B 208 -23.00 -11.85 -22.68
C GLY B 208 -21.92 -11.18 -21.87
N ASP B 209 -20.69 -11.73 -21.86
CA ASP B 209 -19.62 -11.19 -21.05
C ASP B 209 -19.31 -9.74 -21.42
N LEU B 210 -19.20 -8.89 -20.40
CA LEU B 210 -18.88 -7.48 -20.53
C LEU B 210 -17.68 -7.13 -19.67
N PRO B 211 -16.85 -6.17 -20.10
CA PRO B 211 -15.64 -5.83 -19.33
C PRO B 211 -15.98 -5.31 -17.94
N LEU B 212 -15.16 -5.72 -16.97
CA LEU B 212 -15.40 -5.31 -15.59
C LEU B 212 -14.98 -3.87 -15.35
N ARG B 213 -13.88 -3.44 -15.98
CA ARG B 213 -13.39 -2.06 -15.90
C ARG B 213 -13.18 -1.62 -14.46
N TYR B 214 -12.48 -2.44 -13.69
CA TYR B 214 -12.15 -2.10 -12.33
C TYR B 214 -11.23 -0.89 -12.30
N PRO B 215 -11.45 0.06 -11.38
CA PRO B 215 -10.42 1.07 -11.13
C PRO B 215 -9.15 0.41 -10.61
N GLN B 216 -8.00 0.92 -11.04
CA GLN B 216 -6.74 0.24 -10.77
C GLN B 216 -6.41 0.21 -9.28
N LYS B 217 -6.82 1.22 -8.52
CA LYS B 217 -6.53 1.26 -7.10
C LYS B 217 -7.22 0.16 -6.31
N ASP B 218 -8.20 -0.53 -6.90
CA ASP B 218 -8.93 -1.60 -6.24
C ASP B 218 -8.40 -2.98 -6.57
N LEU B 219 -7.24 -3.09 -7.21
CA LEU B 219 -6.75 -4.37 -7.70
C LEU B 219 -5.83 -5.05 -6.70
N VAL B 220 -5.94 -6.38 -6.63
CA VAL B 220 -4.96 -7.24 -5.96
C VAL B 220 -4.55 -8.30 -6.98
N ILE B 221 -3.28 -8.29 -7.35
CA ILE B 221 -2.79 -9.06 -8.49
C ILE B 221 -2.14 -10.34 -8.00
N TYR B 222 -2.52 -11.46 -8.61
CA TYR B 222 -2.01 -12.79 -8.29
C TYR B 222 -1.28 -13.34 -9.50
N GLU B 223 0.04 -13.48 -9.39
CA GLU B 223 0.84 -14.02 -10.48
C GLU B 223 0.80 -15.55 -10.45
N MET B 224 0.42 -16.14 -11.58
CA MET B 224 0.15 -17.58 -11.67
C MET B 224 0.83 -18.17 -12.89
N HIS B 225 1.40 -19.36 -12.73
CA HIS B 225 1.87 -20.18 -13.83
C HIS B 225 0.78 -21.17 -14.20
N LEU B 226 0.41 -21.20 -15.49
CA LEU B 226 -0.77 -21.94 -15.92
C LEU B 226 -0.61 -23.44 -15.70
N ARG B 227 0.53 -24.00 -16.13
CA ARG B 227 0.73 -25.44 -15.98
C ARG B 227 0.97 -25.83 -14.53
N GLY B 228 1.80 -25.07 -13.82
CA GLY B 228 2.15 -25.41 -12.45
C GLY B 228 1.00 -25.26 -11.47
N PHE B 229 -0.06 -24.54 -11.85
CA PHE B 229 -1.17 -24.32 -10.93
C PHE B 229 -1.86 -25.62 -10.54
N THR B 230 -2.06 -26.53 -11.50
CA THR B 230 -2.82 -27.76 -11.23
C THR B 230 -2.07 -29.02 -11.69
N LYS B 231 -0.76 -28.94 -11.92
CA LYS B 231 -0.05 -30.10 -12.44
C LYS B 231 0.18 -31.16 -11.37
N HIS B 232 0.31 -30.77 -10.11
CA HIS B 232 0.55 -31.75 -9.06
C HIS B 232 -0.67 -32.63 -8.85
N SER B 233 -0.42 -33.86 -8.40
CA SER B 233 -1.48 -34.86 -8.27
C SER B 233 -2.53 -34.47 -7.24
N SER B 234 -2.19 -33.63 -6.26
CA SER B 234 -3.12 -33.27 -5.20
C SER B 234 -4.15 -32.23 -5.63
N SER B 235 -4.15 -31.80 -6.89
CA SER B 235 -5.15 -30.85 -7.34
C SER B 235 -6.50 -31.51 -7.55
N ASN B 236 -6.51 -32.80 -7.88
CA ASN B 236 -7.74 -33.58 -8.06
C ASN B 236 -8.66 -32.97 -9.12
N VAL B 237 -8.09 -32.54 -10.23
CA VAL B 237 -8.85 -32.00 -11.35
C VAL B 237 -8.79 -32.98 -12.50
N GLU B 238 -9.78 -32.87 -13.39
CA GLU B 238 -9.92 -33.84 -14.48
C GLU B 238 -8.76 -33.74 -15.48
N HIS B 239 -8.30 -32.53 -15.78
CA HIS B 239 -7.24 -32.30 -16.78
C HIS B 239 -6.14 -31.47 -16.14
N PRO B 240 -5.24 -32.10 -15.39
CA PRO B 240 -4.21 -31.34 -14.68
C PRO B 240 -3.23 -30.67 -15.64
N GLY B 241 -2.96 -29.39 -15.39
CA GLY B 241 -2.00 -28.64 -16.17
C GLY B 241 -2.53 -27.96 -17.40
N THR B 242 -3.84 -27.81 -17.53
CA THR B 242 -4.44 -27.23 -18.72
C THR B 242 -5.27 -25.99 -18.36
N TYR B 243 -5.78 -25.33 -19.40
CA TYR B 243 -6.65 -24.18 -19.19
C TYR B 243 -7.95 -24.59 -18.49
N ILE B 244 -8.52 -25.73 -18.88
CA ILE B 244 -9.74 -26.21 -18.26
C ILE B 244 -9.50 -26.62 -16.82
N GLY B 245 -8.33 -27.18 -16.51
CA GLY B 245 -8.03 -27.58 -15.16
C GLY B 245 -8.02 -26.43 -14.18
N ALA B 246 -7.57 -25.25 -14.63
CA ALA B 246 -7.49 -24.09 -13.76
C ALA B 246 -8.85 -23.50 -13.44
N ILE B 247 -9.88 -23.80 -14.22
CA ILE B 247 -11.20 -23.25 -13.98
C ILE B 247 -11.77 -23.78 -12.67
N SER B 248 -11.48 -25.03 -12.33
CA SER B 248 -11.94 -25.63 -11.08
C SER B 248 -11.41 -24.93 -9.84
N LYS B 249 -10.34 -24.17 -9.96
CA LYS B 249 -9.67 -23.59 -8.80
C LYS B 249 -9.83 -22.07 -8.72
N LEU B 250 -10.74 -21.49 -9.50
CA LEU B 250 -10.96 -20.05 -9.44
C LEU B 250 -11.73 -19.62 -8.19
N ASP B 251 -12.57 -20.51 -7.64
CA ASP B 251 -13.26 -20.18 -6.40
C ASP B 251 -12.29 -20.04 -5.23
N TYR B 252 -11.20 -20.80 -5.23
CA TYR B 252 -10.18 -20.64 -4.20
C TYR B 252 -9.53 -19.27 -4.29
N LEU B 253 -9.23 -18.80 -5.50
CA LEU B 253 -8.66 -17.47 -5.67
C LEU B 253 -9.66 -16.40 -5.24
N LYS B 254 -10.94 -16.60 -5.57
CA LYS B 254 -11.96 -15.64 -5.16
C LYS B 254 -12.08 -15.56 -3.64
N GLU B 255 -12.01 -16.70 -2.96
CA GLU B 255 -12.08 -16.68 -1.49
C GLU B 255 -10.79 -16.21 -0.86
N LEU B 256 -9.67 -16.24 -1.59
CA LEU B 256 -8.43 -15.69 -1.08
C LEU B 256 -8.45 -14.16 -1.05
N GLY B 257 -9.25 -13.55 -1.93
CA GLY B 257 -9.36 -12.11 -1.98
C GLY B 257 -8.76 -11.43 -3.19
N VAL B 258 -8.27 -12.19 -4.16
CA VAL B 258 -7.70 -11.62 -5.37
C VAL B 258 -8.83 -11.36 -6.36
N ASN B 259 -8.65 -10.34 -7.20
CA ASN B 259 -9.59 -10.03 -8.26
C ASN B 259 -8.92 -9.83 -9.60
N CYS B 260 -7.63 -10.16 -9.71
CA CYS B 260 -6.91 -10.08 -10.98
C CYS B 260 -5.81 -11.13 -10.97
N VAL B 261 -5.65 -11.82 -12.09
CA VAL B 261 -4.65 -12.86 -12.25
C VAL B 261 -3.73 -12.49 -13.39
N GLU B 262 -2.43 -12.50 -13.12
CA GLU B 262 -1.42 -12.28 -14.14
C GLU B 262 -0.84 -13.63 -14.57
N LEU B 263 -1.04 -13.98 -15.82
CA LEU B 263 -0.59 -15.27 -16.34
C LEU B 263 0.85 -15.14 -16.84
N MET B 264 1.68 -16.11 -16.47
CA MET B 264 3.02 -16.22 -17.05
C MET B 264 2.87 -16.58 -18.53
N PRO B 265 3.92 -16.31 -19.36
CA PRO B 265 3.77 -16.36 -20.81
C PRO B 265 2.94 -17.52 -21.36
N CYS B 266 1.84 -17.18 -22.04
CA CYS B 266 0.93 -18.17 -22.62
C CYS B 266 0.94 -18.16 -24.14
N HIS B 267 1.84 -17.40 -24.76
CA HIS B 267 2.04 -17.51 -26.19
C HIS B 267 2.76 -18.81 -26.52
N GLU B 268 2.60 -19.27 -27.76
CA GLU B 268 3.17 -20.53 -28.18
C GLU B 268 4.70 -20.51 -28.09
N PHE B 269 5.26 -21.56 -27.49
CA PHE B 269 6.71 -21.68 -27.36
C PHE B 269 7.09 -23.15 -27.38
N ASN B 270 8.38 -23.41 -27.60
CA ASN B 270 8.92 -24.77 -27.62
C ASN B 270 9.52 -25.08 -26.26
N GLU B 271 8.89 -25.99 -25.53
CA GLU B 271 9.39 -26.43 -24.23
C GLU B 271 10.50 -27.45 -24.35
N LEU B 272 10.79 -27.94 -25.56
CA LEU B 272 11.91 -28.85 -25.81
C LEU B 272 13.04 -28.15 -26.56
N GLU B 273 13.12 -26.82 -26.47
CA GLU B 273 13.96 -26.06 -27.39
C GLU B 273 15.44 -26.36 -27.18
N TYR B 274 15.88 -26.58 -25.94
CA TYR B 274 17.24 -27.00 -25.71
C TYR B 274 17.26 -28.33 -24.96
N PHE B 275 16.44 -29.27 -25.42
CA PHE B 275 16.39 -30.61 -24.82
C PHE B 275 17.44 -31.55 -25.40
N SER B 276 17.91 -31.30 -26.63
CA SER B 276 18.93 -32.17 -27.21
C SER B 276 20.26 -32.01 -26.49
N CYS B 277 20.82 -30.80 -26.50
CA CYS B 277 21.90 -30.47 -25.58
C CYS B 277 21.34 -30.43 -24.17
N SER B 278 22.12 -30.90 -23.22
CA SER B 278 21.66 -31.11 -21.84
C SER B 278 20.36 -31.91 -21.88
N SER B 279 19.53 -31.79 -20.84
CA SER B 279 18.25 -32.51 -20.84
C SER B 279 17.12 -31.69 -20.23
N LYS B 280 17.31 -30.39 -20.02
CA LYS B 280 16.37 -29.56 -19.31
C LYS B 280 15.24 -29.08 -20.21
N MET B 281 14.09 -28.81 -19.58
CA MET B 281 12.96 -28.21 -20.26
C MET B 281 13.04 -26.70 -20.21
N ASN B 282 12.16 -26.04 -20.97
CA ASN B 282 11.93 -24.61 -20.85
C ASN B 282 10.55 -24.44 -20.21
N PHE B 283 10.53 -24.21 -18.89
CA PHE B 283 9.30 -24.22 -18.13
C PHE B 283 8.58 -22.88 -18.09
N TRP B 284 9.31 -21.77 -17.98
CA TRP B 284 8.67 -20.46 -17.87
C TRP B 284 8.12 -19.98 -19.20
N GLY B 285 8.78 -20.31 -20.31
CA GLY B 285 8.28 -19.96 -21.62
C GLY B 285 8.60 -18.57 -22.11
N TYR B 286 9.76 -18.03 -21.76
CA TYR B 286 10.17 -16.72 -22.26
C TYR B 286 10.96 -16.82 -23.55
N SER B 287 10.41 -17.56 -24.52
CA SER B 287 11.01 -17.69 -25.86
C SER B 287 9.87 -17.93 -26.84
N THR B 288 9.33 -16.85 -27.40
CA THR B 288 8.10 -16.92 -28.15
C THR B 288 8.35 -17.29 -29.61
N ILE B 289 7.50 -18.15 -30.15
CA ILE B 289 7.53 -18.53 -31.55
C ILE B 289 6.52 -17.72 -32.36
N ASN B 290 5.27 -17.66 -31.89
CA ASN B 290 4.23 -16.89 -32.56
C ASN B 290 3.47 -16.08 -31.53
N PHE B 291 3.33 -14.78 -31.78
CA PHE B 291 2.70 -13.86 -30.85
C PHE B 291 1.18 -13.84 -30.93
N PHE B 292 0.61 -14.39 -32.00
CA PHE B 292 -0.84 -14.40 -32.17
C PHE B 292 -1.50 -15.68 -31.65
N SER B 293 -0.71 -16.64 -31.18
CA SER B 293 -1.25 -17.96 -30.87
C SER B 293 -1.10 -18.28 -29.39
N PRO B 294 -2.04 -19.06 -28.83
CA PRO B 294 -1.85 -19.59 -27.49
C PRO B 294 -0.90 -20.79 -27.50
N MET B 295 -0.43 -21.15 -26.31
CA MET B 295 0.38 -22.35 -26.16
C MET B 295 -0.54 -23.57 -26.25
N ILE B 296 -0.42 -24.32 -27.35
CA ILE B 296 -1.34 -25.43 -27.60
C ILE B 296 -1.12 -26.56 -26.59
N ARG B 297 0.12 -26.78 -26.16
CA ARG B 297 0.40 -27.84 -25.21
C ARG B 297 0.03 -27.47 -23.77
N TYR B 298 -0.62 -26.33 -23.56
CA TYR B 298 -1.30 -26.02 -22.32
C TYR B 298 -2.78 -26.35 -22.36
N SER B 299 -3.23 -26.98 -23.44
CA SER B 299 -4.63 -27.31 -23.66
C SER B 299 -4.82 -28.82 -23.56
N SER B 300 -6.03 -29.22 -23.17
CA SER B 300 -6.33 -30.65 -23.03
C SER B 300 -6.66 -31.32 -24.36
N GLY B 301 -6.98 -30.55 -25.39
CA GLY B 301 -7.27 -31.11 -26.70
C GLY B 301 -6.02 -31.43 -27.49
N GLY B 302 -5.07 -30.49 -27.52
CA GLY B 302 -3.87 -30.66 -28.31
C GLY B 302 -3.99 -30.01 -29.67
N ILE B 303 -3.74 -30.79 -30.72
CA ILE B 303 -3.86 -30.29 -32.08
C ILE B 303 -5.21 -30.70 -32.71
N ARG B 304 -6.19 -31.06 -31.88
CA ARG B 304 -7.49 -31.46 -32.39
C ARG B 304 -8.20 -30.28 -33.04
N ASN B 305 -8.77 -30.53 -34.22
CA ASN B 305 -9.45 -29.52 -35.01
C ASN B 305 -8.52 -28.36 -35.38
N CYS B 306 -7.23 -28.67 -35.47
CA CYS B 306 -6.21 -27.73 -35.96
C CYS B 306 -6.09 -26.50 -35.07
N GLY B 307 -6.14 -26.67 -33.75
CA GLY B 307 -5.94 -25.58 -32.82
C GLY B 307 -7.20 -24.87 -32.38
N ARG B 308 -8.34 -25.15 -33.01
CA ARG B 308 -9.59 -24.52 -32.62
C ARG B 308 -9.97 -24.88 -31.18
N ASP B 309 -9.73 -26.13 -30.80
CA ASP B 309 -10.05 -26.56 -29.44
C ASP B 309 -9.20 -25.82 -28.41
N ALA B 310 -7.91 -25.63 -28.70
CA ALA B 310 -7.04 -24.88 -27.80
C ALA B 310 -7.49 -23.43 -27.67
N ILE B 311 -7.82 -22.80 -28.80
CA ILE B 311 -8.29 -21.42 -28.77
C ILE B 311 -9.57 -21.31 -27.94
N ASN B 312 -10.51 -22.24 -28.16
CA ASN B 312 -11.76 -22.24 -27.42
C ASN B 312 -11.54 -22.52 -25.94
N GLU B 313 -10.56 -23.35 -25.59
CA GLU B 313 -10.27 -23.59 -24.18
C GLU B 313 -9.73 -22.34 -23.49
N PHE B 314 -8.85 -21.60 -24.18
CA PHE B 314 -8.39 -20.34 -23.61
C PHE B 314 -9.55 -19.37 -23.42
N LYS B 315 -10.44 -19.28 -24.41
CA LYS B 315 -11.59 -18.41 -24.28
C LYS B 315 -12.50 -18.85 -23.13
N THR B 316 -12.66 -20.17 -22.94
CA THR B 316 -13.44 -20.67 -21.82
C THR B 316 -12.83 -20.27 -20.49
N PHE B 317 -11.50 -20.36 -20.38
CA PHE B 317 -10.84 -19.92 -19.15
C PHE B 317 -11.11 -18.45 -18.88
N VAL B 318 -10.99 -17.62 -19.92
CA VAL B 318 -11.21 -16.17 -19.74
C VAL B 318 -12.66 -15.90 -19.32
N ARG B 319 -13.62 -16.55 -19.98
CA ARG B 319 -15.03 -16.34 -19.67
C ARG B 319 -15.35 -16.77 -18.24
N GLU B 320 -14.84 -17.93 -17.82
CA GLU B 320 -15.08 -18.39 -16.46
C GLU B 320 -14.42 -17.49 -15.43
N ALA B 321 -13.24 -16.94 -15.73
CA ALA B 321 -12.63 -15.98 -14.81
C ALA B 321 -13.46 -14.71 -14.69
N HIS B 322 -13.96 -14.20 -15.82
CA HIS B 322 -14.76 -12.97 -15.77
C HIS B 322 -16.09 -13.18 -15.07
N LYS B 323 -16.68 -14.38 -15.20
CA LYS B 323 -17.96 -14.64 -14.56
C LYS B 323 -17.86 -14.59 -13.04
N ARG B 324 -16.68 -14.85 -12.48
CA ARG B 324 -16.47 -14.79 -11.04
C ARG B 324 -15.90 -13.46 -10.56
N GLY B 325 -15.82 -12.46 -11.44
CA GLY B 325 -15.30 -11.16 -11.06
C GLY B 325 -13.79 -11.04 -11.02
N ILE B 326 -13.07 -11.83 -11.82
CA ILE B 326 -11.62 -11.80 -11.86
C ILE B 326 -11.16 -11.33 -13.23
N GLU B 327 -10.29 -10.34 -13.25
CA GLU B 327 -9.67 -9.86 -14.48
C GLU B 327 -8.44 -10.69 -14.83
N VAL B 328 -8.03 -10.61 -16.09
CA VAL B 328 -6.90 -11.38 -16.61
C VAL B 328 -5.91 -10.43 -17.25
N ILE B 329 -4.65 -10.52 -16.83
CA ILE B 329 -3.55 -9.77 -17.43
C ILE B 329 -2.55 -10.77 -18.00
N MET B 330 -2.11 -10.52 -19.23
CA MET B 330 -1.22 -11.42 -19.95
C MET B 330 0.21 -10.93 -19.93
N ASP B 331 1.14 -11.84 -19.66
CA ASP B 331 2.57 -11.60 -19.86
C ASP B 331 2.90 -11.71 -21.35
N VAL B 332 3.60 -10.72 -21.88
CA VAL B 332 4.02 -10.72 -23.28
C VAL B 332 5.52 -10.44 -23.33
N VAL B 333 6.21 -11.15 -24.22
CA VAL B 333 7.66 -11.06 -24.36
C VAL B 333 7.93 -10.63 -25.79
N PHE B 334 7.99 -9.31 -26.02
CA PHE B 334 8.17 -8.74 -27.35
C PHE B 334 9.61 -8.34 -27.63
N ASN B 335 10.54 -8.63 -26.72
CA ASN B 335 11.90 -8.12 -26.84
C ASN B 335 12.85 -9.06 -27.55
N HIS B 336 12.44 -10.30 -27.86
CA HIS B 336 13.28 -11.22 -28.60
C HIS B 336 12.41 -12.36 -29.13
N THR B 337 13.06 -13.37 -29.70
CA THR B 337 12.37 -14.44 -30.42
C THR B 337 13.15 -15.74 -30.23
N ALA B 338 12.43 -16.86 -30.32
CA ALA B 338 13.00 -18.19 -30.15
C ALA B 338 14.00 -18.56 -31.24
N GLU B 339 14.17 -17.71 -32.25
CA GLU B 339 15.08 -18.01 -33.35
C GLU B 339 16.54 -17.77 -33.01
N GLY B 340 16.83 -17.05 -31.92
CA GLY B 340 18.19 -16.91 -31.45
C GLY B 340 19.09 -16.10 -32.38
N ASN B 341 20.38 -16.38 -32.29
CA ASN B 341 21.39 -15.72 -33.11
C ASN B 341 21.54 -16.48 -34.43
N GLU B 342 22.63 -16.20 -35.15
CA GLU B 342 22.82 -16.75 -36.49
C GLU B 342 22.92 -18.28 -36.48
N LYS B 343 23.16 -18.89 -35.33
CA LYS B 343 23.20 -20.34 -35.23
C LYS B 343 21.86 -20.97 -34.86
N GLY B 344 20.82 -20.17 -34.66
CA GLY B 344 19.53 -20.66 -34.26
C GLY B 344 18.67 -21.12 -35.42
N PRO B 345 17.51 -21.70 -35.11
CA PRO B 345 16.62 -22.21 -36.16
C PRO B 345 15.89 -21.09 -36.89
N ILE B 346 15.48 -21.41 -38.11
CA ILE B 346 14.71 -20.50 -38.96
C ILE B 346 13.25 -20.96 -38.92
N LEU B 347 12.41 -20.22 -38.21
CA LEU B 347 11.00 -20.60 -38.06
C LEU B 347 10.05 -19.61 -38.70
N SER B 348 10.05 -18.35 -38.26
CA SER B 348 9.10 -17.37 -38.77
C SER B 348 9.77 -16.16 -39.41
N PHE B 349 10.59 -15.41 -38.67
CA PHE B 349 10.93 -14.05 -39.09
C PHE B 349 12.20 -14.01 -39.91
N ARG B 350 13.20 -14.82 -39.56
CA ARG B 350 14.47 -14.79 -40.26
C ARG B 350 14.33 -15.20 -41.72
N GLY B 351 13.38 -16.08 -42.02
CA GLY B 351 13.12 -16.50 -43.38
C GLY B 351 12.23 -15.58 -44.19
N ILE B 352 11.78 -14.46 -43.62
CA ILE B 352 10.92 -13.51 -44.32
C ILE B 352 11.63 -12.16 -44.51
N ASP B 353 11.98 -11.48 -43.41
CA ASP B 353 12.76 -10.24 -43.51
C ASP B 353 13.60 -10.11 -42.24
N ASN B 354 14.82 -10.66 -42.31
CA ASN B 354 15.69 -10.67 -41.14
C ASN B 354 16.15 -9.26 -40.78
N SER B 355 16.59 -8.48 -41.77
CA SER B 355 17.07 -7.13 -41.49
C SER B 355 15.95 -6.19 -41.06
N THR B 356 14.69 -6.53 -41.35
CA THR B 356 13.58 -5.72 -40.88
C THR B 356 13.18 -6.09 -39.45
N TYR B 357 13.09 -7.38 -39.14
CA TYR B 357 12.55 -7.79 -37.86
C TYR B 357 13.55 -7.80 -36.72
N TYR B 358 14.85 -7.70 -37.00
CA TYR B 358 15.87 -7.76 -35.96
C TYR B 358 16.82 -6.57 -36.06
N MET B 359 17.38 -6.20 -34.91
CA MET B 359 18.34 -5.10 -34.84
C MET B 359 19.73 -5.64 -35.18
N LEU B 360 20.37 -5.05 -36.19
CA LEU B 360 21.59 -5.58 -36.76
C LEU B 360 22.71 -4.55 -36.72
N ALA B 361 23.92 -5.03 -36.50
CA ALA B 361 25.12 -4.22 -36.53
C ALA B 361 25.57 -3.99 -37.97
N PRO B 362 26.57 -3.10 -38.20
CA PRO B 362 27.09 -2.90 -39.56
C PRO B 362 27.46 -4.19 -40.28
N LYS B 363 28.30 -5.02 -39.67
CA LYS B 363 28.69 -6.27 -40.32
C LYS B 363 27.53 -7.23 -40.48
N GLY B 364 26.53 -7.18 -39.61
CA GLY B 364 25.37 -8.04 -39.73
C GLY B 364 25.28 -9.10 -38.64
N GLU B 365 25.83 -8.80 -37.47
CA GLU B 365 25.68 -9.66 -36.31
C GLU B 365 24.63 -9.06 -35.38
N PHE B 366 24.03 -9.90 -34.56
CA PHE B 366 22.83 -9.54 -33.82
C PHE B 366 23.18 -8.85 -32.52
N TYR B 367 22.59 -7.68 -32.29
CA TYR B 367 22.67 -7.03 -30.99
C TYR B 367 22.00 -7.91 -29.94
N ASN B 368 22.59 -7.94 -28.75
CA ASN B 368 22.08 -8.76 -27.65
C ASN B 368 21.79 -7.86 -26.46
N TYR B 369 20.62 -7.23 -26.48
CA TYR B 369 20.17 -6.41 -25.37
C TYR B 369 19.22 -7.15 -24.44
N SER B 370 18.60 -8.24 -24.90
CA SER B 370 17.78 -9.08 -24.06
C SER B 370 18.56 -10.18 -23.36
N GLY B 371 19.79 -10.44 -23.79
CA GLY B 371 20.56 -11.53 -23.22
C GLY B 371 20.06 -12.91 -23.60
N CYS B 372 19.37 -13.03 -24.73
CA CYS B 372 18.80 -14.30 -25.16
C CYS B 372 19.20 -14.71 -26.57
N GLY B 373 19.93 -13.88 -27.31
CA GLY B 373 20.43 -14.25 -28.62
C GLY B 373 20.16 -13.24 -29.71
N ASN B 374 18.98 -12.63 -29.71
CA ASN B 374 18.64 -11.60 -30.67
C ASN B 374 17.86 -10.50 -29.96
N THR B 375 17.40 -9.52 -30.73
CA THR B 375 16.61 -8.41 -30.22
C THR B 375 15.61 -7.99 -31.28
N PHE B 376 14.34 -7.90 -30.89
CA PHE B 376 13.29 -7.51 -31.83
C PHE B 376 13.40 -6.02 -32.14
N ASN B 377 13.19 -5.69 -33.42
CA ASN B 377 13.33 -4.32 -33.91
C ASN B 377 12.02 -3.56 -33.68
N CYS B 378 11.78 -3.25 -32.40
CA CYS B 378 10.45 -2.85 -31.95
C CYS B 378 9.98 -1.54 -32.61
N ASN B 379 10.89 -0.59 -32.81
CA ASN B 379 10.52 0.73 -33.28
C ASN B 379 10.60 0.89 -34.79
N HIS B 380 10.87 -0.19 -35.53
CA HIS B 380 10.68 -0.16 -36.97
C HIS B 380 9.19 -0.03 -37.27
N PRO B 381 8.79 0.76 -38.28
CA PRO B 381 7.35 0.99 -38.52
C PRO B 381 6.54 -0.28 -38.77
N VAL B 382 7.10 -1.23 -39.54
CA VAL B 382 6.37 -2.48 -39.80
C VAL B 382 6.18 -3.27 -38.51
N VAL B 383 7.23 -3.35 -37.70
CA VAL B 383 7.13 -4.05 -36.41
C VAL B 383 6.17 -3.31 -35.48
N ARG B 384 6.13 -1.98 -35.56
CA ARG B 384 5.18 -1.21 -34.77
C ARG B 384 3.75 -1.60 -35.12
N GLU B 385 3.42 -1.62 -36.41
CA GLU B 385 2.09 -2.04 -36.84
C GLU B 385 1.79 -3.46 -36.37
N PHE B 386 2.77 -4.35 -36.48
CA PHE B 386 2.56 -5.74 -36.10
C PHE B 386 2.23 -5.87 -34.62
N ILE B 387 3.01 -5.20 -33.76
CA ILE B 387 2.81 -5.31 -32.32
C ILE B 387 1.48 -4.70 -31.92
N VAL B 388 1.13 -3.55 -32.48
CA VAL B 388 -0.16 -2.93 -32.14
C VAL B 388 -1.31 -3.83 -32.58
N ASP B 389 -1.20 -4.42 -33.77
CA ASP B 389 -2.24 -5.34 -34.24
C ASP B 389 -2.38 -6.54 -33.32
N CYS B 390 -1.26 -7.08 -32.84
CA CYS B 390 -1.32 -8.25 -31.96
C CYS B 390 -2.01 -7.90 -30.64
N LEU B 391 -1.66 -6.77 -30.04
CA LEU B 391 -2.28 -6.38 -28.78
C LEU B 391 -3.77 -6.11 -28.96
N ARG B 392 -4.14 -5.42 -30.04
CA ARG B 392 -5.56 -5.18 -30.31
C ARG B 392 -6.30 -6.48 -30.53
N TYR B 393 -5.69 -7.45 -31.22
CA TYR B 393 -6.34 -8.73 -31.45
C TYR B 393 -6.62 -9.43 -30.13
N TRP B 394 -5.63 -9.48 -29.24
CA TRP B 394 -5.86 -10.16 -27.97
C TRP B 394 -6.96 -9.47 -27.18
N VAL B 395 -6.95 -8.14 -27.16
CA VAL B 395 -7.96 -7.40 -26.39
C VAL B 395 -9.36 -7.66 -26.95
N THR B 396 -9.54 -7.58 -28.27
CA THR B 396 -10.88 -7.60 -28.82
C THR B 396 -11.40 -9.00 -29.11
N GLU B 397 -10.53 -10.00 -29.24
CA GLU B 397 -11.00 -11.35 -29.52
C GLU B 397 -10.92 -12.28 -28.33
N MET B 398 -9.97 -12.08 -27.42
CA MET B 398 -9.87 -12.96 -26.26
C MET B 398 -10.25 -12.25 -24.97
N HIS B 399 -10.68 -11.00 -25.04
CA HIS B 399 -11.25 -10.25 -23.91
C HIS B 399 -10.25 -10.08 -22.77
N VAL B 400 -8.98 -9.95 -23.12
CA VAL B 400 -7.93 -9.76 -22.12
C VAL B 400 -7.97 -8.33 -21.62
N ASP B 401 -7.82 -8.16 -20.31
CA ASP B 401 -7.99 -6.86 -19.68
C ASP B 401 -6.72 -6.01 -19.63
N GLY B 402 -5.55 -6.59 -19.86
CA GLY B 402 -4.33 -5.80 -19.79
C GLY B 402 -3.12 -6.66 -20.06
N PHE B 403 -1.98 -6.00 -20.12
CA PHE B 403 -0.72 -6.63 -20.47
C PHE B 403 0.39 -6.21 -19.53
N ARG B 404 1.38 -7.09 -19.38
CA ARG B 404 2.62 -6.80 -18.66
C ARG B 404 3.78 -7.13 -19.59
N PHE B 405 4.65 -6.15 -19.81
CA PHE B 405 5.70 -6.25 -20.81
C PHE B 405 7.02 -6.61 -20.16
N ASP B 406 7.64 -7.68 -20.64
CA ASP B 406 8.92 -8.16 -20.13
C ASP B 406 10.06 -7.41 -20.80
N LEU B 407 11.03 -6.97 -19.99
CA LEU B 407 12.20 -6.22 -20.46
C LEU B 407 11.77 -5.03 -21.33
N ALA B 408 10.93 -4.17 -20.75
CA ALA B 408 10.25 -3.14 -21.52
C ALA B 408 11.17 -2.01 -21.95
N SER B 409 12.37 -1.90 -21.38
CA SER B 409 13.29 -0.85 -21.79
C SER B 409 13.77 -1.03 -23.22
N ILE B 410 13.76 -2.27 -23.72
CA ILE B 410 14.15 -2.53 -25.11
C ILE B 410 13.21 -1.82 -26.07
N MET B 411 11.94 -1.68 -25.69
CA MET B 411 10.96 -1.00 -26.54
C MET B 411 11.16 0.51 -26.62
N THR B 412 12.17 1.06 -25.95
CA THR B 412 12.50 2.48 -26.05
C THR B 412 13.79 2.73 -26.81
N ARG B 413 14.48 1.69 -27.28
CA ARG B 413 15.72 1.87 -28.00
C ARG B 413 15.46 2.24 -29.46
N GLY B 414 16.35 3.07 -30.01
CA GLY B 414 16.13 3.62 -31.34
C GLY B 414 16.35 2.61 -32.44
N CYS B 415 15.71 2.87 -33.58
CA CYS B 415 15.85 2.07 -34.78
C CYS B 415 16.98 2.61 -35.65
N SER B 416 17.59 1.71 -36.43
CA SER B 416 18.71 2.07 -37.30
C SER B 416 18.28 2.89 -38.52
N LEU B 417 16.98 3.03 -38.77
CA LEU B 417 16.51 3.77 -39.93
C LEU B 417 16.76 5.27 -39.82
N TRP B 418 17.15 5.77 -38.64
CA TRP B 418 17.36 7.19 -38.45
C TRP B 418 18.83 7.57 -38.44
N ASP B 419 19.69 6.71 -38.96
CA ASP B 419 21.09 7.08 -39.12
C ASP B 419 21.25 8.01 -40.32
N PRO B 420 22.21 8.94 -40.25
CA PRO B 420 22.39 9.88 -41.37
C PRO B 420 22.72 9.22 -42.70
N VAL B 421 23.18 7.97 -42.70
CA VAL B 421 23.43 7.28 -43.96
C VAL B 421 22.11 6.95 -44.66
N ASN B 422 21.12 6.49 -43.89
CA ASN B 422 19.85 6.06 -44.49
C ASN B 422 18.97 7.25 -44.85
N VAL B 423 18.68 8.11 -43.88
CA VAL B 423 18.04 9.40 -44.15
C VAL B 423 19.14 10.40 -44.44
N TYR B 424 19.04 11.08 -45.59
CA TYR B 424 20.15 11.84 -46.19
C TYR B 424 21.26 10.90 -46.63
N THR B 433 23.46 9.54 -32.65
CA THR B 433 22.22 8.79 -32.53
C THR B 433 22.20 7.56 -33.46
N THR B 434 22.69 6.45 -32.94
CA THR B 434 22.81 5.20 -33.68
C THR B 434 21.77 4.20 -33.20
N THR B 435 21.85 2.98 -33.71
CA THR B 435 20.93 1.92 -33.32
C THR B 435 21.03 1.64 -31.83
N GLY B 436 19.87 1.49 -31.18
CA GLY B 436 19.80 1.11 -29.79
C GLY B 436 19.95 2.22 -28.79
N THR B 437 20.01 3.48 -29.22
CA THR B 437 20.09 4.58 -28.28
C THR B 437 18.71 4.85 -27.69
N PRO B 438 18.58 4.91 -26.36
CA PRO B 438 17.27 5.16 -25.76
C PRO B 438 16.69 6.50 -26.18
N LEU B 439 15.37 6.53 -26.35
CA LEU B 439 14.65 7.71 -26.80
C LEU B 439 13.73 8.23 -25.71
N ALA B 440 13.42 9.53 -25.77
CA ALA B 440 12.48 10.12 -24.82
C ALA B 440 11.03 9.96 -25.29
N THR B 441 10.82 9.90 -26.60
CA THR B 441 9.49 9.67 -27.17
C THR B 441 9.61 8.57 -28.21
N PRO B 442 9.67 7.32 -27.77
CA PRO B 442 9.70 6.21 -28.73
C PRO B 442 8.36 6.06 -29.43
N PRO B 443 8.36 5.88 -30.76
CA PRO B 443 7.09 5.83 -31.49
C PRO B 443 6.17 4.68 -31.09
N LEU B 444 6.72 3.54 -30.66
CA LEU B 444 5.86 2.41 -30.30
C LEU B 444 5.09 2.67 -29.01
N ILE B 445 5.76 3.24 -28.00
CA ILE B 445 5.07 3.57 -26.77
C ILE B 445 4.03 4.66 -27.02
N ASP B 446 4.35 5.61 -27.89
CA ASP B 446 3.38 6.63 -28.27
C ASP B 446 2.16 6.01 -28.94
N MET B 447 2.38 5.03 -29.81
CA MET B 447 1.26 4.37 -30.48
C MET B 447 0.42 3.55 -29.50
N ILE B 448 1.05 2.90 -28.53
CA ILE B 448 0.30 2.08 -27.58
C ILE B 448 -0.51 2.95 -26.63
N SER B 449 0.10 4.01 -26.10
CA SER B 449 -0.59 4.82 -25.09
C SER B 449 -1.78 5.57 -25.66
N ASN B 450 -1.69 6.01 -26.92
CA ASN B 450 -2.73 6.83 -27.53
C ASN B 450 -3.61 6.05 -28.50
N ASP B 451 -3.56 4.72 -28.45
CA ASP B 451 -4.43 3.91 -29.30
C ASP B 451 -5.89 4.09 -28.86
N PRO B 452 -6.83 4.10 -29.81
CA PRO B 452 -8.25 4.21 -29.43
C PRO B 452 -8.73 3.10 -28.53
N ILE B 453 -8.18 1.90 -28.65
CA ILE B 453 -8.58 0.76 -27.82
C ILE B 453 -7.57 0.48 -26.71
N LEU B 454 -6.28 0.43 -27.06
CA LEU B 454 -5.26 0.06 -26.09
C LEU B 454 -5.01 1.13 -25.04
N GLY B 455 -5.41 2.37 -25.31
CA GLY B 455 -5.18 3.44 -24.36
C GLY B 455 -5.98 3.35 -23.08
N ASP B 456 -7.00 2.50 -23.03
CA ASP B 456 -7.89 2.39 -21.88
C ASP B 456 -7.75 1.07 -21.15
N VAL B 457 -6.69 0.32 -21.38
CA VAL B 457 -6.47 -0.94 -20.70
C VAL B 457 -5.26 -0.79 -19.77
N LYS B 458 -4.97 -1.85 -19.02
CA LYS B 458 -3.87 -1.82 -18.06
C LYS B 458 -2.56 -2.12 -18.76
N LEU B 459 -1.59 -1.23 -18.60
CA LEU B 459 -0.26 -1.37 -19.20
C LEU B 459 0.78 -1.29 -18.10
N ILE B 460 1.55 -2.37 -17.93
CA ILE B 460 2.56 -2.46 -16.89
C ILE B 460 3.90 -2.79 -17.56
N ALA B 461 4.94 -2.05 -17.18
CA ALA B 461 6.26 -2.22 -17.76
C ALA B 461 7.26 -2.66 -16.68
N GLU B 462 8.05 -3.67 -17.00
CA GLU B 462 9.26 -3.99 -16.23
C GLU B 462 10.37 -3.16 -16.86
N ALA B 463 10.73 -2.05 -16.19
CA ALA B 463 11.48 -0.98 -16.83
C ALA B 463 12.99 -1.18 -16.68
N TRP B 464 13.48 -2.24 -17.29
CA TRP B 464 14.92 -2.47 -17.44
C TRP B 464 15.12 -3.57 -18.48
N ASP B 465 16.35 -3.67 -18.98
CA ASP B 465 16.74 -4.75 -19.87
C ASP B 465 18.12 -5.26 -19.45
N ALA B 466 18.64 -6.22 -20.20
CA ALA B 466 19.93 -6.83 -19.89
C ALA B 466 21.11 -6.10 -20.52
N GLY B 467 20.87 -5.01 -21.22
CA GLY B 467 21.93 -4.26 -21.86
C GLY B 467 22.47 -3.12 -21.01
N GLY B 468 22.02 -3.04 -19.76
CA GLY B 468 22.48 -2.03 -18.83
C GLY B 468 21.48 -0.92 -18.56
N LEU B 469 20.38 -0.86 -19.32
CA LEU B 469 19.37 0.16 -19.09
C LEU B 469 18.64 -0.07 -17.78
N TYR B 470 18.29 1.02 -17.10
CA TYR B 470 17.51 0.94 -15.86
C TYR B 470 16.68 2.21 -15.78
N GLN B 471 15.36 2.08 -15.94
CA GLN B 471 14.48 3.23 -16.10
C GLN B 471 13.34 3.23 -15.08
N VAL B 472 13.60 2.74 -13.87
CA VAL B 472 12.56 2.72 -12.85
C VAL B 472 12.29 4.15 -12.39
N GLY B 473 11.06 4.60 -12.55
CA GLY B 473 10.67 5.96 -12.22
C GLY B 473 10.79 6.95 -13.36
N GLN B 474 11.40 6.57 -14.48
CA GLN B 474 11.60 7.47 -15.61
C GLN B 474 11.17 6.86 -16.94
N PHE B 475 10.37 5.79 -16.91
CA PHE B 475 9.86 5.22 -18.14
C PHE B 475 8.94 6.23 -18.83
N PRO B 476 8.98 6.32 -20.17
CA PRO B 476 8.06 7.24 -20.85
C PRO B 476 6.62 6.76 -20.72
N HIS B 477 5.83 7.47 -19.93
CA HIS B 477 4.55 6.96 -19.45
C HIS B 477 3.33 7.61 -20.07
N TRP B 478 3.45 8.85 -20.55
CA TRP B 478 2.30 9.63 -21.04
C TRP B 478 1.22 9.76 -19.97
N LYS B 479 1.60 9.68 -18.69
CA LYS B 479 0.70 9.67 -17.55
C LYS B 479 -0.26 8.48 -17.56
N ILE B 480 0.11 7.39 -18.24
CA ILE B 480 -0.81 6.28 -18.44
C ILE B 480 -0.18 4.97 -17.97
N TRP B 481 1.15 4.88 -18.04
CA TRP B 481 1.85 3.62 -17.85
C TRP B 481 2.16 3.36 -16.38
N SER B 482 2.04 2.10 -15.98
CA SER B 482 2.42 1.64 -14.66
C SER B 482 3.77 0.92 -14.73
N GLU B 483 4.34 0.66 -13.56
CA GLU B 483 5.68 0.08 -13.49
C GLU B 483 5.78 -0.92 -12.35
N TRP B 484 6.57 -1.97 -12.58
CA TRP B 484 7.02 -2.82 -11.49
C TRP B 484 8.02 -2.06 -10.64
N ASN B 485 7.67 -1.82 -9.38
CA ASN B 485 8.52 -1.01 -8.50
C ASN B 485 9.53 -1.94 -7.84
N GLY B 486 10.75 -1.94 -8.38
CA GLY B 486 11.84 -2.71 -7.77
C GLY B 486 12.54 -2.00 -6.63
N LYS B 487 12.46 -0.66 -6.60
CA LYS B 487 12.97 0.08 -5.46
C LYS B 487 12.17 -0.24 -4.21
N TYR B 488 10.85 -0.38 -4.36
CA TYR B 488 10.03 -0.84 -3.24
C TYR B 488 10.48 -2.19 -2.75
N ARG B 489 10.72 -3.12 -3.68
CA ARG B 489 11.17 -4.46 -3.32
C ARG B 489 12.47 -4.39 -2.51
N ASP B 490 13.45 -3.63 -3.01
CA ASP B 490 14.73 -3.54 -2.32
C ASP B 490 14.59 -2.90 -0.94
N ILE B 491 13.86 -1.79 -0.85
CA ILE B 491 13.74 -1.07 0.41
C ILE B 491 13.01 -1.91 1.44
N VAL B 492 11.92 -2.57 1.05
CA VAL B 492 11.15 -3.37 2.00
C VAL B 492 11.96 -4.59 2.44
N ARG B 493 12.65 -5.25 1.51
CA ARG B 493 13.47 -6.39 1.88
C ARG B 493 14.56 -5.99 2.87
N GLN B 494 15.16 -4.81 2.67
CA GLN B 494 16.24 -4.41 3.58
C GLN B 494 15.70 -3.93 4.93
N PHE B 495 14.54 -3.27 4.95
CA PHE B 495 14.01 -2.76 6.21
C PHE B 495 13.47 -3.87 7.08
N ILE B 496 12.69 -4.80 6.51
CA ILE B 496 12.00 -5.80 7.32
C ILE B 496 13.00 -6.72 8.01
N LYS B 497 14.10 -7.06 7.34
CA LYS B 497 15.11 -7.91 7.96
C LYS B 497 15.97 -7.17 8.97
N GLY B 498 15.96 -5.84 8.95
CA GLY B 498 16.70 -5.06 9.92
C GLY B 498 18.01 -4.54 9.38
N THR B 499 18.03 -3.27 8.95
CA THR B 499 19.21 -2.68 8.34
C THR B 499 19.18 -1.19 8.60
N ASP B 500 20.34 -0.61 8.92
CA ASP B 500 20.42 0.81 9.24
C ASP B 500 20.17 1.66 8.01
N GLY B 501 19.42 2.74 8.20
CA GLY B 501 19.25 3.75 7.17
C GLY B 501 18.15 3.49 6.16
N PHE B 502 17.09 2.80 6.55
CA PHE B 502 16.01 2.48 5.63
C PHE B 502 14.62 2.84 6.16
N ALA B 503 14.54 3.62 7.24
CA ALA B 503 13.25 3.98 7.79
C ALA B 503 12.54 5.03 6.93
N GLY B 504 13.28 6.03 6.47
CA GLY B 504 12.68 7.04 5.61
C GLY B 504 12.26 6.48 4.26
N GLY B 505 13.10 5.62 3.69
CA GLY B 505 12.71 4.94 2.46
C GLY B 505 11.49 4.07 2.65
N PHE B 506 11.38 3.41 3.81
CA PHE B 506 10.21 2.58 4.10
C PHE B 506 8.96 3.42 4.21
N ALA B 507 9.04 4.57 4.89
CA ALA B 507 7.88 5.45 5.01
C ALA B 507 7.48 6.00 3.65
N GLU B 508 8.47 6.27 2.78
CA GLU B 508 8.15 6.71 1.42
C GLU B 508 7.50 5.59 0.61
N CYS B 509 7.95 4.35 0.82
CA CYS B 509 7.35 3.20 0.14
C CYS B 509 5.90 3.01 0.56
N LEU B 510 5.61 3.18 1.85
CA LEU B 510 4.25 3.00 2.34
C LEU B 510 3.27 4.00 1.74
N CYS B 511 3.74 5.16 1.30
CA CYS B 511 2.89 6.21 0.78
C CYS B 511 2.72 6.17 -0.74
N GLY B 512 3.24 5.13 -1.40
CA GLY B 512 3.10 5.00 -2.83
C GLY B 512 4.25 5.55 -3.64
N SER B 513 5.38 5.87 -3.00
CA SER B 513 6.56 6.43 -3.64
C SER B 513 6.25 7.71 -4.40
N PRO B 514 5.80 8.77 -3.73
CA PRO B 514 5.59 10.05 -4.44
C PRO B 514 6.86 10.64 -5.02
N HIS B 515 8.03 10.30 -4.46
CA HIS B 515 9.29 10.84 -4.97
C HIS B 515 9.65 10.29 -6.34
N LEU B 516 8.97 9.26 -6.81
CA LEU B 516 9.20 8.71 -8.14
C LEU B 516 8.08 9.00 -9.13
N TYR B 517 6.89 9.33 -8.64
CA TYR B 517 5.71 9.38 -9.50
C TYR B 517 4.94 10.69 -9.46
N GLN B 518 5.03 11.45 -8.37
CA GLN B 518 4.15 12.62 -8.21
C GLN B 518 4.54 13.73 -9.17
N ALA B 519 5.83 13.99 -9.33
CA ALA B 519 6.26 15.13 -10.16
C ALA B 519 5.85 14.95 -11.62
N GLY B 520 5.97 13.72 -12.13
CA GLY B 520 5.62 13.46 -13.51
C GLY B 520 4.14 13.41 -13.81
N GLY B 521 3.29 13.48 -12.79
CA GLY B 521 1.86 13.47 -12.99
C GLY B 521 1.18 12.13 -12.89
N ARG B 522 1.81 11.15 -12.25
CA ARG B 522 1.19 9.84 -12.06
C ARG B 522 0.72 9.68 -10.62
N LYS B 523 -0.16 8.71 -10.43
CA LYS B 523 -0.89 8.48 -9.19
C LYS B 523 -0.25 7.36 -8.38
N PRO B 524 -0.62 7.21 -7.10
CA PRO B 524 -0.05 6.11 -6.30
C PRO B 524 -0.30 4.73 -6.89
N TRP B 525 -1.44 4.50 -7.51
CA TRP B 525 -1.78 3.19 -8.02
C TRP B 525 -1.04 2.84 -9.32
N HIS B 526 -0.28 3.76 -9.89
CA HIS B 526 0.62 3.42 -10.98
C HIS B 526 1.83 2.61 -10.51
N SER B 527 2.02 2.50 -9.20
CA SER B 527 3.12 1.71 -8.63
C SER B 527 2.63 0.30 -8.33
N ILE B 528 3.29 -0.69 -8.90
CA ILE B 528 2.99 -2.10 -8.65
C ILE B 528 3.98 -2.60 -7.61
N ASN B 529 3.52 -2.75 -6.37
CA ASN B 529 4.38 -3.14 -5.26
C ASN B 529 4.45 -4.66 -5.18
N PHE B 530 5.65 -5.18 -4.94
CA PHE B 530 5.84 -6.61 -4.76
C PHE B 530 7.09 -6.86 -3.93
N VAL B 531 7.08 -7.97 -3.21
CA VAL B 531 8.23 -8.41 -2.43
C VAL B 531 8.94 -9.57 -3.10
N CYS B 532 8.19 -10.51 -3.65
CA CYS B 532 8.74 -11.68 -4.32
C CYS B 532 8.00 -11.89 -5.63
N ALA B 533 8.69 -12.53 -6.57
CA ALA B 533 8.13 -12.79 -7.90
C ALA B 533 8.50 -14.20 -8.31
N HIS B 534 8.22 -14.54 -9.58
CA HIS B 534 8.57 -15.86 -10.09
C HIS B 534 10.08 -16.01 -10.21
N ASP B 535 10.79 -14.94 -10.52
CA ASP B 535 12.23 -14.94 -10.52
C ASP B 535 12.75 -14.46 -9.17
N GLY B 536 13.76 -15.14 -8.67
CA GLY B 536 14.27 -14.86 -7.35
C GLY B 536 13.65 -15.76 -6.30
N PHE B 537 13.91 -15.39 -5.04
CA PHE B 537 13.44 -16.19 -3.91
C PHE B 537 11.93 -16.11 -3.77
N THR B 538 11.34 -17.18 -3.25
CA THR B 538 9.97 -17.13 -2.77
C THR B 538 9.93 -16.49 -1.38
N LEU B 539 8.71 -16.24 -0.89
CA LEU B 539 8.58 -15.62 0.42
C LEU B 539 9.15 -16.50 1.52
N ALA B 540 8.92 -17.81 1.45
CA ALA B 540 9.49 -18.72 2.44
C ALA B 540 11.01 -18.79 2.37
N ASP B 541 11.58 -18.83 1.16
CA ASP B 541 13.04 -18.87 1.04
C ASP B 541 13.69 -17.55 1.37
N LEU B 542 12.91 -16.46 1.42
CA LEU B 542 13.46 -15.16 1.80
C LEU B 542 13.89 -15.14 3.25
N VAL B 543 13.31 -16.00 4.09
CA VAL B 543 13.61 -16.04 5.51
C VAL B 543 14.36 -17.31 5.90
N THR B 544 14.78 -18.12 4.92
CA THR B 544 15.46 -19.37 5.21
C THR B 544 16.89 -19.45 4.70
N TYR B 545 17.25 -18.72 3.64
CA TYR B 545 18.57 -18.84 3.04
C TYR B 545 19.21 -17.47 2.91
N ASN B 546 20.52 -17.43 3.17
CA ASN B 546 21.33 -16.23 2.95
C ASN B 546 21.98 -16.20 1.58
N LYS B 547 21.83 -17.25 0.78
CA LYS B 547 22.52 -17.36 -0.50
C LYS B 547 21.80 -18.38 -1.36
N LYS B 548 21.97 -18.23 -2.67
CA LYS B 548 21.30 -19.11 -3.63
C LYS B 548 21.95 -20.49 -3.66
N TYR B 549 21.14 -21.49 -4.03
CA TYR B 549 21.58 -22.87 -4.26
C TYR B 549 21.04 -23.30 -5.61
N ASN B 550 21.79 -22.96 -6.67
CA ASN B 550 21.35 -23.15 -8.04
C ASN B 550 22.13 -24.25 -8.76
N SER B 551 22.75 -25.16 -8.00
CA SER B 551 23.60 -26.18 -8.62
C SER B 551 22.82 -27.18 -9.46
N SER B 552 21.51 -27.32 -9.21
CA SER B 552 20.70 -28.22 -10.01
C SER B 552 20.47 -27.70 -11.42
N ASN B 553 20.77 -26.42 -11.67
CA ASN B 553 20.58 -25.84 -13.00
C ASN B 553 21.63 -26.29 -14.00
N GLY B 554 22.76 -26.83 -13.53
CA GLY B 554 23.80 -27.28 -14.44
C GLY B 554 24.74 -26.21 -14.92
N GLU B 555 24.70 -25.01 -14.34
CA GLU B 555 25.54 -23.90 -14.77
C GLU B 555 26.55 -23.49 -13.68
N ASP B 556 26.86 -24.41 -12.77
CA ASP B 556 27.90 -24.19 -11.76
C ASP B 556 27.66 -22.94 -10.92
N ASN B 557 26.39 -22.72 -10.54
CA ASN B 557 25.99 -21.63 -9.65
C ASN B 557 26.27 -20.25 -10.23
N ARG B 558 26.53 -20.16 -11.54
CA ARG B 558 26.79 -18.86 -12.13
C ARG B 558 25.52 -18.04 -12.34
N ASP B 559 24.44 -18.69 -12.76
CA ASP B 559 23.18 -18.01 -13.04
C ASP B 559 22.46 -17.64 -11.75
N GLY B 560 21.61 -16.63 -11.83
CA GLY B 560 20.81 -16.22 -10.71
C GLY B 560 21.29 -14.92 -10.09
N GLU B 561 20.37 -14.22 -9.43
CA GLU B 561 20.70 -12.99 -8.74
C GLU B 561 21.64 -13.29 -7.57
N ASN B 562 22.67 -12.47 -7.41
CA ASN B 562 23.68 -12.70 -6.39
C ASN B 562 23.44 -11.93 -5.10
N HIS B 563 22.76 -10.80 -5.16
CA HIS B 563 22.46 -9.98 -3.99
C HIS B 563 20.95 -10.06 -3.78
N ASN B 564 20.54 -11.02 -2.94
CA ASN B 564 19.12 -11.27 -2.68
C ASN B 564 18.57 -10.41 -1.55
N LEU B 565 19.43 -9.89 -0.67
CA LEU B 565 19.02 -9.07 0.46
C LEU B 565 18.07 -9.83 1.38
N SER B 566 18.52 -10.99 1.84
CA SER B 566 17.73 -11.89 2.66
C SER B 566 18.44 -12.19 3.97
N TRP B 567 17.70 -12.76 4.92
CA TRP B 567 18.24 -13.17 6.20
C TRP B 567 17.61 -14.49 6.59
N ASN B 568 18.43 -15.45 7.00
CA ASN B 568 17.96 -16.80 7.32
C ASN B 568 17.37 -16.91 8.74
N CYS B 569 17.15 -15.78 9.40
CA CYS B 569 16.52 -15.73 10.73
C CYS B 569 17.33 -16.48 11.79
N GLY B 570 18.59 -16.79 11.50
CA GLY B 570 19.46 -17.34 12.51
C GLY B 570 20.22 -18.59 12.10
N GLU B 571 19.58 -19.46 11.33
CA GLU B 571 20.21 -20.69 10.88
C GLU B 571 19.89 -20.91 9.41
N GLU B 572 20.78 -21.61 8.71
CA GLU B 572 20.61 -21.85 7.29
C GLU B 572 19.93 -23.18 7.05
N GLY B 573 18.85 -23.18 6.27
CA GLY B 573 18.14 -24.39 5.93
C GLY B 573 16.87 -24.60 6.73
N GLU B 574 16.10 -25.60 6.30
CA GLU B 574 14.79 -25.86 6.88
C GLU B 574 14.84 -26.54 8.24
N PHE B 575 16.03 -26.97 8.69
CA PHE B 575 16.19 -27.60 9.99
C PHE B 575 16.74 -26.58 10.98
N ALA B 576 15.91 -26.15 11.91
CA ALA B 576 16.29 -25.13 12.87
C ALA B 576 15.52 -25.32 14.17
N GLY B 577 15.86 -24.51 15.16
CA GLY B 577 15.18 -24.56 16.44
C GLY B 577 13.80 -23.92 16.38
N LEU B 578 13.08 -24.06 17.50
CA LEU B 578 11.70 -23.58 17.55
C LEU B 578 11.63 -22.06 17.44
N SER B 579 12.55 -21.36 18.10
CA SER B 579 12.53 -19.90 18.06
C SER B 579 12.78 -19.37 16.65
N VAL B 580 13.68 -20.00 15.91
CA VAL B 580 13.95 -19.57 14.54
C VAL B 580 12.71 -19.75 13.66
N LYS B 581 12.01 -20.87 13.82
CA LYS B 581 10.80 -21.08 13.02
C LYS B 581 9.70 -20.10 13.40
N ARG B 582 9.55 -19.81 14.69
CA ARG B 582 8.60 -18.79 15.12
C ARG B 582 8.94 -17.44 14.49
N LEU B 583 10.22 -17.08 14.49
CA LEU B 583 10.65 -15.82 13.88
C LEU B 583 10.37 -15.80 12.38
N ARG B 584 10.58 -16.93 11.70
CA ARG B 584 10.31 -16.99 10.27
C ARG B 584 8.82 -16.77 9.98
N LYS B 585 7.95 -17.39 10.78
CA LYS B 585 6.51 -17.17 10.61
C LYS B 585 6.15 -15.71 10.86
N ARG B 586 6.73 -15.11 11.90
CA ARG B 586 6.53 -13.69 12.15
C ARG B 586 6.94 -12.85 10.95
N GLN B 587 8.09 -13.18 10.34
CA GLN B 587 8.62 -12.35 9.27
C GLN B 587 7.78 -12.46 8.00
N MET B 588 7.27 -13.66 7.69
CA MET B 588 6.36 -13.79 6.57
C MET B 588 5.09 -12.96 6.80
N ARG B 589 4.55 -13.01 8.02
CA ARG B 589 3.38 -12.19 8.32
C ARG B 589 3.70 -10.71 8.20
N ASN B 590 4.88 -10.29 8.63
CA ASN B 590 5.28 -8.90 8.52
C ASN B 590 5.37 -8.46 7.07
N PHE B 591 5.94 -9.31 6.21
CA PHE B 591 6.00 -8.98 4.78
C PHE B 591 4.61 -8.80 4.19
N PHE B 592 3.68 -9.72 4.52
CA PHE B 592 2.34 -9.58 3.97
C PHE B 592 1.63 -8.34 4.51
N VAL B 593 1.82 -8.03 5.80
CA VAL B 593 1.22 -6.83 6.36
C VAL B 593 1.76 -5.58 5.68
N SER B 594 3.08 -5.52 5.47
CA SER B 594 3.68 -4.40 4.77
C SER B 594 3.12 -4.25 3.37
N LEU B 595 2.93 -5.38 2.67
CA LEU B 595 2.36 -5.33 1.32
C LEU B 595 0.92 -4.81 1.34
N MET B 596 0.12 -5.22 2.33
CA MET B 596 -1.31 -4.97 2.28
C MET B 596 -1.72 -3.61 2.83
N VAL B 597 -0.83 -2.85 3.46
CA VAL B 597 -1.17 -1.53 3.98
C VAL B 597 -0.47 -0.42 3.23
N SER B 598 0.13 -0.72 2.07
CA SER B 598 0.83 0.28 1.29
C SER B 598 -0.08 0.88 0.22
N GLN B 599 0.16 2.13 -0.13
CA GLN B 599 -0.47 2.74 -1.28
C GLN B 599 0.18 2.20 -2.55
N GLY B 600 -0.64 1.95 -3.56
CA GLY B 600 -0.22 1.22 -4.74
C GLY B 600 -1.00 -0.08 -4.89
N VAL B 601 -0.62 -0.85 -5.89
CA VAL B 601 -1.29 -2.10 -6.22
C VAL B 601 -0.42 -3.26 -5.72
N PRO B 602 -0.87 -4.04 -4.74
CA PRO B 602 -0.07 -5.16 -4.27
C PRO B 602 -0.11 -6.35 -5.22
N MET B 603 1.03 -7.03 -5.32
CA MET B 603 1.15 -8.23 -6.14
C MET B 603 2.04 -9.23 -5.42
N PHE B 604 1.61 -10.50 -5.41
CA PHE B 604 2.40 -11.57 -4.83
C PHE B 604 2.27 -12.82 -5.70
N TYR B 605 3.23 -13.71 -5.54
CA TYR B 605 3.40 -14.84 -6.43
C TYR B 605 2.62 -16.07 -5.94
N MET B 606 2.26 -16.92 -6.89
CA MET B 606 1.56 -18.18 -6.66
C MET B 606 2.22 -19.02 -5.57
N GLY B 607 1.47 -19.32 -4.53
CA GLY B 607 1.94 -20.17 -3.46
C GLY B 607 2.62 -19.46 -2.30
N ASP B 608 2.86 -18.16 -2.42
CA ASP B 608 3.44 -17.42 -1.30
C ASP B 608 2.48 -17.33 -0.12
N GLU B 609 1.19 -17.61 -0.34
CA GLU B 609 0.18 -17.53 0.71
C GLU B 609 0.19 -18.74 1.64
N TYR B 610 0.88 -19.83 1.29
CA TYR B 610 1.05 -20.95 2.20
C TYR B 610 2.51 -21.27 2.50
N GLY B 611 3.45 -20.49 1.97
CA GLY B 611 4.85 -20.71 2.25
C GLY B 611 5.52 -21.72 1.34
N HIS B 612 5.33 -21.57 0.03
CA HIS B 612 5.99 -22.43 -0.92
C HIS B 612 7.51 -22.26 -0.85
N THR B 613 8.23 -23.36 -1.03
CA THR B 613 9.68 -23.35 -0.98
C THR B 613 10.24 -24.02 -2.22
N LYS B 614 11.37 -23.50 -2.71
CA LYS B 614 12.05 -24.06 -3.86
C LYS B 614 13.41 -24.65 -3.50
N GLY B 615 13.71 -24.76 -2.21
CA GLY B 615 14.96 -25.34 -1.77
C GLY B 615 16.16 -24.42 -1.85
N GLY B 616 15.94 -23.12 -1.96
CA GLY B 616 17.02 -22.17 -2.10
C GLY B 616 17.38 -21.82 -3.51
N ASN B 617 16.81 -22.51 -4.49
CA ASN B 617 17.03 -22.20 -5.90
C ASN B 617 16.25 -20.94 -6.25
N ASN B 618 16.96 -19.88 -6.64
CA ASN B 618 16.34 -18.59 -6.94
C ASN B 618 16.23 -18.32 -8.44
N ASN B 619 16.45 -19.33 -9.28
CA ASN B 619 16.26 -19.22 -10.73
C ASN B 619 15.86 -20.61 -11.22
N THR B 620 14.55 -20.87 -11.28
CA THR B 620 14.02 -22.20 -11.52
C THR B 620 13.30 -22.28 -12.88
N TYR B 621 13.93 -21.73 -13.92
CA TYR B 621 13.30 -21.65 -15.22
C TYR B 621 13.29 -22.96 -16.00
N CYS B 622 14.10 -23.94 -15.62
CA CYS B 622 14.31 -25.13 -16.44
C CYS B 622 13.91 -26.42 -15.73
N HIS B 623 12.92 -26.39 -14.85
CA HIS B 623 12.48 -27.57 -14.10
C HIS B 623 10.97 -27.75 -14.25
N ASP B 624 10.57 -28.73 -15.05
CA ASP B 624 9.18 -29.20 -15.06
C ASP B 624 9.09 -30.30 -14.00
N HIS B 625 8.83 -29.89 -12.76
CA HIS B 625 9.05 -30.70 -11.58
C HIS B 625 8.34 -30.03 -10.43
N TYR B 626 8.02 -30.81 -9.38
CA TYR B 626 7.15 -30.30 -8.32
C TYR B 626 7.76 -29.14 -7.56
N VAL B 627 9.03 -28.82 -7.77
CA VAL B 627 9.60 -27.61 -7.21
C VAL B 627 8.92 -26.36 -7.77
N ASN B 628 8.27 -26.50 -8.93
CA ASN B 628 7.55 -25.40 -9.57
C ASN B 628 6.04 -25.59 -9.56
N TYR B 629 5.53 -26.58 -8.84
CA TYR B 629 4.10 -26.89 -8.84
C TYR B 629 3.44 -26.36 -7.58
N PHE B 630 2.18 -25.97 -7.71
CA PHE B 630 1.39 -25.60 -6.54
C PHE B 630 1.05 -26.84 -5.73
N ARG B 631 1.37 -26.82 -4.45
CA ARG B 631 1.22 -27.98 -3.57
C ARG B 631 -0.10 -27.85 -2.82
N TRP B 632 -1.16 -28.45 -3.36
CA TRP B 632 -2.46 -28.41 -2.71
C TRP B 632 -2.50 -29.28 -1.45
N ASP B 633 -1.61 -30.27 -1.35
CA ASP B 633 -1.52 -31.05 -0.12
C ASP B 633 -0.81 -30.28 0.98
N LYS B 634 0.27 -29.58 0.65
CA LYS B 634 0.98 -28.77 1.64
C LYS B 634 0.24 -27.50 2.00
N LYS B 635 -0.72 -27.08 1.18
CA LYS B 635 -1.52 -25.91 1.51
C LYS B 635 -2.38 -26.16 2.74
N GLU B 636 -2.90 -27.38 2.90
CA GLU B 636 -3.74 -27.71 4.04
C GLU B 636 -2.98 -27.79 5.34
N GLU B 637 -1.67 -28.04 5.31
CA GLU B 637 -0.86 -28.03 6.52
C GLU B 637 -0.49 -26.62 6.98
N SER B 638 -0.77 -25.60 6.16
CA SER B 638 -0.44 -24.21 6.46
C SER B 638 -1.67 -23.33 6.30
N SER B 639 -2.79 -23.77 6.89
CA SER B 639 -4.03 -23.01 6.81
C SER B 639 -4.00 -21.73 7.62
N ASP B 640 -3.11 -21.63 8.61
CA ASP B 640 -3.06 -20.41 9.43
C ASP B 640 -2.54 -19.23 8.64
N LEU B 641 -1.43 -19.41 7.91
CA LEU B 641 -0.90 -18.32 7.09
C LEU B 641 -1.87 -17.94 5.99
N GLN B 642 -2.52 -18.93 5.37
CA GLN B 642 -3.51 -18.64 4.34
C GLN B 642 -4.69 -17.85 4.91
N ARG B 643 -5.15 -18.23 6.10
CA ARG B 643 -6.22 -17.48 6.76
C ARG B 643 -5.80 -16.05 7.05
N PHE B 644 -4.57 -15.87 7.53
CA PHE B 644 -4.07 -14.53 7.82
C PHE B 644 -4.04 -13.68 6.55
N CYS B 645 -3.55 -14.24 5.44
CA CYS B 645 -3.49 -13.48 4.20
C CYS B 645 -4.89 -13.12 3.68
N SER B 646 -5.83 -14.08 3.76
CA SER B 646 -7.19 -13.78 3.34
C SER B 646 -7.81 -12.67 4.18
N LEU B 647 -7.61 -12.73 5.49
CA LEU B 647 -8.17 -11.71 6.37
C LEU B 647 -7.54 -10.35 6.12
N MET B 648 -6.24 -10.31 5.82
CA MET B 648 -5.59 -9.04 5.60
C MET B 648 -6.03 -8.42 4.28
N THR B 649 -6.23 -9.24 3.24
CA THR B 649 -6.78 -8.73 1.99
C THR B 649 -8.20 -8.20 2.18
N LYS B 650 -9.01 -8.91 2.98
CA LYS B 650 -10.34 -8.42 3.30
C LYS B 650 -10.28 -7.08 4.03
N PHE B 651 -9.34 -6.94 4.97
CA PHE B 651 -9.17 -5.69 5.70
C PHE B 651 -8.79 -4.55 4.75
N ARG B 652 -7.89 -4.82 3.81
CA ARG B 652 -7.55 -3.78 2.84
C ARG B 652 -8.77 -3.39 2.02
N LYS B 653 -9.59 -4.36 1.62
CA LYS B 653 -10.78 -4.04 0.85
C LYS B 653 -11.78 -3.21 1.66
N GLN B 654 -11.84 -3.44 2.98
CA GLN B 654 -12.81 -2.75 3.82
C GLN B 654 -12.45 -1.30 4.16
N CYS B 655 -11.17 -0.95 4.15
CA CYS B 655 -10.74 0.38 4.56
C CYS B 655 -10.68 1.31 3.35
N GLU B 656 -11.21 2.53 3.52
CA GLU B 656 -11.18 3.52 2.45
C GLU B 656 -9.90 4.35 2.46
N SER B 657 -9.05 4.22 3.47
CA SER B 657 -7.81 4.96 3.53
C SER B 657 -6.59 4.15 3.07
N LEU B 658 -6.80 2.93 2.57
CA LEU B 658 -5.70 2.05 2.20
C LEU B 658 -5.38 2.07 0.71
N GLY B 659 -6.39 1.92 -0.15
CA GLY B 659 -6.16 2.15 -1.56
C GLY B 659 -6.69 3.49 -2.01
N LEU B 660 -5.81 4.48 -2.11
CA LEU B 660 -6.20 5.86 -2.36
C LEU B 660 -5.97 6.24 -3.82
N ALA B 661 -6.84 7.10 -4.34
CA ALA B 661 -6.70 7.61 -5.70
C ALA B 661 -5.67 8.72 -5.81
N ASP B 662 -5.31 9.37 -4.70
CA ASP B 662 -4.30 10.42 -4.69
C ASP B 662 -3.32 10.16 -3.56
N PHE B 663 -2.19 10.83 -3.63
CA PHE B 663 -1.17 10.64 -2.59
C PHE B 663 -1.68 11.20 -1.26
N PRO B 664 -1.45 10.49 -0.16
CA PRO B 664 -1.99 10.94 1.14
C PRO B 664 -1.41 12.28 1.55
N THR B 665 -2.24 13.11 2.17
CA THR B 665 -1.86 14.41 2.67
C THR B 665 -1.51 14.33 4.15
N ALA B 666 -0.93 15.42 4.66
CA ALA B 666 -0.51 15.46 6.06
C ALA B 666 -1.68 15.61 7.02
N GLN B 667 -2.84 16.07 6.55
CA GLN B 667 -4.01 16.17 7.42
C GLN B 667 -4.65 14.83 7.70
N ARG B 668 -4.46 13.86 6.81
CA ARG B 668 -5.01 12.52 7.02
C ARG B 668 -4.01 11.58 7.69
N LEU B 669 -2.73 11.64 7.31
CA LEU B 669 -1.71 10.72 7.76
C LEU B 669 -0.76 11.42 8.71
N HIS B 670 -0.50 10.81 9.86
CA HIS B 670 0.42 11.32 10.85
C HIS B 670 1.44 10.24 11.20
N TRP B 671 2.71 10.65 11.32
CA TRP B 671 3.79 9.72 11.64
C TRP B 671 4.08 9.74 13.13
N HIS B 672 4.39 8.57 13.68
CA HIS B 672 4.67 8.41 15.10
C HIS B 672 5.96 7.61 15.26
N GLY B 673 6.41 7.51 16.51
CA GLY B 673 7.53 6.69 16.89
C GLY B 673 7.17 5.84 18.10
N HIS B 674 8.17 5.61 18.96
CA HIS B 674 7.90 4.95 20.23
C HIS B 674 6.90 5.76 21.05
N GLN B 675 7.00 7.09 20.99
CA GLN B 675 6.04 8.02 21.56
C GLN B 675 5.26 8.68 20.44
N PRO B 676 3.97 8.95 20.64
CA PRO B 676 3.15 9.51 19.55
C PRO B 676 3.63 10.90 19.15
N GLY B 677 3.70 11.12 17.84
CA GLY B 677 4.04 12.41 17.30
C GLY B 677 5.52 12.72 17.19
N LYS B 678 6.40 11.77 17.48
CA LYS B 678 7.84 11.96 17.40
C LYS B 678 8.46 10.83 16.58
N PRO B 679 8.31 10.86 15.27
CA PRO B 679 8.94 9.84 14.43
C PRO B 679 10.46 9.92 14.47
N ASP B 680 11.10 8.79 14.27
CA ASP B 680 12.56 8.67 14.32
C ASP B 680 13.07 8.33 12.93
N TRP B 681 13.64 9.33 12.25
CA TRP B 681 14.22 9.13 10.93
C TRP B 681 15.74 8.99 10.97
N SER B 682 16.31 8.81 12.16
CA SER B 682 17.75 8.67 12.30
C SER B 682 18.24 7.41 11.60
N GLU B 683 19.55 7.38 11.34
CA GLU B 683 20.17 6.25 10.65
C GLU B 683 20.05 4.94 11.42
N THR B 684 20.01 4.99 12.76
CA THR B 684 19.93 3.78 13.57
C THR B 684 18.50 3.30 13.78
N SER B 685 17.52 4.01 13.24
CA SER B 685 16.12 3.72 13.50
C SER B 685 15.67 2.46 12.76
N ARG B 686 14.96 1.59 13.47
CA ARG B 686 14.30 0.43 12.89
C ARG B 686 12.85 0.37 13.34
N PHE B 687 12.17 1.50 13.32
CA PHE B 687 10.79 1.58 13.81
C PHE B 687 10.03 2.63 13.03
N VAL B 688 8.92 2.22 12.41
CA VAL B 688 8.06 3.13 11.66
C VAL B 688 6.62 2.87 12.10
N ALA B 689 5.89 3.93 12.43
CA ALA B 689 4.51 3.83 12.83
C ALA B 689 3.73 5.03 12.31
N PHE B 690 2.47 4.80 11.95
CA PHE B 690 1.62 5.89 11.48
C PHE B 690 0.17 5.61 11.86
N SER B 691 -0.64 6.67 11.80
CA SER B 691 -2.07 6.59 12.01
C SER B 691 -2.76 7.43 10.94
N THR B 692 -3.86 6.91 10.39
CA THR B 692 -4.57 7.60 9.34
C THR B 692 -6.06 7.62 9.64
N LYS B 693 -6.73 8.69 9.21
CA LYS B 693 -8.16 8.84 9.41
C LYS B 693 -8.93 8.06 8.36
N ASP B 694 -9.96 7.34 8.81
CA ASP B 694 -10.73 6.46 7.94
C ASP B 694 -12.20 6.84 8.02
N GLU B 695 -12.84 6.97 6.86
CA GLU B 695 -14.27 7.30 6.83
C GLU B 695 -15.13 6.11 7.23
N THR B 696 -14.57 4.90 7.28
CA THR B 696 -15.32 3.70 7.64
C THR B 696 -15.00 3.22 9.05
N LYS B 697 -13.73 3.05 9.38
CA LYS B 697 -13.31 2.54 10.68
C LYS B 697 -12.95 3.63 11.67
N GLY B 698 -13.13 4.90 11.31
CA GLY B 698 -12.77 5.99 12.20
C GLY B 698 -11.30 6.34 12.13
N GLU B 699 -10.46 5.48 12.69
CA GLU B 699 -9.02 5.69 12.68
C GLU B 699 -8.32 4.35 12.86
N ILE B 700 -7.21 4.16 12.17
CA ILE B 700 -6.39 2.96 12.31
C ILE B 700 -4.97 3.36 12.65
N TYR B 701 -4.26 2.45 13.30
CA TYR B 701 -2.89 2.68 13.72
C TYR B 701 -2.05 1.46 13.34
N VAL B 702 -0.92 1.69 12.68
CA VAL B 702 -0.04 0.64 12.22
C VAL B 702 1.36 0.90 12.75
N ALA B 703 2.06 -0.15 13.17
CA ALA B 703 3.42 -0.03 13.64
C ALA B 703 4.25 -1.22 13.17
N PHE B 704 5.49 -0.95 12.78
CA PHE B 704 6.45 -1.97 12.39
C PHE B 704 7.66 -1.87 13.32
N ASN B 705 7.98 -2.96 14.00
CA ASN B 705 9.15 -3.02 14.87
C ASN B 705 10.14 -4.00 14.26
N ALA B 706 11.06 -3.47 13.44
CA ALA B 706 12.06 -4.29 12.78
C ALA B 706 13.34 -4.42 13.59
N SER B 707 13.28 -4.09 14.87
CA SER B 707 14.43 -4.19 15.76
C SER B 707 14.49 -5.58 16.39
N HIS B 708 15.66 -5.93 16.90
CA HIS B 708 15.88 -7.18 17.61
C HIS B 708 15.53 -7.09 19.08
N LEU B 709 15.06 -5.94 19.55
CA LEU B 709 14.69 -5.71 20.93
C LEU B 709 13.18 -5.47 21.04
N PRO B 710 12.51 -6.09 22.00
CA PRO B 710 11.10 -5.79 22.23
C PRO B 710 10.92 -4.39 22.82
N ALA B 711 9.73 -3.83 22.61
CA ALA B 711 9.44 -2.48 23.05
C ALA B 711 7.98 -2.33 23.40
N VAL B 712 7.69 -1.46 24.37
CA VAL B 712 6.34 -1.04 24.68
C VAL B 712 6.15 0.36 24.10
N VAL B 713 5.15 0.53 23.24
CA VAL B 713 4.95 1.77 22.52
C VAL B 713 3.72 2.49 23.04
N GLY B 714 3.76 3.81 23.00
CA GLY B 714 2.64 4.64 23.40
C GLY B 714 1.74 4.93 22.21
N LEU B 715 0.45 4.95 22.47
CA LEU B 715 -0.57 5.13 21.46
C LEU B 715 -1.07 6.56 21.46
N PRO B 716 -1.53 7.06 20.31
CA PRO B 716 -2.04 8.43 20.24
C PRO B 716 -3.22 8.63 21.18
N GLU B 717 -3.26 9.81 21.81
CA GLU B 717 -4.27 10.13 22.81
C GLU B 717 -5.50 10.73 22.12
N ARG B 718 -6.63 10.04 22.25
CA ARG B 718 -7.89 10.48 21.65
C ARG B 718 -8.95 10.43 22.75
N PRO B 719 -9.19 11.54 23.44
CA PRO B 719 -10.18 11.53 24.54
C PRO B 719 -11.56 11.17 24.04
N GLY B 720 -12.24 10.31 24.79
CA GLY B 720 -13.54 9.80 24.42
C GLY B 720 -13.50 8.51 23.63
N TYR B 721 -12.32 8.04 23.26
CA TYR B 721 -12.13 6.83 22.47
C TYR B 721 -11.03 5.97 23.09
N ARG B 722 -10.95 4.73 22.61
CA ARG B 722 -9.88 3.83 23.00
C ARG B 722 -9.51 2.96 21.79
N TRP B 723 -8.31 2.40 21.84
CA TRP B 723 -7.80 1.58 20.76
C TRP B 723 -8.15 0.11 21.02
N GLU B 724 -8.53 -0.60 19.95
CA GLU B 724 -8.90 -2.00 20.00
C GLU B 724 -7.94 -2.82 19.15
N PRO B 725 -7.42 -3.93 19.67
CA PRO B 725 -6.46 -4.72 18.91
C PRO B 725 -7.11 -5.52 17.80
N LEU B 726 -6.49 -5.52 16.63
CA LEU B 726 -6.95 -6.29 15.49
C LEU B 726 -5.91 -7.29 14.99
N VAL B 727 -4.69 -6.85 14.72
CA VAL B 727 -3.64 -7.68 14.14
C VAL B 727 -2.43 -7.64 15.06
N ASP B 728 -1.78 -8.78 15.24
CA ASP B 728 -0.52 -8.88 15.97
C ASP B 728 0.22 -10.09 15.46
N THR B 729 1.25 -9.88 14.64
CA THR B 729 1.96 -10.99 14.01
C THR B 729 2.74 -11.83 15.00
N GLY B 730 2.94 -11.35 16.22
CA GLY B 730 3.65 -12.12 17.23
C GLY B 730 2.82 -13.19 17.90
N LYS B 731 1.51 -12.96 17.97
CA LYS B 731 0.61 -13.87 18.67
C LYS B 731 0.46 -15.19 17.93
N PRO B 732 0.27 -16.29 18.65
CA PRO B 732 0.02 -17.57 17.99
C PRO B 732 -1.35 -17.61 17.33
N ALA B 733 -1.44 -18.33 16.22
CA ALA B 733 -2.69 -18.45 15.50
C ALA B 733 -3.71 -19.22 16.34
N PRO B 734 -5.01 -18.88 16.24
CA PRO B 734 -5.63 -17.90 15.36
C PRO B 734 -5.75 -16.50 15.96
N TYR B 735 -4.95 -16.17 16.97
CA TYR B 735 -5.05 -14.87 17.62
C TYR B 735 -4.15 -13.82 16.98
N ASP B 736 -3.41 -14.18 15.94
CA ASP B 736 -2.70 -13.20 15.14
C ASP B 736 -3.66 -12.29 14.36
N PHE B 737 -4.90 -12.72 14.16
CA PHE B 737 -5.93 -11.90 13.54
C PHE B 737 -7.24 -12.15 14.28
N LEU B 738 -7.86 -11.09 14.76
CA LEU B 738 -9.06 -11.20 15.58
C LEU B 738 -10.31 -11.04 14.71
N THR B 739 -11.20 -12.02 14.80
CA THR B 739 -12.48 -11.99 14.09
C THR B 739 -13.58 -12.38 15.06
N ASP B 740 -14.82 -12.01 14.71
CA ASP B 740 -15.96 -12.37 15.54
C ASP B 740 -16.31 -13.85 15.46
N ASP B 741 -15.73 -14.58 14.50
CA ASP B 741 -15.88 -16.03 14.49
C ASP B 741 -15.15 -16.68 15.66
N LEU B 742 -14.19 -15.99 16.26
CA LEU B 742 -13.49 -16.50 17.42
C LEU B 742 -14.38 -16.39 18.65
N PRO B 743 -14.69 -17.50 19.33
CA PRO B 743 -15.49 -17.41 20.56
C PRO B 743 -14.78 -16.76 21.72
N ASP B 744 -13.45 -16.66 21.69
CA ASP B 744 -12.67 -16.12 22.79
C ASP B 744 -12.22 -14.68 22.54
N ARG B 745 -12.84 -13.98 21.58
CA ARG B 745 -12.34 -12.67 21.18
C ARG B 745 -12.42 -11.67 22.31
N ALA B 746 -13.59 -11.57 22.96
CA ALA B 746 -13.76 -10.59 24.03
C ALA B 746 -12.81 -10.85 25.20
N HIS B 747 -12.66 -12.13 25.57
CA HIS B 747 -11.76 -12.48 26.67
C HIS B 747 -10.30 -12.20 26.33
N ALA B 748 -9.89 -12.52 25.11
CA ALA B 748 -8.52 -12.26 24.69
C ALA B 748 -8.23 -10.77 24.68
N VAL B 749 -9.19 -9.96 24.23
CA VAL B 749 -9.03 -8.51 24.29
C VAL B 749 -8.97 -8.04 25.74
N HIS B 750 -9.83 -8.59 26.60
CA HIS B 750 -9.90 -8.17 27.99
C HIS B 750 -8.60 -8.45 28.73
N LEU B 751 -7.88 -9.51 28.35
CA LEU B 751 -6.64 -9.82 29.04
C LEU B 751 -5.51 -8.82 28.76
N PHE B 752 -5.69 -7.90 27.82
CA PHE B 752 -4.73 -6.84 27.55
C PHE B 752 -5.25 -5.47 27.92
N SER B 753 -6.32 -5.41 28.73
CA SER B 753 -6.95 -4.14 29.03
C SER B 753 -6.07 -3.26 29.90
N HIS B 754 -5.26 -3.86 30.78
CA HIS B 754 -4.40 -3.05 31.64
C HIS B 754 -3.32 -2.33 30.85
N PHE B 755 -3.02 -2.78 29.64
CA PHE B 755 -2.13 -2.06 28.74
C PHE B 755 -2.91 -1.11 27.83
N LEU B 756 -4.07 -1.54 27.33
CA LEU B 756 -4.82 -0.71 26.40
C LEU B 756 -5.43 0.52 27.07
N ASN B 757 -5.75 0.42 28.36
CA ASN B 757 -6.41 1.54 29.05
C ASN B 757 -5.50 2.75 29.13
N SER B 758 -4.21 2.54 29.35
CA SER B 758 -3.24 3.63 29.50
C SER B 758 -2.51 3.94 28.20
N ASN B 759 -3.07 3.54 27.05
CA ASN B 759 -2.52 3.85 25.74
C ASN B 759 -1.11 3.28 25.58
N LEU B 760 -0.98 1.98 25.80
CA LEU B 760 0.29 1.28 25.65
C LEU B 760 0.05 -0.04 24.93
N TYR B 761 1.11 -0.57 24.33
CA TYR B 761 1.04 -1.88 23.71
C TYR B 761 2.42 -2.52 23.71
N PRO B 762 2.55 -3.76 24.19
CA PRO B 762 3.85 -4.43 24.16
C PRO B 762 4.05 -5.23 22.88
N MET B 763 5.24 -5.08 22.30
CA MET B 763 5.58 -5.68 21.01
C MET B 763 6.80 -6.57 21.15
N LEU B 764 6.76 -7.72 20.50
CA LEU B 764 7.96 -8.53 20.34
C LEU B 764 8.91 -7.89 19.33
N SER B 765 10.12 -8.43 19.26
CA SER B 765 11.02 -8.06 18.17
C SER B 765 10.50 -8.66 16.87
N TYR B 766 10.67 -7.90 15.79
CA TYR B 766 10.28 -8.33 14.44
C TYR B 766 8.79 -8.67 14.38
N SER B 767 7.96 -7.70 14.79
CA SER B 767 6.52 -7.91 14.82
C SER B 767 5.82 -6.68 14.26
N SER B 768 4.51 -6.82 14.05
CA SER B 768 3.67 -5.74 13.54
C SER B 768 2.30 -5.80 14.20
N ILE B 769 1.67 -4.63 14.35
CA ILE B 769 0.36 -4.54 14.97
C ILE B 769 -0.51 -3.58 14.18
N ILE B 770 -1.82 -3.83 14.21
CA ILE B 770 -2.82 -2.92 13.65
C ILE B 770 -3.93 -2.77 14.69
N LEU B 771 -4.32 -1.52 14.97
CA LEU B 771 -5.34 -1.22 15.96
C LEU B 771 -6.38 -0.28 15.36
N GLU B 772 -7.58 -0.29 15.95
CA GLU B 772 -8.68 0.54 15.48
C GLU B 772 -9.22 1.37 16.63
N LEU B 773 -9.70 2.56 16.30
CA LEU B 773 -10.24 3.49 17.29
C LEU B 773 -11.75 3.34 17.38
N GLN B 774 -12.28 3.23 18.59
CA GLN B 774 -13.70 3.02 18.83
C GLN B 774 -14.17 3.93 19.95
N PRO B 775 -15.43 4.35 19.92
CA PRO B 775 -15.95 5.21 20.99
C PRO B 775 -15.97 4.50 22.33
N ASP B 776 -15.67 5.25 23.38
CA ASP B 776 -15.62 4.71 24.75
C ASP B 776 -16.24 5.75 25.68
N ASP B 777 -17.50 5.52 26.06
CA ASP B 777 -18.18 6.39 27.01
C ASP B 777 -19.19 5.61 27.85
N ALA C 36 -32.68 -12.65 -33.90
CA ALA C 36 -31.37 -12.62 -33.24
C ALA C 36 -31.50 -12.06 -31.83
N ARG C 37 -30.94 -12.78 -30.86
CA ARG C 37 -31.01 -12.40 -29.46
C ARG C 37 -29.68 -11.83 -29.00
N SER C 38 -29.73 -10.95 -28.00
CA SER C 38 -28.55 -10.34 -27.41
C SER C 38 -28.50 -10.67 -25.93
N CYS C 39 -27.30 -10.87 -25.40
CA CYS C 39 -27.10 -11.28 -24.03
C CYS C 39 -26.20 -10.30 -23.29
N TYR C 40 -26.54 -10.01 -22.05
CA TYR C 40 -25.78 -9.09 -21.21
C TYR C 40 -25.61 -9.71 -19.83
N ARG C 41 -24.38 -9.76 -19.35
CA ARG C 41 -24.06 -10.32 -18.05
C ARG C 41 -23.56 -9.19 -17.14
N PHE C 42 -24.26 -8.95 -16.05
CA PHE C 42 -23.94 -7.88 -15.11
C PHE C 42 -23.45 -8.48 -13.80
N ARG C 43 -22.30 -8.03 -13.34
CA ARG C 43 -21.88 -8.34 -11.98
C ARG C 43 -22.60 -7.42 -11.01
N THR C 44 -23.01 -7.97 -9.87
CA THR C 44 -23.79 -7.24 -8.89
C THR C 44 -22.89 -6.72 -7.76
N ASP C 45 -23.47 -5.89 -6.91
CA ASP C 45 -22.74 -5.29 -5.80
C ASP C 45 -22.64 -6.21 -4.59
N ASP C 46 -23.25 -7.38 -4.64
CA ASP C 46 -23.16 -8.37 -3.56
C ASP C 46 -22.53 -9.68 -4.05
N ASP C 47 -21.55 -9.58 -4.95
CA ASP C 47 -20.77 -10.72 -5.44
C ASP C 47 -21.70 -11.76 -6.08
N GLY C 48 -22.30 -11.34 -7.19
CA GLY C 48 -23.21 -12.20 -7.92
C GLY C 48 -23.27 -11.82 -9.38
N VAL C 49 -24.17 -12.48 -10.09
CA VAL C 49 -24.31 -12.31 -11.54
C VAL C 49 -25.79 -12.24 -11.88
N VAL C 50 -26.16 -11.29 -12.73
CA VAL C 50 -27.49 -11.19 -13.31
C VAL C 50 -27.36 -11.32 -14.82
N ASP C 51 -28.14 -12.22 -15.41
CA ASP C 51 -28.09 -12.49 -16.84
C ASP C 51 -29.36 -12.00 -17.51
N VAL C 52 -29.20 -11.23 -18.58
CA VAL C 52 -30.31 -10.63 -19.31
C VAL C 52 -30.22 -11.09 -20.77
N ALA C 53 -31.38 -11.35 -21.37
CA ALA C 53 -31.46 -11.71 -22.78
C ALA C 53 -32.60 -10.93 -23.41
N VAL C 54 -32.33 -10.33 -24.58
CA VAL C 54 -33.33 -9.57 -25.33
C VAL C 54 -33.52 -10.25 -26.66
N SER C 55 -34.76 -10.66 -26.94
CA SER C 55 -35.07 -11.42 -28.14
C SER C 55 -36.08 -10.67 -28.99
N GLY C 56 -35.82 -10.61 -30.29
CA GLY C 56 -36.75 -10.04 -31.25
C GLY C 56 -37.80 -11.05 -31.66
N GLU C 57 -38.81 -11.24 -30.81
CA GLU C 57 -39.80 -12.30 -31.02
C GLU C 57 -40.49 -12.17 -32.37
N ASP C 58 -40.69 -13.31 -33.02
CA ASP C 58 -41.33 -13.36 -34.33
C ASP C 58 -42.83 -13.07 -34.22
N GLY C 64 -43.67 -8.65 -33.71
CA GLY C 64 -42.84 -7.46 -33.79
C GLY C 64 -42.52 -6.87 -32.43
N GLY C 65 -42.75 -7.65 -31.38
CA GLY C 65 -42.50 -7.20 -30.02
C GLY C 65 -41.10 -7.57 -29.54
N TYR C 66 -40.89 -7.31 -28.26
CA TYR C 66 -39.61 -7.59 -27.61
C TYR C 66 -39.85 -8.30 -26.29
N ALA C 67 -39.05 -9.32 -26.02
CA ALA C 67 -39.12 -10.07 -24.78
C ALA C 67 -37.77 -9.99 -24.07
N VAL C 68 -37.80 -9.66 -22.78
CA VAL C 68 -36.61 -9.56 -21.96
C VAL C 68 -36.73 -10.57 -20.83
N SER C 69 -35.75 -11.46 -20.71
CA SER C 69 -35.72 -12.46 -19.65
C SER C 69 -34.56 -12.18 -18.71
N VAL C 70 -34.82 -12.25 -17.42
CA VAL C 70 -33.83 -11.99 -16.38
C VAL C 70 -33.64 -13.28 -15.58
N GLU C 71 -32.40 -13.70 -15.40
CA GLU C 71 -32.06 -14.92 -14.67
C GLU C 71 -30.99 -14.60 -13.63
N VAL C 72 -31.27 -14.91 -12.38
CA VAL C 72 -30.37 -14.67 -11.27
C VAL C 72 -29.98 -16.02 -10.67
N PRO C 73 -28.76 -16.50 -10.90
CA PRO C 73 -28.34 -17.76 -10.25
C PRO C 73 -27.65 -17.52 -8.91
N GLY C 74 -27.29 -18.59 -8.22
CA GLY C 74 -26.54 -18.49 -6.98
C GLY C 74 -27.36 -18.01 -5.80
N THR C 75 -26.99 -18.43 -4.58
CA THR C 75 -27.70 -17.99 -3.39
C THR C 75 -26.75 -18.04 -2.19
N ARG C 76 -26.16 -16.89 -1.87
CA ARG C 76 -25.29 -16.75 -0.69
C ARG C 76 -25.43 -15.32 -0.20
N GLY C 77 -26.28 -15.11 0.80
CA GLY C 77 -26.56 -13.79 1.34
C GLY C 77 -28.03 -13.40 1.26
N ARG C 78 -28.70 -13.82 0.18
CA ARG C 78 -30.13 -13.59 0.02
C ARG C 78 -30.80 -14.95 -0.17
N GLU C 79 -31.89 -15.18 0.55
CA GLU C 79 -32.61 -16.46 0.50
C GLU C 79 -34.04 -16.31 0.02
N GLY C 80 -34.81 -15.40 0.62
CA GLY C 80 -36.24 -15.36 0.41
C GLY C 80 -36.72 -14.61 -0.81
N GLY C 81 -36.26 -15.00 -1.99
CA GLY C 81 -36.80 -14.51 -3.24
C GLY C 81 -36.45 -13.06 -3.52
N LEU C 82 -36.69 -12.67 -4.77
CA LEU C 82 -36.41 -11.32 -5.23
C LEU C 82 -37.57 -10.79 -6.05
N VAL C 83 -37.70 -9.47 -6.08
CA VAL C 83 -38.71 -8.79 -6.89
C VAL C 83 -38.00 -7.80 -7.81
N LEU C 84 -38.35 -7.83 -9.08
CA LEU C 84 -37.77 -6.92 -10.06
C LEU C 84 -38.64 -5.66 -10.14
N ARG C 85 -38.14 -4.57 -9.57
CA ARG C 85 -38.78 -3.26 -9.65
C ARG C 85 -38.06 -2.46 -10.73
N ALA C 86 -38.83 -1.80 -11.59
CA ALA C 86 -38.25 -1.06 -12.71
C ALA C 86 -37.63 0.26 -12.25
N SER C 87 -36.54 0.18 -11.49
CA SER C 87 -35.78 1.33 -11.00
C SER C 87 -36.69 2.28 -10.20
N GLY C 88 -37.18 1.74 -9.09
CA GLY C 88 -38.04 2.49 -8.20
C GLY C 88 -39.52 2.31 -8.44
N SER C 89 -39.91 1.33 -9.25
CA SER C 89 -41.33 1.10 -9.52
C SER C 89 -42.05 0.67 -8.25
N GLY C 90 -43.24 1.24 -8.04
CA GLY C 90 -44.06 0.81 -6.93
C GLY C 90 -44.62 -0.58 -7.08
N GLU C 91 -44.75 -1.07 -8.30
CA GLU C 91 -45.17 -2.43 -8.58
C GLU C 91 -43.96 -3.35 -8.50
N GLY C 92 -44.11 -4.59 -8.95
CA GLY C 92 -43.01 -5.52 -8.92
C GLY C 92 -43.30 -6.82 -9.66
N VAL C 93 -42.26 -7.43 -10.20
CA VAL C 93 -42.36 -8.72 -10.87
C VAL C 93 -41.54 -9.72 -10.09
N PRO C 94 -42.19 -10.54 -9.26
CA PRO C 94 -41.44 -11.56 -8.51
C PRO C 94 -40.76 -12.56 -9.43
N LEU C 95 -39.59 -13.01 -9.01
CA LEU C 95 -38.81 -13.98 -9.77
C LEU C 95 -39.15 -15.39 -9.28
N ALA C 96 -39.54 -16.26 -10.20
CA ALA C 96 -39.96 -17.60 -9.83
C ALA C 96 -38.85 -18.61 -10.08
N PRO C 97 -38.78 -19.66 -9.26
CA PRO C 97 -37.77 -20.71 -9.50
C PRO C 97 -37.94 -21.34 -10.87
N ALA C 98 -36.81 -21.73 -11.46
CA ALA C 98 -36.80 -22.29 -12.82
C ALA C 98 -36.53 -23.78 -12.82
N ALA C 99 -35.42 -24.23 -12.21
CA ALA C 99 -35.01 -25.62 -12.30
C ALA C 99 -34.71 -26.22 -10.93
N GLY C 100 -35.47 -25.85 -9.91
CA GLY C 100 -35.31 -26.45 -8.60
C GLY C 100 -34.63 -25.57 -7.58
N GLY C 101 -34.82 -24.25 -7.70
CA GLY C 101 -34.24 -23.31 -6.77
C GLY C 101 -32.84 -22.84 -7.12
N ALA C 102 -32.21 -23.42 -8.14
CA ALA C 102 -30.88 -22.99 -8.53
C ALA C 102 -30.92 -21.58 -9.14
N SER C 103 -31.97 -21.27 -9.89
CA SER C 103 -32.07 -20.00 -10.57
C SER C 103 -33.47 -19.41 -10.38
N LEU C 104 -33.55 -18.09 -10.42
CA LEU C 104 -34.80 -17.36 -10.36
C LEU C 104 -34.95 -16.58 -11.66
N ALA C 105 -36.11 -16.69 -12.29
CA ALA C 105 -36.33 -16.14 -13.62
C ALA C 105 -37.61 -15.32 -13.67
N ALA C 106 -37.61 -14.32 -14.55
CA ALA C 106 -38.78 -13.49 -14.81
C ALA C 106 -38.80 -13.13 -16.29
N GLU C 107 -39.96 -12.69 -16.77
CA GLU C 107 -40.11 -12.35 -18.17
C GLU C 107 -40.92 -11.08 -18.31
N LEU C 108 -40.48 -10.19 -19.19
CA LEU C 108 -41.18 -8.95 -19.50
C LEU C 108 -41.36 -8.83 -21.00
N SER C 109 -42.47 -8.23 -21.40
CA SER C 109 -42.80 -8.05 -22.81
C SER C 109 -43.09 -6.58 -23.09
N PHE C 110 -42.82 -6.19 -24.33
CA PHE C 110 -43.00 -4.80 -24.76
C PHE C 110 -43.66 -4.78 -26.13
N ASP C 111 -44.60 -3.85 -26.30
CA ASP C 111 -45.34 -3.75 -27.55
C ASP C 111 -44.49 -3.11 -28.64
N PRO C 112 -44.79 -3.41 -29.91
CA PRO C 112 -44.03 -2.80 -31.01
C PRO C 112 -44.30 -1.32 -31.17
N THR C 113 -43.72 -0.72 -32.21
CA THR C 113 -43.79 0.70 -32.58
C THR C 113 -42.93 1.53 -31.63
N ARG C 114 -42.35 0.92 -30.59
CA ARG C 114 -41.49 1.64 -29.65
C ARG C 114 -40.12 1.83 -30.27
N ALA C 115 -39.70 3.08 -30.41
CA ALA C 115 -38.35 3.37 -30.88
C ALA C 115 -37.34 2.83 -29.88
N PRO C 116 -36.09 2.58 -30.31
CA PRO C 116 -35.08 2.03 -29.40
C PRO C 116 -35.03 2.74 -28.06
N PHE C 117 -35.18 1.99 -26.97
CA PHE C 117 -35.25 2.53 -25.63
C PHE C 117 -34.39 1.68 -24.71
N TYR C 118 -34.34 2.06 -23.43
CA TYR C 118 -33.56 1.35 -22.43
C TYR C 118 -34.47 0.89 -21.30
N LEU C 119 -34.25 -0.32 -20.83
CA LEU C 119 -34.96 -0.85 -19.68
C LEU C 119 -34.06 -0.78 -18.46
N SER C 120 -34.51 -0.09 -17.42
CA SER C 120 -33.77 0.08 -16.19
C SER C 120 -34.55 -0.55 -15.04
N PHE C 121 -33.84 -1.25 -14.16
CA PHE C 121 -34.50 -1.94 -13.06
C PHE C 121 -33.52 -2.18 -11.91
N LEU C 122 -34.09 -2.55 -10.77
CA LEU C 122 -33.36 -2.89 -9.57
C LEU C 122 -33.93 -4.17 -8.99
N LEU C 123 -33.15 -4.80 -8.12
CA LEU C 123 -33.55 -6.04 -7.45
C LEU C 123 -33.66 -5.78 -5.96
N THR C 124 -34.59 -6.48 -5.30
CA THR C 124 -34.81 -6.33 -3.86
C THR C 124 -35.05 -7.70 -3.25
N ASP C 125 -34.41 -7.94 -2.10
CA ASP C 125 -34.64 -9.15 -1.33
C ASP C 125 -35.82 -8.93 -0.38
N ALA C 126 -36.15 -9.95 0.40
CA ALA C 126 -37.27 -9.82 1.33
C ALA C 126 -36.82 -9.15 2.62
N SER C 127 -36.09 -8.05 2.50
CA SER C 127 -35.70 -7.23 3.64
C SER C 127 -35.80 -5.73 3.37
N GLY C 128 -35.94 -5.31 2.11
CA GLY C 128 -35.86 -3.92 1.73
C GLY C 128 -34.55 -3.53 1.09
N ALA C 129 -33.51 -4.36 1.24
CA ALA C 129 -32.22 -4.06 0.65
C ALA C 129 -32.28 -4.15 -0.87
N GLU C 130 -31.52 -3.29 -1.55
CA GLU C 130 -31.53 -3.18 -3.00
C GLU C 130 -30.23 -3.74 -3.56
N ILE C 131 -30.35 -4.55 -4.62
CA ILE C 131 -29.18 -5.07 -5.32
C ILE C 131 -28.94 -4.21 -6.56
N ARG C 132 -27.72 -3.72 -6.70
CA ARG C 132 -27.33 -2.88 -7.83
C ARG C 132 -26.19 -3.55 -8.57
N THR C 133 -25.67 -2.87 -9.60
CA THR C 133 -24.52 -3.39 -10.31
C THR C 133 -23.25 -3.18 -9.50
N HIS C 134 -22.16 -3.78 -9.98
CA HIS C 134 -20.86 -3.59 -9.32
C HIS C 134 -20.33 -2.18 -9.50
N ARG C 135 -20.93 -1.38 -10.39
CA ARG C 135 -20.63 0.04 -10.50
C ARG C 135 -21.65 0.89 -9.74
N LYS C 136 -22.52 0.27 -8.95
CA LYS C 136 -23.52 0.97 -8.14
C LYS C 136 -24.48 1.76 -9.02
N THR C 137 -25.13 1.07 -9.95
CA THR C 137 -26.07 1.66 -10.89
C THR C 137 -27.22 0.68 -11.10
N SER C 138 -28.36 1.19 -11.57
CA SER C 138 -29.45 0.32 -11.98
C SER C 138 -29.06 -0.44 -13.25
N PHE C 139 -29.55 -1.67 -13.34
CA PHE C 139 -29.27 -2.50 -14.51
C PHE C 139 -29.97 -1.91 -15.74
N ARG C 140 -29.18 -1.46 -16.71
CA ARG C 140 -29.70 -0.81 -17.90
C ARG C 140 -29.37 -1.66 -19.12
N VAL C 141 -30.38 -1.94 -19.94
CA VAL C 141 -30.23 -2.83 -21.08
C VAL C 141 -30.86 -2.21 -22.31
N PRO C 142 -30.20 -2.23 -23.46
CA PRO C 142 -30.80 -1.66 -24.68
C PRO C 142 -31.81 -2.60 -25.30
N VAL C 143 -32.92 -2.04 -25.76
CA VAL C 143 -33.95 -2.78 -26.49
C VAL C 143 -34.15 -2.08 -27.84
N GLY C 144 -33.81 -2.78 -28.92
CA GLY C 144 -33.94 -2.26 -30.26
C GLY C 144 -32.62 -2.08 -30.99
N VAL C 145 -31.49 -2.11 -30.28
CA VAL C 145 -30.18 -2.00 -30.90
C VAL C 145 -29.25 -3.02 -30.25
N GLY C 146 -28.26 -3.45 -31.04
CA GLY C 146 -27.25 -4.37 -30.56
C GLY C 146 -26.03 -3.66 -30.01
N PRO C 147 -25.13 -4.41 -29.38
CA PRO C 147 -23.94 -3.76 -28.81
C PRO C 147 -22.95 -3.26 -29.86
N GLY C 148 -22.78 -4.00 -30.96
CA GLY C 148 -21.85 -3.59 -32.00
C GLY C 148 -20.42 -3.99 -31.69
N SER C 149 -19.54 -3.67 -32.63
CA SER C 149 -18.13 -3.99 -32.54
C SER C 149 -17.28 -2.77 -32.85
N PRO C 150 -16.11 -2.65 -32.21
CA PRO C 150 -15.31 -1.42 -32.36
C PRO C 150 -14.55 -1.31 -33.68
N ALA C 151 -14.51 -2.36 -34.50
CA ALA C 151 -13.77 -2.31 -35.75
C ALA C 151 -14.64 -2.86 -36.87
N PRO C 152 -14.50 -2.33 -38.09
CA PRO C 152 -13.67 -1.18 -38.49
C PRO C 152 -14.33 0.15 -38.15
N LEU C 153 -13.56 1.24 -38.12
CA LEU C 153 -14.13 2.55 -37.87
C LEU C 153 -15.02 2.97 -39.03
N GLY C 154 -16.11 3.65 -38.71
CA GLY C 154 -17.06 4.07 -39.73
C GLY C 154 -18.29 3.18 -39.79
N MET C 155 -18.93 3.14 -40.95
CA MET C 155 -20.14 2.35 -41.16
C MET C 155 -19.81 1.14 -42.02
N SER C 156 -20.25 -0.04 -41.58
CA SER C 156 -20.01 -1.28 -42.31
C SER C 156 -21.25 -2.16 -42.21
N ILE C 157 -21.38 -3.07 -43.17
CA ILE C 157 -22.53 -3.97 -43.25
C ILE C 157 -22.03 -5.41 -43.18
N SER C 158 -22.67 -6.21 -42.34
CA SER C 158 -22.33 -7.62 -42.18
C SER C 158 -23.08 -8.46 -43.21
N GLY C 159 -22.81 -9.76 -43.20
CA GLY C 159 -23.44 -10.65 -44.16
C GLY C 159 -24.94 -10.72 -43.99
N ASP C 160 -25.42 -10.73 -42.75
CA ASP C 160 -26.85 -10.80 -42.48
C ASP C 160 -27.56 -9.48 -42.77
N GLY C 161 -26.82 -8.41 -43.01
CA GLY C 161 -27.40 -7.10 -43.25
C GLY C 161 -27.41 -6.18 -42.06
N ALA C 162 -26.78 -6.54 -40.96
CA ALA C 162 -26.68 -5.66 -39.81
C ALA C 162 -25.71 -4.53 -40.11
N VAL C 163 -26.04 -3.33 -39.64
CA VAL C 163 -25.25 -2.13 -39.89
C VAL C 163 -24.52 -1.77 -38.60
N ASN C 164 -23.20 -1.69 -38.68
CA ASN C 164 -22.34 -1.40 -37.53
C ASN C 164 -21.80 0.01 -37.64
N PHE C 165 -21.81 0.72 -36.51
CA PHE C 165 -21.28 2.08 -36.43
C PHE C 165 -20.17 2.10 -35.39
N ALA C 166 -19.08 2.79 -35.69
CA ALA C 166 -17.97 2.93 -34.77
C ALA C 166 -17.29 4.27 -34.98
N VAL C 167 -17.01 4.98 -33.89
CA VAL C 167 -16.38 6.28 -33.96
C VAL C 167 -15.53 6.47 -32.72
N TYR C 168 -14.34 7.05 -32.90
CA TYR C 168 -13.43 7.30 -31.79
C TYR C 168 -13.69 8.68 -31.18
N SER C 169 -13.78 8.72 -29.86
CA SER C 169 -13.87 9.99 -29.14
C SER C 169 -13.42 9.78 -27.71
N LYS C 170 -12.21 10.26 -27.38
CA LYS C 170 -11.72 10.15 -26.01
C LYS C 170 -12.35 11.18 -25.09
N ASN C 171 -12.58 12.40 -25.58
CA ASN C 171 -13.02 13.48 -24.71
C ASN C 171 -14.52 13.53 -24.51
N ALA C 172 -15.32 13.05 -25.46
CA ALA C 172 -16.76 13.11 -25.33
C ALA C 172 -17.25 12.13 -24.27
N ASN C 173 -18.11 12.60 -23.38
CA ASN C 173 -18.69 11.79 -22.33
C ASN C 173 -20.07 11.24 -22.71
N ALA C 174 -20.56 11.54 -23.90
CA ALA C 174 -21.87 11.06 -24.35
C ALA C 174 -21.90 11.16 -25.86
N VAL C 175 -22.36 10.10 -26.52
CA VAL C 175 -22.43 10.04 -27.98
C VAL C 175 -23.81 9.57 -28.39
N SER C 176 -24.36 10.19 -29.43
CA SER C 176 -25.69 9.88 -29.93
C SER C 176 -25.63 9.71 -31.44
N LEU C 177 -26.48 8.83 -31.97
CA LEU C 177 -26.55 8.56 -33.39
C LEU C 177 -27.89 9.04 -33.94
N TYR C 178 -27.83 9.77 -35.05
CA TYR C 178 -29.01 10.30 -35.72
C TYR C 178 -29.18 9.62 -37.06
N LEU C 179 -30.42 9.29 -37.41
CA LEU C 179 -30.77 8.75 -38.72
C LEU C 179 -31.75 9.69 -39.38
N TYR C 180 -31.57 9.96 -40.67
CA TYR C 180 -32.39 10.90 -41.42
C TYR C 180 -33.06 10.19 -42.58
N ALA C 181 -34.28 10.58 -42.90
CA ALA C 181 -35.02 10.03 -44.02
C ALA C 181 -34.93 10.96 -45.22
N ALA C 182 -35.35 10.44 -46.38
CA ALA C 182 -35.33 11.22 -47.61
C ALA C 182 -36.24 12.44 -47.49
N ALA C 183 -35.72 13.59 -47.87
CA ALA C 183 -36.46 14.84 -47.78
C ALA C 183 -37.05 15.24 -49.12
N GLY C 189 -32.79 14.88 -44.68
CA GLY C 189 -33.80 15.67 -44.01
C GLY C 189 -33.22 16.86 -43.24
N ASP C 190 -34.03 17.44 -42.38
CA ASP C 190 -33.61 18.57 -41.56
C ASP C 190 -33.61 18.24 -40.08
N GLU C 191 -34.54 17.40 -39.63
CA GLU C 191 -34.57 16.91 -38.26
C GLU C 191 -34.45 15.39 -38.25
N PRO C 192 -33.84 14.81 -37.22
CA PRO C 192 -33.66 13.35 -37.20
C PRO C 192 -35.00 12.62 -37.16
N ALA C 193 -35.09 11.57 -37.98
CA ALA C 193 -36.22 10.65 -37.87
C ALA C 193 -36.04 9.69 -36.70
N LEU C 194 -34.80 9.32 -36.40
CA LEU C 194 -34.49 8.42 -35.30
C LEU C 194 -33.31 8.96 -34.53
N GLU C 195 -33.41 8.94 -33.20
CA GLU C 195 -32.33 9.37 -32.31
C GLU C 195 -32.03 8.25 -31.34
N ILE C 196 -30.75 7.91 -31.20
CA ILE C 196 -30.32 6.80 -30.36
C ILE C 196 -29.17 7.29 -29.49
N ASP C 197 -29.40 7.35 -28.19
CA ASP C 197 -28.31 7.60 -27.24
C ASP C 197 -27.53 6.31 -27.02
N LEU C 198 -26.23 6.44 -26.84
CA LEU C 198 -25.36 5.29 -26.63
C LEU C 198 -25.08 5.12 -25.15
N ASP C 199 -25.26 3.90 -24.66
CA ASP C 199 -24.96 3.60 -23.27
C ASP C 199 -23.46 3.64 -23.04
N PRO C 200 -22.97 4.41 -22.06
CA PRO C 200 -21.53 4.52 -21.85
C PRO C 200 -20.86 3.24 -21.38
N TYR C 201 -21.61 2.21 -21.02
CA TYR C 201 -21.06 0.96 -20.55
C TYR C 201 -21.10 -0.15 -21.60
N ILE C 202 -22.24 -0.34 -22.26
CA ILE C 202 -22.36 -1.43 -23.21
C ILE C 202 -21.84 -1.03 -24.59
N HIS C 203 -22.01 0.23 -24.97
CA HIS C 203 -21.71 0.69 -26.33
C HIS C 203 -20.34 1.36 -26.42
N ARG C 204 -19.36 0.86 -25.67
CA ARG C 204 -18.02 1.41 -25.72
C ARG C 204 -17.01 0.30 -25.54
N THR C 205 -15.89 0.39 -26.26
CA THR C 205 -14.72 -0.46 -26.04
C THR C 205 -13.51 0.48 -26.01
N GLY C 206 -13.00 0.77 -24.82
CA GLY C 206 -11.96 1.75 -24.68
C GLY C 206 -12.47 3.15 -24.97
N ASN C 207 -11.97 3.76 -26.04
CA ASN C 207 -12.42 5.09 -26.45
C ASN C 207 -13.13 5.06 -27.80
N VAL C 208 -13.71 3.92 -28.17
CA VAL C 208 -14.48 3.77 -29.41
C VAL C 208 -15.94 3.50 -29.04
N TRP C 209 -16.84 4.32 -29.54
CA TRP C 209 -18.27 4.13 -29.36
C TRP C 209 -18.82 3.34 -30.54
N HIS C 210 -19.58 2.29 -30.25
CA HIS C 210 -20.11 1.44 -31.30
C HIS C 210 -21.55 1.06 -30.99
N VAL C 211 -22.28 0.70 -32.04
CA VAL C 211 -23.68 0.30 -31.92
C VAL C 211 -24.03 -0.49 -33.18
N SER C 212 -25.01 -1.38 -33.07
CA SER C 212 -25.46 -2.18 -34.19
C SER C 212 -26.95 -2.00 -34.40
N LEU C 213 -27.37 -2.03 -35.66
CA LEU C 213 -28.76 -1.85 -36.05
C LEU C 213 -29.17 -2.98 -36.96
N ALA C 214 -30.37 -3.55 -36.71
CA ALA C 214 -30.84 -4.66 -37.51
C ALA C 214 -31.05 -4.26 -38.96
N SER C 215 -31.61 -3.07 -39.19
CA SER C 215 -31.82 -2.58 -40.55
C SER C 215 -31.95 -1.06 -40.49
N VAL C 216 -31.51 -0.42 -41.57
CA VAL C 216 -31.64 1.02 -41.73
C VAL C 216 -32.68 1.37 -42.80
N ASP C 217 -33.66 0.49 -43.01
CA ASP C 217 -34.67 0.71 -44.02
C ASP C 217 -35.49 1.96 -43.70
N GLY C 218 -35.74 2.76 -44.73
CA GLY C 218 -36.42 4.03 -44.56
C GLY C 218 -35.52 5.19 -44.18
N TYR C 219 -34.20 5.02 -44.25
CA TYR C 219 -33.26 6.06 -43.90
C TYR C 219 -32.20 6.17 -45.00
N VAL C 220 -31.64 7.37 -45.14
CA VAL C 220 -30.62 7.62 -46.15
C VAL C 220 -29.34 8.22 -45.60
N SER C 221 -29.35 8.87 -44.44
CA SER C 221 -28.17 9.55 -43.93
C SER C 221 -28.07 9.33 -42.43
N TYR C 222 -26.86 9.53 -41.90
CA TYR C 222 -26.63 9.43 -40.47
C TYR C 222 -25.60 10.47 -40.05
N ALA C 223 -25.60 10.78 -38.75
CA ALA C 223 -24.66 11.72 -38.18
C ALA C 223 -24.44 11.36 -36.72
N PHE C 224 -23.52 12.08 -36.07
CA PHE C 224 -23.17 11.84 -34.69
C PHE C 224 -23.31 13.12 -33.88
N CYS C 225 -23.65 12.97 -32.60
CA CYS C 225 -23.72 14.08 -31.67
C CYS C 225 -22.85 13.77 -30.46
N CYS C 226 -21.87 14.63 -30.19
CA CYS C 226 -20.93 14.40 -29.11
C CYS C 226 -21.20 15.40 -27.98
N GLY C 227 -21.01 14.93 -26.75
CA GLY C 227 -21.35 15.72 -25.60
C GLY C 227 -22.85 15.94 -25.52
N GLY C 228 -23.21 17.07 -24.92
CA GLY C 228 -24.60 17.49 -24.90
C GLY C 228 -25.02 18.35 -26.06
N ILE C 229 -24.08 18.77 -26.90
CA ILE C 229 -24.40 19.62 -28.03
C ILE C 229 -25.18 18.83 -29.06
N ARG C 230 -26.25 19.43 -29.58
CA ARG C 230 -27.15 18.78 -30.53
C ARG C 230 -26.78 19.06 -31.98
N ARG C 231 -25.53 19.44 -32.23
CA ARG C 231 -25.08 19.77 -33.59
C ARG C 231 -24.62 18.50 -34.28
N PRO C 232 -25.21 18.12 -35.42
CA PRO C 232 -24.83 16.86 -36.07
C PRO C 232 -23.47 16.97 -36.74
N LEU C 233 -22.61 16.01 -36.48
CA LEU C 233 -21.25 15.99 -37.00
C LEU C 233 -21.10 14.93 -38.08
N LEU C 234 -20.07 15.10 -38.91
CA LEU C 234 -19.81 14.20 -40.01
C LEU C 234 -18.82 13.13 -39.59
N ASP C 235 -19.08 11.90 -40.03
CA ASP C 235 -18.19 10.78 -39.73
C ASP C 235 -16.86 10.95 -40.44
N PRO C 236 -15.74 10.99 -39.73
CA PRO C 236 -14.45 11.17 -40.41
C PRO C 236 -14.09 10.03 -41.36
N TYR C 237 -14.64 8.84 -41.14
CA TYR C 237 -14.31 7.67 -41.94
C TYR C 237 -15.37 7.32 -42.96
N ALA C 238 -16.39 8.16 -43.14
CA ALA C 238 -17.41 7.91 -44.15
C ALA C 238 -16.80 7.89 -45.54
N LYS C 239 -17.26 6.96 -46.38
CA LYS C 239 -16.75 6.87 -47.73
C LYS C 239 -17.62 7.63 -48.73
N VAL C 240 -18.91 7.80 -48.42
CA VAL C 240 -19.83 8.57 -49.22
C VAL C 240 -20.49 9.61 -48.32
N ILE C 241 -20.51 10.86 -48.77
CA ILE C 241 -21.07 11.95 -47.97
C ILE C 241 -22.18 12.62 -48.77
N GLY C 242 -22.89 13.52 -48.10
CA GLY C 242 -24.00 14.24 -48.68
C GLY C 242 -23.62 15.62 -49.18
N ASP C 243 -24.55 16.55 -49.08
CA ASP C 243 -24.38 17.91 -49.58
C ASP C 243 -23.97 18.85 -48.45
N PHE C 244 -23.04 19.75 -48.75
CA PHE C 244 -22.60 20.76 -47.78
C PHE C 244 -23.66 21.86 -47.73
N VAL C 245 -24.43 21.90 -46.64
CA VAL C 245 -25.54 22.83 -46.49
C VAL C 245 -25.18 23.81 -45.36
N SER C 246 -25.18 25.10 -45.67
CA SER C 246 -24.95 26.15 -44.69
C SER C 246 -26.29 26.51 -44.07
N SER C 247 -26.64 25.80 -43.00
CA SER C 247 -27.92 26.00 -42.33
C SER C 247 -27.92 27.37 -41.64
N ASN C 248 -29.09 27.79 -41.16
CA ASN C 248 -29.22 29.07 -40.48
C ASN C 248 -29.62 28.88 -39.02
N SER C 259 -24.61 28.20 -39.90
CA SER C 259 -24.16 26.85 -39.59
C SER C 259 -23.41 26.23 -40.76
N MET C 260 -22.87 25.02 -40.53
CA MET C 260 -22.08 24.32 -41.54
C MET C 260 -22.20 22.84 -41.24
N ARG C 261 -23.07 22.14 -41.97
CA ARG C 261 -23.38 20.75 -41.68
C ARG C 261 -23.31 19.91 -42.94
N CYS C 262 -22.85 18.67 -42.77
CA CYS C 262 -22.80 17.69 -43.84
C CYS C 262 -23.06 16.32 -43.24
N PHE C 263 -23.84 15.51 -43.93
CA PHE C 263 -24.27 14.21 -43.41
C PHE C 263 -23.62 13.08 -44.20
N ALA C 264 -23.24 12.02 -43.49
CA ALA C 264 -22.70 10.83 -44.13
C ALA C 264 -23.83 9.98 -44.70
N SER C 265 -23.61 9.42 -45.88
CA SER C 265 -24.62 8.65 -46.57
C SER C 265 -24.63 7.20 -46.08
N LEU C 266 -25.82 6.60 -46.10
CA LEU C 266 -26.00 5.21 -45.70
C LEU C 266 -25.88 4.24 -46.85
N ALA C 267 -25.64 4.72 -48.07
CA ALA C 267 -25.41 3.87 -49.22
C ALA C 267 -23.93 3.54 -49.33
N ILE C 268 -23.65 2.39 -49.94
CA ILE C 268 -22.28 1.93 -50.18
C ILE C 268 -22.02 2.00 -51.67
N ALA C 269 -20.79 2.41 -52.02
CA ALA C 269 -20.44 2.52 -53.43
C ALA C 269 -20.52 1.16 -54.11
N PRO C 270 -21.14 1.07 -55.28
CA PRO C 270 -21.22 -0.22 -55.97
C PRO C 270 -19.85 -0.66 -56.47
N SER C 271 -19.73 -1.98 -56.66
CA SER C 271 -18.47 -2.54 -57.12
C SER C 271 -18.13 -2.00 -58.51
N TYR C 272 -16.87 -1.60 -58.68
CA TYR C 272 -16.40 -1.03 -59.93
C TYR C 272 -15.58 -2.07 -60.68
N ASN C 273 -15.86 -2.22 -61.97
CA ASN C 273 -15.16 -3.17 -62.81
C ASN C 273 -13.99 -2.47 -63.50
N TRP C 274 -12.78 -2.73 -63.01
CA TRP C 274 -11.60 -2.08 -63.55
C TRP C 274 -11.18 -2.66 -64.89
N GLY C 275 -11.48 -3.93 -65.14
CA GLY C 275 -11.10 -4.56 -66.39
C GLY C 275 -9.66 -5.01 -66.39
N ARG C 276 -8.94 -4.73 -67.47
CA ARG C 276 -7.51 -5.04 -67.58
C ARG C 276 -6.64 -3.84 -67.25
N ASP C 277 -7.10 -2.98 -66.36
CA ASP C 277 -6.35 -1.79 -65.98
C ASP C 277 -5.03 -2.17 -65.31
N ARG C 278 -3.95 -1.51 -65.72
CA ARG C 278 -2.63 -1.73 -65.15
C ARG C 278 -1.98 -0.38 -64.86
N HIS C 279 -1.24 -0.31 -63.76
CA HIS C 279 -0.45 0.87 -63.47
C HIS C 279 0.65 1.02 -64.51
N PRO C 280 0.81 2.21 -65.11
CA PRO C 280 1.90 2.38 -66.09
C PRO C 280 3.29 2.12 -65.52
N ARG C 281 3.52 2.46 -64.25
CA ARG C 281 4.80 2.26 -63.58
C ARG C 281 5.95 2.88 -64.37
N LEU C 282 5.77 4.15 -64.73
CA LEU C 282 6.78 4.85 -65.50
C LEU C 282 7.99 5.17 -64.63
N PRO C 283 9.20 5.07 -65.18
CA PRO C 283 10.39 5.46 -64.41
C PRO C 283 10.36 6.94 -64.08
N LEU C 284 10.96 7.28 -62.93
CA LEU C 284 10.94 8.66 -62.47
C LEU C 284 11.72 9.58 -63.41
N GLU C 285 12.75 9.07 -64.08
CA GLU C 285 13.60 9.88 -64.93
C GLU C 285 13.01 10.12 -66.32
N LYS C 286 11.83 9.57 -66.61
CA LYS C 286 11.19 9.77 -67.90
C LYS C 286 9.87 10.53 -67.78
N LEU C 287 9.66 11.25 -66.70
CA LEU C 287 8.38 11.91 -66.45
C LEU C 287 8.34 13.32 -67.04
N VAL C 288 7.22 13.66 -67.65
CA VAL C 288 6.89 15.02 -68.05
C VAL C 288 5.52 15.35 -67.46
N VAL C 289 5.46 16.34 -66.57
CA VAL C 289 4.31 16.58 -65.71
C VAL C 289 3.54 17.80 -66.18
N TYR C 290 2.22 17.67 -66.23
CA TYR C 290 1.31 18.76 -66.54
C TYR C 290 0.37 18.94 -65.34
N ARG C 291 0.38 20.13 -64.75
CA ARG C 291 -0.47 20.43 -63.60
C ARG C 291 -1.73 21.13 -64.07
N ALA C 292 -2.89 20.58 -63.71
CA ALA C 292 -4.17 21.07 -64.19
C ALA C 292 -5.16 21.23 -63.04
N ASN C 293 -6.08 22.17 -63.20
CA ASN C 293 -7.22 22.32 -62.31
C ASN C 293 -8.45 21.75 -63.01
N VAL C 294 -9.16 20.85 -62.34
CA VAL C 294 -10.26 20.12 -62.96
C VAL C 294 -11.37 21.09 -63.39
N ALA C 295 -11.69 22.07 -62.55
CA ALA C 295 -12.78 22.98 -62.85
C ALA C 295 -12.43 23.91 -64.01
N LEU C 296 -11.22 24.49 -63.97
CA LEU C 296 -10.85 25.50 -64.96
C LEU C 296 -10.37 24.91 -66.27
N PHE C 297 -10.13 23.60 -66.35
CA PHE C 297 -9.54 23.02 -67.55
C PHE C 297 -10.51 22.98 -68.71
N THR C 298 -11.80 22.79 -68.43
CA THR C 298 -12.79 22.62 -69.49
C THR C 298 -14.06 23.42 -69.26
N LYS C 299 -14.04 24.39 -68.34
CA LYS C 299 -15.26 25.11 -67.97
C LYS C 299 -15.77 25.99 -69.10
N ASP C 300 -14.90 26.54 -69.94
CA ASP C 300 -15.33 27.49 -70.94
C ASP C 300 -16.16 26.81 -72.03
N ARG C 301 -16.93 27.64 -72.75
CA ARG C 301 -17.75 27.12 -73.85
C ARG C 301 -16.88 26.62 -75.00
N SER C 302 -15.66 27.16 -75.13
CA SER C 302 -14.82 26.82 -76.27
C SER C 302 -14.30 25.39 -76.22
N SER C 303 -14.40 24.71 -75.07
CA SER C 303 -13.90 23.36 -74.96
C SER C 303 -14.66 22.37 -75.84
N GLY C 304 -15.90 22.70 -76.21
CA GLY C 304 -16.71 21.83 -77.02
C GLY C 304 -17.42 20.72 -76.27
N LEU C 305 -17.21 20.60 -74.97
CA LEU C 305 -17.90 19.60 -74.18
C LEU C 305 -19.38 19.96 -74.06
N PRO C 306 -20.26 18.96 -73.97
CA PRO C 306 -21.66 19.25 -73.67
C PRO C 306 -21.78 19.87 -72.29
N ASP C 307 -22.80 20.71 -72.12
CA ASP C 307 -23.00 21.39 -70.85
C ASP C 307 -23.21 20.36 -69.73
N ASP C 308 -22.96 20.82 -68.50
CA ASP C 308 -23.00 20.12 -67.21
C ASP C 308 -21.99 18.98 -67.17
N ALA C 309 -21.25 18.79 -68.25
CA ALA C 309 -20.10 17.89 -68.29
C ALA C 309 -18.79 18.64 -68.46
N ALA C 310 -18.84 19.97 -68.58
CA ALA C 310 -17.64 20.77 -68.69
C ALA C 310 -17.16 21.18 -67.31
N GLY C 311 -15.86 21.04 -67.07
CA GLY C 311 -15.31 21.30 -65.75
C GLY C 311 -15.40 20.14 -64.79
N THR C 312 -15.59 18.93 -65.29
CA THR C 312 -15.70 17.73 -64.48
C THR C 312 -14.63 16.73 -64.91
N PHE C 313 -14.58 15.58 -64.26
CA PHE C 313 -13.59 14.56 -64.60
C PHE C 313 -13.77 14.07 -66.02
N THR C 314 -15.02 13.99 -66.50
CA THR C 314 -15.27 13.58 -67.89
C THR C 314 -14.67 14.57 -68.87
N GLY C 315 -14.75 15.87 -68.57
CA GLY C 315 -14.12 16.86 -69.42
C GLY C 315 -12.62 16.70 -69.51
N LEU C 316 -11.97 16.39 -68.38
CA LEU C 316 -10.55 16.11 -68.40
C LEU C 316 -10.23 14.87 -69.20
N SER C 317 -11.04 13.82 -69.05
CA SER C 317 -10.81 12.58 -69.79
C SER C 317 -11.02 12.75 -71.29
N ALA C 318 -11.87 13.70 -71.70
CA ALA C 318 -12.16 13.90 -73.11
C ALA C 318 -11.04 14.58 -73.88
N LYS C 319 -10.01 15.08 -73.20
CA LYS C 319 -8.94 15.83 -73.85
C LYS C 319 -7.58 15.14 -73.73
N VAL C 320 -7.58 13.80 -73.74
CA VAL C 320 -6.33 13.07 -73.56
C VAL C 320 -5.41 13.23 -74.78
N GLU C 321 -5.98 13.53 -75.95
CA GLU C 321 -5.14 13.71 -77.13
C GLU C 321 -4.29 14.98 -77.03
N HIS C 322 -4.77 15.98 -76.29
CA HIS C 322 -3.97 17.17 -76.04
C HIS C 322 -2.68 16.81 -75.32
N PHE C 323 -2.79 16.05 -74.23
CA PHE C 323 -1.61 15.61 -73.49
C PHE C 323 -0.74 14.69 -74.33
N ARG C 324 -1.36 13.79 -75.10
CA ARG C 324 -0.57 12.88 -75.93
C ARG C 324 0.24 13.63 -76.97
N SER C 325 -0.35 14.67 -77.57
CA SER C 325 0.37 15.44 -78.59
C SER C 325 1.43 16.34 -77.95
N LEU C 326 1.19 16.83 -76.73
CA LEU C 326 2.21 17.62 -76.06
C LEU C 326 3.41 16.80 -75.62
N GLY C 327 3.23 15.49 -75.45
CA GLY C 327 4.28 14.65 -74.89
C GLY C 327 4.18 14.46 -73.39
N VAL C 328 3.04 14.78 -72.79
CA VAL C 328 2.84 14.62 -71.35
C VAL C 328 2.49 13.18 -71.03
N ASN C 329 3.20 12.60 -70.06
CA ASN C 329 2.89 11.25 -69.60
C ASN C 329 2.53 11.19 -68.12
N ALA C 330 2.29 12.33 -67.48
CA ALA C 330 1.85 12.37 -66.09
C ALA C 330 1.08 13.65 -65.86
N ILE C 331 -0.07 13.54 -65.20
CA ILE C 331 -0.94 14.69 -64.94
C ILE C 331 -1.07 14.85 -63.43
N LEU C 332 -0.77 16.05 -62.94
CA LEU C 332 -0.87 16.38 -61.53
C LEU C 332 -2.13 17.22 -61.32
N LEU C 333 -3.07 16.67 -60.56
CA LEU C 333 -4.33 17.34 -60.30
C LEU C 333 -4.24 18.19 -59.04
N GLU C 334 -4.86 19.36 -59.09
CA GLU C 334 -5.01 20.19 -57.91
C GLU C 334 -6.03 19.52 -56.97
N PRO C 335 -6.02 19.89 -55.68
CA PRO C 335 -6.74 19.09 -54.68
C PRO C 335 -8.20 18.85 -55.03
N VAL C 336 -8.65 17.61 -54.85
CA VAL C 336 -10.00 17.19 -55.17
C VAL C 336 -10.76 16.71 -53.94
N PHE C 337 -10.20 16.90 -52.75
CA PHE C 337 -10.96 16.64 -51.54
C PHE C 337 -12.10 17.65 -51.42
N PRO C 338 -13.22 17.27 -50.80
CA PRO C 338 -14.32 18.22 -50.65
C PRO C 338 -13.91 19.43 -49.84
N PHE C 339 -14.38 20.60 -50.27
CA PHE C 339 -13.97 21.86 -49.68
C PHE C 339 -15.15 22.83 -49.70
N HIS C 340 -14.99 23.96 -49.03
CA HIS C 340 -15.98 25.02 -49.01
C HIS C 340 -15.57 26.14 -49.95
N GLN C 341 -16.56 26.71 -50.65
CA GLN C 341 -16.28 27.79 -51.60
C GLN C 341 -15.75 29.04 -50.93
N VAL C 342 -15.96 29.18 -49.61
CA VAL C 342 -15.50 30.38 -48.91
C VAL C 342 -13.98 30.45 -48.91
N LYS C 343 -13.32 29.33 -48.62
CA LYS C 343 -11.87 29.30 -48.49
C LYS C 343 -11.15 28.73 -49.70
N GLY C 344 -11.79 27.84 -50.47
CA GLY C 344 -11.19 27.32 -51.67
C GLY C 344 -10.70 25.90 -51.55
N PRO C 345 -10.20 25.34 -52.66
CA PRO C 345 -9.83 23.91 -52.69
C PRO C 345 -8.70 23.52 -51.75
N TYR C 346 -7.89 24.46 -51.28
CA TYR C 346 -6.74 24.12 -50.45
C TYR C 346 -7.08 24.04 -48.97
N PHE C 347 -8.36 24.03 -48.62
CA PHE C 347 -8.83 23.89 -47.23
C PHE C 347 -9.89 22.80 -47.19
N PRO C 348 -9.48 21.54 -47.10
CA PRO C 348 -10.44 20.44 -47.23
C PRO C 348 -11.16 20.09 -45.93
N TYR C 349 -12.37 19.55 -46.10
CA TYR C 349 -13.21 19.01 -45.02
C TYR C 349 -13.01 17.53 -44.81
N HIS C 350 -12.93 16.76 -45.90
CA HIS C 350 -13.03 15.32 -45.88
C HIS C 350 -11.89 14.73 -46.69
N PHE C 351 -11.46 13.52 -46.32
CA PHE C 351 -10.28 12.92 -46.91
C PHE C 351 -10.55 11.63 -47.68
N PHE C 352 -11.79 11.19 -47.81
CA PHE C 352 -12.08 9.90 -48.42
C PHE C 352 -12.95 9.99 -49.66
N SER C 353 -13.43 11.17 -50.03
CA SER C 353 -14.32 11.35 -51.17
C SER C 353 -13.75 12.38 -52.12
N PRO C 354 -14.10 12.29 -53.40
CA PRO C 354 -13.90 13.43 -54.30
C PRO C 354 -14.98 14.49 -54.08
N MET C 355 -14.63 15.72 -54.46
CA MET C 355 -15.59 16.81 -54.37
C MET C 355 -16.76 16.54 -55.31
N ASN C 356 -17.98 16.73 -54.81
CA ASN C 356 -19.15 16.36 -55.60
C ASN C 356 -19.40 17.33 -56.74
N LEU C 357 -18.86 18.56 -56.67
CA LEU C 357 -19.04 19.52 -57.74
C LEU C 357 -18.20 19.20 -58.96
N TYR C 358 -17.28 18.24 -58.86
CA TYR C 358 -16.45 17.83 -59.99
C TYR C 358 -17.09 16.72 -60.81
N SER C 359 -18.36 16.39 -60.56
CA SER C 359 -19.07 15.38 -61.33
C SER C 359 -20.22 16.03 -62.11
N SER C 360 -20.63 15.33 -63.17
CA SER C 360 -21.72 15.84 -64.01
C SER C 360 -23.04 15.93 -63.25
N LYS C 361 -23.32 14.99 -62.34
CA LYS C 361 -24.59 14.95 -61.64
C LYS C 361 -24.57 15.69 -60.30
N GLY C 362 -23.39 16.02 -59.78
CA GLY C 362 -23.29 16.78 -58.56
C GLY C 362 -23.38 16.01 -57.27
N LEU C 363 -23.35 14.68 -57.32
CA LEU C 363 -23.46 13.85 -56.13
C LEU C 363 -22.15 13.13 -55.86
N SER C 364 -22.06 12.53 -54.67
CA SER C 364 -20.81 11.90 -54.24
C SER C 364 -20.54 10.59 -55.00
N VAL C 365 -21.57 9.75 -55.15
CA VAL C 365 -21.38 8.49 -55.88
C VAL C 365 -21.08 8.76 -57.35
N SER C 366 -21.74 9.76 -57.92
CA SER C 366 -21.41 10.17 -59.28
C SER C 366 -19.96 10.61 -59.38
N ALA C 367 -19.48 11.35 -58.38
CA ALA C 367 -18.08 11.79 -58.37
C ALA C 367 -17.14 10.61 -58.29
N ILE C 368 -17.48 9.60 -57.48
CA ILE C 368 -16.64 8.41 -57.36
C ILE C 368 -16.52 7.70 -58.69
N LYS C 369 -17.67 7.45 -59.34
CA LYS C 369 -17.64 6.74 -60.61
C LYS C 369 -16.94 7.56 -61.69
N SER C 370 -17.15 8.88 -61.71
CA SER C 370 -16.49 9.73 -62.71
C SER C 370 -14.97 9.73 -62.52
N MET C 371 -14.52 9.83 -61.27
CA MET C 371 -13.09 9.80 -61.00
C MET C 371 -12.46 8.48 -61.43
N LYS C 372 -13.14 7.37 -61.12
CA LYS C 372 -12.63 6.07 -61.55
C LYS C 372 -12.59 5.96 -63.08
N ASP C 373 -13.62 6.45 -63.76
CA ASP C 373 -13.63 6.43 -65.22
C ASP C 373 -12.47 7.22 -65.79
N MET C 374 -12.21 8.41 -65.24
CA MET C 374 -11.11 9.23 -65.72
C MET C 374 -9.77 8.54 -65.50
N VAL C 375 -9.58 7.94 -64.32
CA VAL C 375 -8.32 7.24 -64.05
C VAL C 375 -8.13 6.08 -65.02
N ARG C 376 -9.19 5.32 -65.28
CA ARG C 376 -9.09 4.20 -66.22
C ARG C 376 -8.75 4.68 -67.61
N VAL C 377 -9.36 5.79 -68.04
CA VAL C 377 -9.06 6.34 -69.37
C VAL C 377 -7.61 6.77 -69.46
N MET C 378 -7.10 7.43 -68.40
CA MET C 378 -5.69 7.83 -68.41
C MET C 378 -4.76 6.63 -68.47
N HIS C 379 -5.03 5.59 -67.67
CA HIS C 379 -4.16 4.42 -67.67
C HIS C 379 -4.20 3.69 -69.00
N ARG C 380 -5.36 3.69 -69.66
CA ARG C 380 -5.45 3.07 -70.98
C ARG C 380 -4.55 3.77 -71.99
N ASN C 381 -4.27 5.05 -71.77
CA ASN C 381 -3.40 5.84 -72.65
C ASN C 381 -1.96 5.91 -72.15
N GLY C 382 -1.61 5.15 -71.12
CA GLY C 382 -0.26 5.16 -70.57
C GLY C 382 0.12 6.44 -69.87
N ILE C 383 -0.79 7.04 -69.12
CA ILE C 383 -0.56 8.30 -68.42
C ILE C 383 -0.83 8.11 -66.94
N GLU C 384 0.10 8.55 -66.10
CA GLU C 384 -0.02 8.44 -64.66
C GLU C 384 -0.86 9.59 -64.10
N VAL C 385 -1.53 9.31 -62.99
CA VAL C 385 -2.36 10.30 -62.30
C VAL C 385 -1.73 10.56 -60.93
N LEU C 386 -1.37 11.81 -60.67
CA LEU C 386 -0.85 12.24 -59.39
C LEU C 386 -1.80 13.26 -58.78
N LEU C 387 -1.87 13.28 -57.45
CA LEU C 387 -2.83 14.11 -56.72
C LEU C 387 -2.09 15.02 -55.75
N GLU C 388 -2.42 16.30 -55.77
CA GLU C 388 -2.03 17.21 -54.70
C GLU C 388 -2.92 16.96 -53.49
N VAL C 389 -2.31 16.82 -52.31
CA VAL C 389 -3.02 16.48 -51.09
C VAL C 389 -2.64 17.46 -49.99
N VAL C 390 -3.65 17.93 -49.26
CA VAL C 390 -3.44 18.81 -48.10
C VAL C 390 -3.76 18.01 -46.85
N PHE C 391 -2.78 17.88 -45.96
CA PHE C 391 -2.96 17.13 -44.72
C PHE C 391 -2.48 17.93 -43.51
N THR C 392 -2.25 19.23 -43.67
CA THR C 392 -1.74 20.06 -42.58
C THR C 392 -2.81 20.93 -41.92
N HIS C 393 -3.94 21.16 -42.57
CA HIS C 393 -4.97 22.04 -42.03
C HIS C 393 -6.28 21.72 -42.72
N THR C 394 -7.37 22.16 -42.09
CA THR C 394 -8.72 21.91 -42.58
C THR C 394 -9.46 23.23 -42.75
N ALA C 395 -10.74 23.12 -43.09
CA ALA C 395 -11.61 24.26 -43.31
C ALA C 395 -12.47 24.60 -42.10
N GLU C 396 -12.28 23.92 -40.97
CA GLU C 396 -13.07 24.20 -39.79
C GLU C 396 -12.54 25.43 -39.06
N GLY C 397 -13.31 25.89 -38.08
CA GLY C 397 -12.99 27.09 -37.33
C GLY C 397 -12.90 26.84 -35.84
N GLU C 398 -12.51 27.88 -35.11
CA GLU C 398 -12.37 27.82 -33.66
C GLU C 398 -13.64 28.28 -32.95
N SER C 399 -14.79 27.75 -33.36
CA SER C 399 -16.07 28.05 -32.75
C SER C 399 -17.07 27.00 -33.19
N GLU C 400 -18.32 27.13 -32.71
CA GLU C 400 -19.36 26.15 -32.99
C GLU C 400 -20.00 26.36 -34.36
N CYS C 401 -19.98 27.59 -34.88
CA CYS C 401 -20.66 27.86 -36.14
C CYS C 401 -19.98 27.17 -37.32
N GLN C 402 -18.66 27.00 -37.28
CA GLN C 402 -17.91 26.40 -38.37
C GLN C 402 -17.39 25.00 -38.02
N THR C 403 -18.05 24.32 -37.08
CA THR C 403 -17.72 22.95 -36.73
C THR C 403 -18.53 22.00 -37.61
N ILE C 404 -17.84 21.10 -38.30
CA ILE C 404 -18.53 20.17 -39.19
C ILE C 404 -18.16 18.72 -38.87
N SER C 405 -16.97 18.49 -38.32
CA SER C 405 -16.50 17.12 -38.18
C SER C 405 -15.54 16.93 -37.01
N MET C 406 -14.24 16.80 -37.30
CA MET C 406 -13.26 16.42 -36.29
C MET C 406 -13.18 17.43 -35.16
N ARG C 407 -13.51 18.69 -35.42
CA ARG C 407 -13.43 19.71 -34.37
C ARG C 407 -14.44 19.44 -33.27
N GLY C 408 -15.60 18.89 -33.62
CA GLY C 408 -16.63 18.61 -32.64
C GLY C 408 -16.55 17.23 -32.00
N ILE C 409 -15.82 16.32 -32.62
CA ILE C 409 -15.72 14.95 -32.09
C ILE C 409 -14.64 14.88 -31.01
N ASP C 410 -13.39 15.21 -31.38
CA ASP C 410 -12.29 15.21 -30.40
C ASP C 410 -11.32 16.30 -30.83
N ASN C 411 -11.47 17.49 -30.25
CA ASN C 411 -10.61 18.62 -30.63
C ASN C 411 -9.17 18.39 -30.19
N SER C 412 -8.96 17.84 -29.01
CA SER C 412 -7.61 17.74 -28.47
C SER C 412 -6.71 16.83 -29.29
N SER C 413 -7.24 15.73 -29.80
CA SER C 413 -6.44 14.77 -30.55
C SER C 413 -6.18 15.21 -31.99
N TYR C 414 -7.19 15.73 -32.67
CA TYR C 414 -7.08 16.01 -34.10
C TYR C 414 -6.36 17.32 -34.41
N TYR C 415 -6.39 18.29 -33.50
CA TYR C 415 -5.93 19.63 -33.83
C TYR C 415 -4.87 20.09 -32.83
N ILE C 416 -4.04 21.03 -33.29
CA ILE C 416 -3.02 21.66 -32.46
C ILE C 416 -3.68 22.72 -31.59
N ALA C 417 -3.36 22.72 -30.30
CA ALA C 417 -3.97 23.67 -29.38
C ALA C 417 -3.51 25.09 -29.69
N ASN C 418 -4.48 26.01 -29.77
CA ASN C 418 -4.25 27.43 -29.98
C ASN C 418 -3.71 27.74 -31.38
N GLY C 419 -3.47 26.70 -32.19
CA GLY C 419 -2.92 26.91 -33.51
C GLY C 419 -1.51 27.45 -33.45
N ILE C 420 -1.18 28.29 -34.44
CA ILE C 420 0.11 28.98 -34.49
C ILE C 420 -0.14 30.47 -34.53
N ALA C 421 0.82 31.24 -34.02
CA ALA C 421 0.69 32.69 -33.99
C ALA C 421 0.59 33.25 -35.40
N GLY C 422 -0.28 34.26 -35.57
CA GLY C 422 -0.48 34.87 -36.86
C GLY C 422 -1.11 33.95 -37.88
N CYS C 423 -2.18 33.26 -37.50
CA CYS C 423 -2.86 32.34 -38.40
C CYS C 423 -4.31 32.19 -37.94
N LYS C 424 -5.20 31.98 -38.90
CA LYS C 424 -6.62 31.80 -38.63
C LYS C 424 -7.14 30.52 -39.25
N ALA C 425 -6.34 29.46 -39.19
CA ALA C 425 -6.72 28.16 -39.71
C ALA C 425 -6.51 27.10 -38.63
N SER C 426 -7.26 26.01 -38.75
CA SER C 426 -7.15 24.90 -37.82
C SER C 426 -6.01 23.99 -38.28
N ILE C 427 -4.89 24.04 -37.56
CA ILE C 427 -3.72 23.23 -37.87
C ILE C 427 -3.93 21.83 -37.30
N LEU C 428 -3.81 20.83 -38.17
CA LEU C 428 -3.96 19.45 -37.74
C LEU C 428 -2.77 19.01 -36.89
N ASN C 429 -3.04 18.11 -35.95
CA ASN C 429 -1.99 17.48 -35.15
C ASN C 429 -1.51 16.24 -35.92
N CYS C 430 -0.64 16.49 -36.90
CA CYS C 430 -0.29 15.48 -37.89
C CYS C 430 0.40 14.28 -37.27
N ASN C 431 1.26 14.50 -36.28
CA ASN C 431 2.07 13.42 -35.71
C ASN C 431 1.43 12.76 -34.50
N HIS C 432 0.20 13.13 -34.16
CA HIS C 432 -0.55 12.36 -33.18
C HIS C 432 -0.98 11.03 -33.78
N PRO C 433 -0.89 9.92 -33.04
CA PRO C 433 -1.12 8.60 -33.63
C PRO C 433 -2.49 8.43 -34.29
N VAL C 434 -3.56 9.01 -33.73
CA VAL C 434 -4.87 8.88 -34.33
C VAL C 434 -4.91 9.58 -35.69
N THR C 435 -4.37 10.80 -35.76
CA THR C 435 -4.29 11.51 -37.03
C THR C 435 -3.38 10.80 -38.01
N GLN C 436 -2.27 10.24 -37.53
CA GLN C 436 -1.41 9.42 -38.38
C GLN C 436 -2.20 8.29 -39.02
N LYS C 437 -3.00 7.58 -38.21
CA LYS C 437 -3.80 6.49 -38.73
C LYS C 437 -4.80 6.97 -39.76
N LEU C 438 -5.44 8.10 -39.49
CA LEU C 438 -6.42 8.63 -40.45
C LEU C 438 -5.76 8.99 -41.78
N ILE C 439 -4.60 9.66 -41.74
CA ILE C 439 -3.92 10.07 -42.96
C ILE C 439 -3.45 8.85 -43.75
N LEU C 440 -2.84 7.88 -43.06
CA LEU C 440 -2.38 6.68 -43.74
C LEU C 440 -3.53 5.88 -44.32
N ASP C 441 -4.66 5.81 -43.61
CA ASP C 441 -5.85 5.16 -44.13
C ASP C 441 -6.33 5.85 -45.40
N SER C 442 -6.35 7.18 -45.40
CA SER C 442 -6.77 7.93 -46.59
C SER C 442 -5.86 7.66 -47.78
N LEU C 443 -4.54 7.67 -47.57
CA LEU C 443 -3.61 7.42 -48.66
C LEU C 443 -3.78 6.01 -49.22
N ARG C 444 -3.87 5.02 -48.32
CA ARG C 444 -4.05 3.64 -48.77
C ARG C 444 -5.38 3.47 -49.49
N HIS C 445 -6.43 4.15 -49.02
CA HIS C 445 -7.72 4.07 -49.68
C HIS C 445 -7.63 4.63 -51.10
N TRP C 446 -7.02 5.80 -51.27
CA TRP C 446 -6.94 6.37 -52.60
C TRP C 446 -6.12 5.48 -53.54
N VAL C 447 -5.00 4.95 -53.06
CA VAL C 447 -4.17 4.10 -53.92
C VAL C 447 -4.91 2.81 -54.30
N LEU C 448 -5.52 2.14 -53.31
CA LEU C 448 -6.10 0.82 -53.55
C LEU C 448 -7.44 0.90 -54.27
N ASP C 449 -8.23 1.92 -54.02
CA ASP C 449 -9.60 2.02 -54.54
C ASP C 449 -9.72 2.89 -55.78
N PHE C 450 -8.84 3.88 -55.95
CA PHE C 450 -8.90 4.74 -57.12
C PHE C 450 -7.72 4.55 -58.06
N HIS C 451 -6.77 3.69 -57.71
CA HIS C 451 -5.62 3.35 -58.56
C HIS C 451 -4.79 4.59 -58.90
N VAL C 452 -4.50 5.39 -57.87
CA VAL C 452 -3.73 6.61 -58.02
C VAL C 452 -2.23 6.27 -57.98
N ASP C 453 -1.45 6.96 -58.80
CA ASP C 453 -0.04 6.62 -58.98
C ASP C 453 0.91 7.39 -58.08
N GLY C 454 0.50 8.53 -57.53
CA GLY C 454 1.42 9.29 -56.70
C GLY C 454 0.73 10.45 -56.02
N PHE C 455 1.48 11.09 -55.12
CA PHE C 455 0.97 12.17 -54.30
C PHE C 455 2.00 13.30 -54.21
N CYS C 456 1.51 14.53 -54.26
CA CYS C 456 2.32 15.72 -53.99
C CYS C 456 1.78 16.39 -52.74
N PHE C 457 2.58 16.40 -51.67
CA PHE C 457 2.14 16.87 -50.37
C PHE C 457 2.33 18.37 -50.26
N ILE C 458 1.22 19.10 -50.29
CA ILE C 458 1.26 20.55 -50.12
C ILE C 458 1.68 20.88 -48.68
N ASN C 459 2.49 21.93 -48.53
CA ASN C 459 2.93 22.40 -47.21
C ASN C 459 3.70 21.31 -46.48
N ALA C 460 4.55 20.59 -47.22
CA ALA C 460 5.30 19.47 -46.66
C ALA C 460 6.14 19.83 -45.44
N PRO C 461 6.82 20.97 -45.35
CA PRO C 461 7.60 21.26 -44.14
C PRO C 461 6.78 21.29 -42.86
N PHE C 462 5.48 21.60 -42.93
CA PHE C 462 4.63 21.57 -41.74
C PHE C 462 4.49 20.19 -41.15
N LEU C 463 4.79 19.13 -41.89
CA LEU C 463 4.61 17.77 -41.42
C LEU C 463 5.67 17.32 -40.43
N VAL C 464 6.69 18.15 -40.18
CA VAL C 464 7.73 17.81 -39.22
C VAL C 464 7.54 18.55 -37.90
N ARG C 465 6.45 19.30 -37.75
CA ARG C 465 6.15 20.00 -36.51
C ARG C 465 5.46 19.05 -35.53
N GLY C 466 5.78 19.20 -34.24
CA GLY C 466 5.21 18.38 -33.21
C GLY C 466 3.94 18.95 -32.64
N PRO C 467 3.41 18.30 -31.59
CA PRO C 467 2.16 18.80 -30.98
C PRO C 467 2.26 20.22 -30.48
N GLY C 468 3.40 20.62 -29.92
CA GLY C 468 3.57 21.98 -29.44
C GLY C 468 4.00 22.98 -30.48
N GLY C 469 4.28 22.53 -31.71
CA GLY C 469 4.80 23.40 -32.74
C GLY C 469 6.31 23.34 -32.91
N GLU C 470 7.01 22.60 -32.06
CA GLU C 470 8.45 22.46 -32.15
C GLU C 470 8.82 21.61 -33.36
N TYR C 471 10.09 21.72 -33.76
CA TYR C 471 10.60 20.98 -34.91
C TYR C 471 11.11 19.62 -34.45
N LEU C 472 10.59 18.55 -35.06
CA LEU C 472 10.95 17.20 -34.65
C LEU C 472 12.14 16.70 -35.46
N SER C 473 13.14 16.16 -34.74
CA SER C 473 14.30 15.57 -35.39
C SER C 473 13.99 14.21 -36.00
N ARG C 474 12.97 13.52 -35.49
CA ARG C 474 12.54 12.23 -36.02
C ARG C 474 11.01 12.22 -36.16
N PRO C 475 10.49 12.87 -37.20
CA PRO C 475 9.02 12.93 -37.37
C PRO C 475 8.47 11.56 -37.73
N PRO C 476 7.47 11.08 -36.98
CA PRO C 476 6.98 9.71 -37.20
C PRO C 476 6.08 9.53 -38.42
N LEU C 477 5.28 10.54 -38.77
CA LEU C 477 4.35 10.38 -39.90
C LEU C 477 5.09 10.24 -41.22
N LEU C 478 6.14 11.05 -41.42
CA LEU C 478 6.94 10.94 -42.65
C LEU C 478 7.59 9.57 -42.76
N GLU C 479 8.17 9.09 -41.66
CA GLU C 479 8.79 7.77 -41.65
C GLU C 479 7.76 6.67 -41.92
N ALA C 480 6.55 6.82 -41.37
CA ALA C 480 5.50 5.84 -41.60
C ALA C 480 5.05 5.83 -43.06
N ILE C 481 4.98 7.01 -43.69
CA ILE C 481 4.64 7.07 -45.11
C ILE C 481 5.72 6.43 -45.96
N THR C 482 6.99 6.67 -45.61
CA THR C 482 8.10 6.18 -46.43
C THR C 482 8.20 4.66 -46.40
N PHE C 483 7.86 4.02 -45.28
CA PHE C 483 8.05 2.58 -45.14
C PHE C 483 6.74 1.81 -45.07
N ASP C 484 5.65 2.39 -45.53
CA ASP C 484 4.39 1.66 -45.62
C ASP C 484 4.48 0.61 -46.71
N PRO C 485 4.31 -0.68 -46.40
CA PRO C 485 4.52 -1.71 -47.43
C PRO C 485 3.55 -1.64 -48.60
N VAL C 486 2.33 -1.16 -48.37
CA VAL C 486 1.36 -1.08 -49.46
C VAL C 486 1.76 0.02 -50.45
N LEU C 487 2.25 1.15 -49.95
CA LEU C 487 2.54 2.32 -50.75
C LEU C 487 3.96 2.35 -51.30
N SER C 488 4.70 1.26 -51.19
CA SER C 488 6.13 1.28 -51.49
C SER C 488 6.44 1.49 -52.98
N MET C 489 5.45 1.40 -53.86
CA MET C 489 5.67 1.60 -55.29
C MET C 489 5.06 2.88 -55.82
N THR C 490 4.44 3.70 -54.98
CA THR C 490 3.83 4.95 -55.42
C THR C 490 4.80 6.11 -55.22
N LYS C 491 4.70 7.10 -56.10
CA LYS C 491 5.59 8.25 -56.03
C LYS C 491 5.11 9.24 -54.96
N ILE C 492 6.06 9.81 -54.24
CA ILE C 492 5.79 10.81 -53.22
C ILE C 492 6.68 12.01 -53.46
N ILE C 493 6.07 13.20 -53.52
CA ILE C 493 6.77 14.45 -53.80
C ILE C 493 6.41 15.46 -52.71
N ALA C 494 7.41 16.19 -52.24
CA ALA C 494 7.23 17.20 -51.21
C ALA C 494 7.24 18.58 -51.84
N ASP C 495 6.21 19.37 -51.55
CA ASP C 495 6.06 20.72 -52.10
C ASP C 495 6.18 21.74 -50.98
N PRO C 496 7.16 22.64 -51.01
CA PRO C 496 7.31 23.61 -49.91
C PRO C 496 6.31 24.76 -49.94
N TRP C 497 5.55 24.93 -51.03
CA TRP C 497 4.62 26.04 -51.11
C TRP C 497 3.46 25.85 -50.15
N SER C 498 2.97 26.95 -49.59
CA SER C 498 1.90 26.93 -48.61
C SER C 498 0.82 27.96 -48.95
N PRO C 499 -0.46 27.56 -48.91
CA PRO C 499 -1.54 28.53 -49.09
C PRO C 499 -1.81 29.41 -47.89
N LEU C 500 -1.23 29.10 -46.73
CA LEU C 500 -1.47 29.88 -45.53
C LEU C 500 -0.72 31.22 -45.62
N ASP C 501 -1.14 32.16 -44.78
CA ASP C 501 -0.56 33.50 -44.82
C ASP C 501 0.91 33.49 -44.47
N ILE C 502 1.31 32.63 -43.52
CA ILE C 502 2.72 32.53 -43.17
C ILE C 502 3.47 31.82 -44.27
N SER C 503 4.80 32.01 -44.30
CA SER C 503 5.67 31.39 -45.28
C SER C 503 6.59 30.40 -44.58
N ASN C 504 6.90 29.31 -45.29
CA ASN C 504 7.71 28.24 -44.73
C ASN C 504 9.18 28.63 -44.69
N VAL C 505 9.86 28.20 -43.63
CA VAL C 505 11.31 28.32 -43.54
C VAL C 505 11.93 27.09 -44.18
N GLN C 506 13.21 27.19 -44.54
CA GLN C 506 13.89 26.16 -45.29
C GLN C 506 14.79 25.33 -44.38
N PHE C 507 14.74 24.01 -44.57
CA PHE C 507 15.58 23.06 -43.85
C PHE C 507 15.70 21.81 -44.69
N PRO C 508 16.69 20.96 -44.43
CA PRO C 508 16.81 19.72 -45.21
C PRO C 508 15.67 18.76 -44.90
N PHE C 509 14.94 18.38 -45.94
CA PHE C 509 13.82 17.46 -45.81
C PHE C 509 14.34 16.02 -45.76
N PRO C 510 13.94 15.21 -44.78
CA PRO C 510 14.35 13.79 -44.76
C PRO C 510 13.68 13.04 -45.89
N HIS C 511 14.50 12.39 -46.73
CA HIS C 511 14.01 11.76 -47.95
C HIS C 511 14.22 10.25 -48.02
N TRP C 512 15.25 9.71 -47.36
CA TRP C 512 15.57 8.28 -47.41
C TRP C 512 15.86 7.82 -48.84
N LYS C 513 16.32 8.75 -49.67
CA LYS C 513 16.57 8.50 -51.10
C LYS C 513 15.30 8.05 -51.83
N ARG C 514 14.16 8.48 -51.35
CA ARG C 514 12.87 8.09 -51.92
C ARG C 514 11.98 9.28 -52.27
N TRP C 515 12.03 10.34 -51.47
CA TRP C 515 11.18 11.50 -51.70
C TRP C 515 11.74 12.38 -52.81
N ALA C 516 10.89 12.75 -53.75
CA ALA C 516 11.20 13.82 -54.69
C ALA C 516 10.78 15.16 -54.09
N GLU C 517 11.34 16.23 -54.63
CA GLU C 517 11.04 17.57 -54.13
C GLU C 517 10.79 18.52 -55.29
N VAL C 518 9.97 19.53 -55.04
CA VAL C 518 9.75 20.61 -56.00
C VAL C 518 10.87 21.62 -55.83
N ASN C 519 11.65 21.83 -56.89
CA ASN C 519 12.85 22.67 -56.83
C ASN C 519 12.43 24.12 -57.02
N THR C 520 12.32 24.86 -55.91
CA THR C 520 11.94 26.26 -55.97
C THR C 520 13.10 27.18 -56.34
N ARG C 521 14.34 26.74 -56.14
CA ARG C 521 15.49 27.56 -56.52
C ARG C 521 15.65 27.64 -58.03
N PHE C 522 15.19 26.61 -58.75
CA PHE C 522 15.33 26.58 -60.20
C PHE C 522 14.61 27.76 -60.85
N SER C 523 13.36 28.01 -60.44
CA SER C 523 12.60 29.11 -61.04
C SER C 523 13.25 30.45 -60.74
N ILE C 524 13.67 30.65 -59.49
CA ILE C 524 14.30 31.91 -59.10
C ILE C 524 15.56 32.15 -59.92
N ASP C 525 16.39 31.11 -60.07
CA ASP C 525 17.66 31.29 -60.76
C ASP C 525 17.47 31.51 -62.26
N VAL C 526 16.54 30.79 -62.89
CA VAL C 526 16.30 31.01 -64.31
C VAL C 526 15.71 32.40 -64.54
N ARG C 527 14.79 32.82 -63.69
CA ARG C 527 14.19 34.15 -63.81
C ARG C 527 15.25 35.23 -63.65
N LYS C 528 16.17 35.06 -62.69
CA LYS C 528 17.22 36.05 -62.49
C LYS C 528 18.20 36.06 -63.65
N PHE C 529 18.53 34.89 -64.20
CA PHE C 529 19.45 34.86 -65.34
C PHE C 529 18.85 35.57 -66.55
N LEU C 530 17.57 35.34 -66.83
CA LEU C 530 16.98 36.01 -67.98
C LEU C 530 16.75 37.49 -67.72
N LYS C 531 16.93 37.95 -66.49
CA LYS C 531 16.83 39.36 -66.13
C LYS C 531 18.18 40.04 -65.99
N ARG C 532 19.27 39.37 -66.36
CA ARG C 532 20.64 39.88 -66.20
C ARG C 532 20.90 40.27 -64.75
N GLU C 533 20.59 39.34 -63.84
CA GLU C 533 20.75 39.60 -62.42
C GLU C 533 21.35 38.43 -61.66
N ALA C 534 21.82 37.38 -62.33
CA ALA C 534 22.40 36.23 -61.67
C ALA C 534 23.74 35.88 -62.28
N LEU C 535 24.59 35.23 -61.48
CA LEU C 535 25.85 34.70 -61.95
C LEU C 535 25.61 33.47 -62.81
N ILE C 536 26.47 33.28 -63.82
CA ILE C 536 26.32 32.12 -64.70
C ILE C 536 26.62 30.81 -63.98
N SER C 537 27.25 30.87 -62.82
CA SER C 537 27.47 29.66 -62.03
C SER C 537 26.14 29.08 -61.53
N ASP C 538 25.18 29.95 -61.18
CA ASP C 538 23.85 29.49 -60.81
C ASP C 538 23.19 28.75 -61.96
N LEU C 539 23.28 29.31 -63.17
CA LEU C 539 22.69 28.65 -64.34
C LEU C 539 23.39 27.33 -64.61
N ALA C 540 24.71 27.28 -64.43
CA ALA C 540 25.43 26.02 -64.62
C ALA C 540 24.97 24.98 -63.61
N THR C 541 24.77 25.37 -62.37
CA THR C 541 24.28 24.43 -61.36
C THR C 541 22.88 23.93 -61.69
N ARG C 542 22.00 24.81 -62.13
CA ARG C 542 20.62 24.40 -62.39
C ARG C 542 20.50 23.56 -63.67
N LEU C 543 21.34 23.82 -64.67
CA LEU C 543 21.31 23.04 -65.91
C LEU C 543 21.74 21.60 -65.71
N CYS C 544 22.53 21.32 -64.67
CA CYS C 544 23.12 20.00 -64.48
C CYS C 544 22.34 19.13 -63.50
N GLY C 545 21.16 19.57 -63.06
CA GLY C 545 20.34 18.76 -62.19
C GLY C 545 20.33 19.15 -60.73
N SER C 546 20.92 20.29 -60.37
CA SER C 546 20.96 20.78 -58.99
C SER C 546 21.63 19.78 -58.06
N GLY C 547 22.91 19.53 -58.32
CA GLY C 547 23.67 18.58 -57.54
C GLY C 547 23.91 19.03 -56.10
N ASP C 548 23.78 20.32 -55.82
CA ASP C 548 23.97 20.81 -54.46
C ASP C 548 22.83 20.39 -53.53
N LEU C 549 21.70 19.97 -54.08
CA LEU C 549 20.55 19.57 -53.27
C LEU C 549 20.19 18.10 -53.44
N PHE C 550 20.50 17.49 -54.58
CA PHE C 550 20.14 16.11 -54.89
C PHE C 550 21.37 15.29 -55.22
N SER C 551 22.47 15.52 -54.49
CA SER C 551 23.73 14.83 -54.79
C SER C 551 23.61 13.34 -54.58
N THR C 552 23.00 12.92 -53.48
CA THR C 552 22.88 11.49 -53.17
C THR C 552 21.65 10.84 -53.80
N ARG C 553 20.77 11.62 -54.42
CA ARG C 553 19.55 11.09 -55.00
C ARG C 553 19.62 10.99 -56.52
N GLY C 554 20.04 12.05 -57.20
CA GLY C 554 20.11 12.05 -58.64
C GLY C 554 19.26 13.13 -59.27
N PRO C 555 19.52 13.44 -60.54
CA PRO C 555 18.75 14.50 -61.21
C PRO C 555 17.27 14.20 -61.35
N ALA C 556 16.87 12.92 -61.35
CA ALA C 556 15.48 12.57 -61.57
C ALA C 556 14.57 13.01 -60.43
N PHE C 557 15.12 13.27 -59.25
CA PHE C 557 14.32 13.66 -58.09
C PHE C 557 14.08 15.16 -58.02
N SER C 558 14.63 15.95 -58.93
CA SER C 558 14.44 17.38 -58.96
C SER C 558 13.30 17.71 -59.93
N PHE C 559 12.23 18.30 -59.40
CA PHE C 559 11.06 18.67 -60.18
C PHE C 559 11.16 20.15 -60.51
N ASN C 560 11.58 20.46 -61.74
CA ASN C 560 11.87 21.82 -62.16
C ASN C 560 10.62 22.49 -62.75
N HIS C 561 10.54 23.81 -62.55
CA HIS C 561 9.46 24.60 -63.10
C HIS C 561 9.90 26.05 -63.17
N VAL C 562 9.27 26.81 -64.07
CA VAL C 562 9.49 28.25 -64.16
C VAL C 562 8.27 29.05 -63.78
N SER C 563 7.10 28.42 -63.64
CA SER C 563 5.88 29.12 -63.27
C SER C 563 4.82 28.12 -62.80
N ARG C 564 4.12 28.45 -61.73
CA ARG C 564 3.06 27.61 -61.19
C ARG C 564 1.74 28.37 -61.13
N ASN C 565 0.74 27.77 -60.50
CA ASN C 565 -0.59 28.37 -60.44
C ASN C 565 -0.66 29.57 -59.48
N SER C 566 0.39 29.79 -58.70
CA SER C 566 0.52 31.02 -57.93
C SER C 566 1.67 31.86 -58.49
N GLY C 567 1.61 33.15 -58.21
CA GLY C 567 2.55 34.07 -58.83
C GLY C 567 2.14 34.41 -60.24
N LEU C 568 3.12 34.93 -60.99
CA LEU C 568 2.88 35.33 -62.37
C LEU C 568 2.95 34.13 -63.31
N SER C 569 2.13 34.18 -64.36
CA SER C 569 2.16 33.15 -65.38
C SER C 569 3.32 33.39 -66.34
N LEU C 570 3.44 32.53 -67.36
CA LEU C 570 4.52 32.68 -68.32
C LEU C 570 4.41 34.00 -69.09
N VAL C 571 3.20 34.34 -69.52
CA VAL C 571 2.99 35.59 -70.26
C VAL C 571 3.17 36.80 -69.35
N ASP C 572 2.68 36.72 -68.12
CA ASP C 572 2.80 37.84 -67.19
C ASP C 572 4.23 38.04 -66.72
N LEU C 573 5.08 37.02 -66.83
CA LEU C 573 6.45 37.13 -66.37
C LEU C 573 7.28 38.04 -67.28
N VAL C 574 6.85 38.22 -68.52
CA VAL C 574 7.57 39.06 -69.47
C VAL C 574 6.77 40.34 -69.79
N SER C 575 5.74 40.64 -69.00
CA SER C 575 4.85 41.76 -69.30
C SER C 575 4.60 42.69 -68.12
N PHE C 576 4.89 42.29 -66.89
CA PHE C 576 4.53 43.06 -65.71
C PHE C 576 5.71 43.08 -64.73
N SER C 577 6.18 44.28 -64.40
CA SER C 577 7.18 44.43 -63.33
C SER C 577 7.02 45.82 -62.73
N ASN C 578 6.29 45.89 -61.62
CA ASN C 578 6.20 47.09 -60.82
C ASN C 578 7.18 46.98 -59.65
N ASP C 579 7.10 47.93 -58.72
CA ASP C 579 7.84 47.82 -57.46
C ASP C 579 7.16 46.89 -56.47
N ASP C 580 5.90 46.53 -56.71
CA ASP C 580 5.18 45.59 -55.87
C ASP C 580 5.38 44.14 -56.29
N LEU C 581 6.01 43.91 -57.44
CA LEU C 581 6.29 42.57 -57.95
C LEU C 581 7.77 42.23 -57.85
N LEU C 582 8.45 42.73 -56.80
CA LEU C 582 9.88 42.51 -56.65
C LEU C 582 10.22 41.08 -56.27
N SER C 583 9.32 40.38 -55.59
CA SER C 583 9.54 39.00 -55.21
C SER C 583 9.30 38.02 -56.35
N GLU C 584 9.17 38.51 -57.58
CA GLU C 584 8.85 37.67 -58.72
C GLU C 584 9.94 37.63 -59.79
N SER C 585 10.91 38.54 -59.75
CA SER C 585 12.03 38.56 -60.70
C SER C 585 11.55 38.60 -62.14
N SER C 586 10.64 39.54 -62.42
CA SER C 586 10.07 39.71 -63.75
C SER C 586 10.63 40.98 -64.41
N TRP C 587 10.54 41.01 -65.74
CA TRP C 587 11.00 42.15 -66.53
C TRP C 587 10.00 42.34 -67.67
N ASN C 588 9.37 43.51 -67.73
CA ASN C 588 8.31 43.76 -68.69
C ASN C 588 8.81 43.97 -70.12
N CYS C 589 10.12 43.88 -70.35
CA CYS C 589 10.73 44.02 -71.67
C CYS C 589 10.57 45.42 -72.25
N GLY C 590 10.38 46.42 -71.39
CA GLY C 590 10.37 47.80 -71.86
C GLY C 590 9.13 48.61 -71.51
N GLU C 591 7.96 48.00 -71.62
CA GLU C 591 6.70 48.69 -71.34
C GLU C 591 5.83 47.83 -70.45
N GLU C 592 5.08 48.46 -69.55
CA GLU C 592 4.25 47.73 -68.59
C GLU C 592 2.88 47.47 -69.19
N GLY C 593 2.44 46.21 -69.15
CA GLY C 593 1.17 45.81 -69.69
C GLY C 593 1.22 45.60 -71.19
N PRO C 594 0.05 45.49 -71.82
CA PRO C 594 0.02 45.31 -73.28
C PRO C 594 0.66 46.49 -74.00
N SER C 595 1.34 46.17 -75.10
CA SER C 595 2.12 47.16 -75.83
C SER C 595 1.90 47.00 -77.32
N GLU C 596 2.11 48.10 -78.05
CA GLU C 596 2.07 48.11 -79.50
C GLU C 596 3.45 48.30 -80.13
N ASN C 597 4.47 48.59 -79.33
CA ASN C 597 5.81 48.73 -79.85
C ASN C 597 6.28 47.41 -80.45
N SER C 598 6.95 47.50 -81.60
CA SER C 598 7.37 46.31 -82.33
C SER C 598 8.60 45.64 -81.73
N ALA C 599 9.38 46.35 -80.92
CA ALA C 599 10.56 45.75 -80.29
C ALA C 599 10.21 45.03 -79.00
N VAL C 600 9.26 45.58 -78.22
CA VAL C 600 8.82 44.91 -77.01
C VAL C 600 8.21 43.56 -77.34
N LEU C 601 7.41 43.49 -78.41
CA LEU C 601 6.80 42.22 -78.81
C LEU C 601 7.86 41.19 -79.18
N GLN C 602 8.87 41.60 -79.94
CA GLN C 602 9.94 40.69 -80.32
C GLN C 602 10.70 40.18 -79.10
N THR C 603 11.02 41.09 -78.17
CA THR C 603 11.74 40.68 -76.97
C THR C 603 10.89 39.72 -76.13
N ARG C 604 9.58 39.97 -76.04
CA ARG C 604 8.71 39.09 -75.25
C ARG C 604 8.62 37.71 -75.87
N LEU C 605 8.49 37.64 -77.20
CA LEU C 605 8.45 36.34 -77.86
C LEU C 605 9.75 35.57 -77.65
N ARG C 606 10.89 36.27 -77.79
CA ARG C 606 12.18 35.64 -77.56
C ARG C 606 12.29 35.13 -76.12
N GLN C 607 11.82 35.92 -75.16
CA GLN C 607 11.93 35.53 -73.76
C GLN C 607 11.07 34.32 -73.43
N ILE C 608 9.87 34.24 -74.02
CA ILE C 608 9.03 33.07 -73.81
C ILE C 608 9.71 31.82 -74.38
N ARG C 609 10.27 31.93 -75.60
CA ARG C 609 10.99 30.80 -76.16
C ARG C 609 12.17 30.40 -75.28
N ASN C 610 12.91 31.38 -74.76
CA ASN C 610 14.06 31.10 -73.91
C ASN C 610 13.64 30.38 -72.63
N PHE C 611 12.53 30.82 -72.01
CA PHE C 611 12.06 30.18 -70.79
C PHE C 611 11.73 28.72 -71.04
N LEU C 612 10.96 28.45 -72.10
CA LEU C 612 10.62 27.06 -72.41
C LEU C 612 11.86 26.23 -72.71
N PHE C 613 12.78 26.79 -73.49
CA PHE C 613 14.00 26.07 -73.87
C PHE C 613 14.82 25.70 -72.65
N ILE C 614 15.06 26.67 -71.76
CA ILE C 614 15.86 26.39 -70.57
C ILE C 614 15.15 25.41 -69.66
N LEU C 615 13.82 25.47 -69.58
CA LEU C 615 13.09 24.49 -68.78
C LEU C 615 13.31 23.08 -69.31
N PHE C 616 13.26 22.89 -70.62
CA PHE C 616 13.24 21.54 -71.16
C PHE C 616 14.61 20.96 -71.48
N VAL C 617 15.70 21.72 -71.38
CA VAL C 617 17.03 21.18 -71.65
C VAL C 617 17.82 20.95 -70.37
N SER C 618 17.21 21.15 -69.22
CA SER C 618 17.88 20.90 -67.95
C SER C 618 17.66 19.46 -67.50
N LEU C 619 18.56 18.99 -66.63
CA LEU C 619 18.45 17.66 -66.06
C LEU C 619 17.47 17.68 -64.90
N GLY C 620 16.48 16.79 -64.95
CA GLY C 620 15.40 16.76 -63.99
C GLY C 620 14.07 16.51 -64.67
N VAL C 621 13.00 16.66 -63.90
CA VAL C 621 11.64 16.44 -64.38
C VAL C 621 11.03 17.80 -64.68
N PRO C 622 10.65 18.08 -65.92
CA PRO C 622 10.00 19.36 -66.23
C PRO C 622 8.52 19.34 -65.87
N VAL C 623 8.07 20.37 -65.16
CA VAL C 623 6.69 20.49 -64.72
C VAL C 623 6.09 21.73 -65.39
N LEU C 624 5.05 21.52 -66.18
CA LEU C 624 4.35 22.59 -66.87
C LEU C 624 3.03 22.91 -66.17
N ASN C 625 2.72 24.19 -66.09
CA ASN C 625 1.47 24.65 -65.50
C ASN C 625 0.44 24.89 -66.59
N MET C 626 -0.81 24.53 -66.30
CA MET C 626 -1.88 24.65 -67.28
C MET C 626 -2.05 26.09 -67.74
N GLY C 627 -2.19 26.27 -69.05
CA GLY C 627 -2.34 27.56 -69.65
C GLY C 627 -1.04 28.21 -70.11
N ASP C 628 0.11 27.65 -69.70
CA ASP C 628 1.39 28.22 -70.10
C ASP C 628 1.78 27.81 -71.52
N GLU C 629 1.03 26.91 -72.14
CA GLU C 629 1.26 26.52 -73.52
C GLU C 629 0.39 27.30 -74.51
N CYS C 630 -0.51 28.16 -74.02
CA CYS C 630 -1.41 28.87 -74.91
C CYS C 630 -1.61 30.34 -74.52
N GLY C 631 -0.67 30.94 -73.79
CA GLY C 631 -0.74 32.36 -73.53
C GLY C 631 -1.76 32.79 -72.49
N HIS C 632 -2.14 31.90 -71.57
CA HIS C 632 -3.06 32.28 -70.50
C HIS C 632 -2.46 33.41 -69.66
N SER C 633 -3.27 34.43 -69.38
CA SER C 633 -2.82 35.59 -68.65
C SER C 633 -3.84 35.94 -67.57
N ALA C 634 -3.35 36.56 -66.49
CA ALA C 634 -4.20 36.96 -65.37
C ALA C 634 -4.06 38.45 -65.06
N ALA C 635 -3.63 39.25 -66.03
CA ALA C 635 -3.52 40.70 -65.89
C ALA C 635 -2.59 41.11 -64.74
N GLY C 636 -1.54 40.33 -64.53
CA GLY C 636 -0.50 40.71 -63.59
C GLY C 636 -0.75 40.33 -62.14
N SER C 637 -1.77 39.54 -61.85
CA SER C 637 -2.06 39.16 -60.48
C SER C 637 -1.26 37.94 -60.06
N VAL C 638 -0.93 37.87 -58.77
CA VAL C 638 -0.17 36.77 -58.21
C VAL C 638 -1.01 35.86 -57.33
N SER C 639 -2.32 36.05 -57.31
CA SER C 639 -3.22 35.21 -56.53
C SER C 639 -3.67 34.02 -57.37
N TYR C 640 -3.58 32.82 -56.81
CA TYR C 640 -4.05 31.64 -57.53
C TYR C 640 -5.56 31.64 -57.71
N LYS C 641 -6.29 32.41 -56.90
CA LYS C 641 -7.73 32.51 -57.04
C LYS C 641 -8.15 33.42 -58.19
N ASP C 642 -7.22 34.23 -58.71
CA ASP C 642 -7.52 35.13 -59.81
C ASP C 642 -7.38 34.49 -61.18
N ARG C 643 -6.91 33.24 -61.25
CA ARG C 643 -6.79 32.56 -62.52
C ARG C 643 -8.18 32.20 -63.05
N GLY C 644 -8.33 32.25 -64.37
CA GLY C 644 -9.61 32.01 -65.00
C GLY C 644 -9.62 30.73 -65.81
N PRO C 645 -10.77 30.43 -66.42
CA PRO C 645 -10.88 29.21 -67.22
C PRO C 645 -10.00 29.27 -68.46
N LEU C 646 -9.54 28.09 -68.88
CA LEU C 646 -8.71 27.98 -70.07
C LEU C 646 -9.56 28.24 -71.30
N ASN C 647 -8.97 28.93 -72.28
CA ASN C 647 -9.67 29.29 -73.51
C ASN C 647 -9.15 28.39 -74.63
N TRP C 648 -10.04 27.52 -75.14
CA TRP C 648 -9.67 26.57 -76.17
C TRP C 648 -9.83 27.13 -77.59
N ARG C 649 -10.35 28.35 -77.72
CA ARG C 649 -10.52 28.97 -79.02
C ARG C 649 -9.20 29.28 -79.71
N GLY C 650 -8.20 29.71 -78.96
CA GLY C 650 -6.96 30.17 -79.54
C GLY C 650 -5.99 29.09 -79.97
N MET C 651 -6.35 27.81 -79.84
CA MET C 651 -5.43 26.75 -80.23
C MET C 651 -5.49 26.50 -81.73
N LYS C 652 -5.50 27.57 -82.51
CA LYS C 652 -5.32 27.49 -83.96
C LYS C 652 -4.43 28.61 -84.50
N THR C 653 -4.16 29.65 -83.71
CA THR C 653 -3.46 30.82 -84.19
C THR C 653 -1.96 30.55 -84.29
N THR C 654 -1.21 31.60 -84.63
CA THR C 654 0.24 31.44 -84.80
C THR C 654 0.92 31.14 -83.47
N PHE C 655 0.67 31.96 -82.45
CA PHE C 655 1.44 31.88 -81.20
C PHE C 655 1.27 30.53 -80.53
N VAL C 656 0.04 30.07 -80.37
CA VAL C 656 -0.21 28.79 -79.73
C VAL C 656 0.43 27.66 -80.53
N LYS C 657 0.39 27.76 -81.86
CA LYS C 657 1.01 26.75 -82.69
C LYS C 657 2.52 26.69 -82.47
N GLU C 658 3.19 27.85 -82.43
CA GLU C 658 4.62 27.85 -82.18
C GLU C 658 4.94 27.25 -80.82
N VAL C 659 4.18 27.65 -79.79
CA VAL C 659 4.48 27.17 -78.44
C VAL C 659 4.29 25.67 -78.34
N THR C 660 3.17 25.15 -78.87
CA THR C 660 2.89 23.72 -78.77
C THR C 660 3.88 22.91 -79.60
N GLY C 661 4.24 23.41 -80.79
CA GLY C 661 5.21 22.70 -81.60
C GLY C 661 6.59 22.69 -80.97
N PHE C 662 7.00 23.80 -80.36
CA PHE C 662 8.28 23.83 -79.66
C PHE C 662 8.29 22.87 -78.47
N ILE C 663 7.18 22.83 -77.72
CA ILE C 663 7.12 21.92 -76.58
C ILE C 663 7.18 20.47 -77.04
N SER C 664 6.45 20.14 -78.11
CA SER C 664 6.47 18.78 -78.65
C SER C 664 7.86 18.41 -79.15
N PHE C 665 8.53 19.35 -79.83
CA PHE C 665 9.88 19.10 -80.31
C PHE C 665 10.85 18.84 -79.15
N LEU C 666 10.75 19.65 -78.10
CA LEU C 666 11.64 19.47 -76.95
C LEU C 666 11.39 18.15 -76.24
N THR C 667 10.12 17.76 -76.09
CA THR C 667 9.83 16.47 -75.46
C THR C 667 10.34 15.31 -76.31
N ALA C 668 10.14 15.39 -77.62
CA ALA C 668 10.65 14.33 -78.50
C ALA C 668 12.17 14.26 -78.45
N LEU C 669 12.83 15.41 -78.39
CA LEU C 669 14.29 15.42 -78.30
C LEU C 669 14.78 14.83 -76.99
N ARG C 670 14.07 15.12 -75.89
CA ARG C 670 14.41 14.51 -74.62
C ARG C 670 14.28 12.99 -74.67
N SER C 671 13.21 12.50 -75.31
CA SER C 671 13.04 11.06 -75.45
C SER C 671 14.12 10.44 -76.33
N ARG C 672 14.48 11.12 -77.43
CA ARG C 672 15.41 10.55 -78.39
C ARG C 672 16.84 10.50 -77.85
N ARG C 673 17.20 11.44 -76.97
CA ARG C 673 18.56 11.50 -76.44
C ARG C 673 18.56 11.24 -74.94
N GLY C 674 17.83 10.19 -74.53
CA GLY C 674 17.68 9.88 -73.11
C GLY C 674 18.99 9.58 -72.41
N ASP C 675 20.06 9.27 -73.16
CA ASP C 675 21.36 9.06 -72.55
C ASP C 675 21.90 10.34 -71.93
N ILE C 676 21.31 11.49 -72.24
CA ILE C 676 21.70 12.76 -71.65
C ILE C 676 20.59 13.34 -70.79
N PHE C 677 19.35 13.28 -71.26
CA PHE C 677 18.24 13.98 -70.61
C PHE C 677 17.37 13.09 -69.73
N GLN C 678 17.57 11.77 -69.76
CA GLN C 678 16.77 10.89 -68.93
C GLN C 678 17.68 9.98 -68.10
N ARG C 679 18.67 10.58 -67.44
CA ARG C 679 19.65 9.83 -66.68
C ARG C 679 19.21 9.61 -65.25
N ARG C 680 19.69 8.51 -64.66
CA ARG C 680 19.52 8.23 -63.25
C ARG C 680 20.66 8.77 -62.40
N GLU C 681 21.73 9.26 -63.02
CA GLU C 681 22.89 9.77 -62.30
C GLU C 681 23.40 10.98 -63.07
N PHE C 682 24.09 11.87 -62.37
CA PHE C 682 24.60 13.09 -62.97
C PHE C 682 25.64 12.80 -64.05
N LEU C 683 25.73 13.70 -65.02
CA LEU C 683 26.74 13.57 -66.07
C LEU C 683 28.14 13.61 -65.48
N LYS C 684 29.04 12.85 -66.08
CA LYS C 684 30.42 12.80 -65.61
C LYS C 684 31.11 14.14 -65.82
N LEU C 685 31.92 14.54 -64.84
CA LEU C 685 32.63 15.82 -64.92
C LEU C 685 33.65 15.86 -66.05
N GLU C 686 34.04 14.71 -66.59
CA GLU C 686 34.97 14.64 -67.69
C GLU C 686 34.31 14.86 -69.04
N ASN C 687 32.98 15.01 -69.08
CA ASN C 687 32.25 15.14 -70.34
C ASN C 687 31.54 16.48 -70.49
N ILE C 688 31.73 17.41 -69.56
CA ILE C 688 31.13 18.73 -69.64
C ILE C 688 32.24 19.78 -69.64
N HIS C 689 32.23 20.65 -70.63
CA HIS C 689 33.19 21.74 -70.74
C HIS C 689 32.44 23.06 -70.86
N TRP C 690 32.80 24.02 -70.01
CA TRP C 690 32.17 25.32 -70.00
C TRP C 690 33.06 26.34 -70.71
N TYR C 691 32.45 27.12 -71.60
CA TYR C 691 33.19 28.06 -72.44
C TYR C 691 32.62 29.46 -72.27
N GLY C 692 33.36 30.44 -72.77
CA GLY C 692 32.97 31.84 -72.73
C GLY C 692 32.59 32.31 -74.11
N SER C 693 32.93 33.57 -74.40
CA SER C 693 32.55 34.21 -75.66
C SER C 693 33.09 33.43 -76.86
N ASP C 694 34.41 33.37 -77.02
CA ASP C 694 35.03 32.66 -78.14
C ASP C 694 35.91 31.54 -77.58
N LEU C 695 35.28 30.40 -77.29
CA LEU C 695 35.95 29.20 -76.78
C LEU C 695 36.97 29.53 -75.70
N CYS C 696 36.67 30.51 -74.85
CA CYS C 696 37.57 30.95 -73.80
C CYS C 696 37.04 30.51 -72.45
N GLU C 697 37.73 30.92 -71.39
CA GLU C 697 37.29 30.63 -70.05
C GLU C 697 36.06 31.48 -69.71
N PRO C 698 35.01 30.88 -69.17
CA PRO C 698 33.82 31.67 -68.80
C PRO C 698 34.13 32.60 -67.64
N GLY C 699 33.38 33.71 -67.59
CA GLY C 699 33.50 34.60 -66.45
C GLY C 699 32.56 34.19 -65.35
N TRP C 700 33.06 33.42 -64.38
CA TRP C 700 32.20 32.85 -63.35
C TRP C 700 31.76 33.90 -62.34
N ASP C 701 32.66 34.80 -61.96
CA ASP C 701 32.39 35.76 -60.89
C ASP C 701 32.15 37.17 -61.40
N ASP C 702 32.07 37.38 -62.72
CA ASP C 702 31.84 38.71 -63.27
C ASP C 702 30.34 38.90 -63.46
N PRO C 703 29.69 39.80 -62.72
CA PRO C 703 28.25 40.02 -62.92
C PRO C 703 27.96 40.99 -64.05
N THR C 704 28.67 40.85 -65.16
CA THR C 704 28.37 41.58 -66.38
C THR C 704 28.40 40.69 -67.62
N SER C 705 28.88 39.46 -67.53
CA SER C 705 28.88 38.52 -68.64
C SER C 705 27.68 37.59 -68.44
N ASN C 706 26.60 37.89 -69.16
CA ASN C 706 25.39 37.08 -69.11
C ASN C 706 25.38 36.12 -70.31
N PHE C 707 26.46 35.34 -70.40
CA PHE C 707 26.67 34.47 -71.54
C PHE C 707 27.39 33.21 -71.08
N LEU C 708 26.95 32.06 -71.59
CA LEU C 708 27.55 30.79 -71.19
C LEU C 708 27.34 29.77 -72.31
N CYS C 709 28.35 28.94 -72.53
CA CYS C 709 28.29 27.87 -73.51
C CYS C 709 28.59 26.54 -72.82
N MET C 710 27.96 25.48 -73.30
CA MET C 710 28.04 24.16 -72.69
C MET C 710 28.31 23.12 -73.75
N HIS C 711 29.44 22.43 -73.63
CA HIS C 711 29.84 21.36 -74.54
C HIS C 711 29.71 20.04 -73.81
N ILE C 712 28.90 19.12 -74.34
CA ILE C 712 28.66 17.83 -73.73
C ILE C 712 29.12 16.74 -74.67
N ASN C 713 29.96 15.84 -74.17
CA ASN C 713 30.46 14.71 -74.94
C ASN C 713 29.63 13.47 -74.64
N ALA C 714 29.19 12.79 -75.70
CA ALA C 714 28.40 11.58 -75.53
C ALA C 714 29.29 10.44 -75.02
N GLU C 715 28.67 9.53 -74.28
CA GLU C 715 29.37 8.38 -73.73
C GLU C 715 29.41 7.25 -74.74
N VAL C 716 30.28 6.28 -74.49
CA VAL C 716 30.38 5.07 -75.31
C VAL C 716 30.02 3.89 -74.42
N ASP C 717 28.94 3.20 -74.76
CA ASP C 717 28.46 2.05 -73.99
C ASP C 717 28.91 0.78 -74.71
N GLU C 718 29.72 -0.03 -74.01
CA GLU C 718 30.26 -1.25 -74.60
C GLU C 718 29.30 -2.42 -74.55
N MET C 719 28.11 -2.25 -73.96
CA MET C 719 27.15 -3.33 -73.92
C MET C 719 26.68 -3.74 -75.32
N ALA C 720 26.50 -2.77 -76.20
CA ALA C 720 26.06 -3.06 -77.57
C ALA C 720 27.26 -3.32 -78.47
N SER C 723 27.28 1.76 -82.58
CA SER C 723 26.35 2.87 -82.37
C SER C 723 27.11 4.12 -81.87
N VAL C 724 27.04 5.19 -82.65
CA VAL C 724 27.73 6.44 -82.33
C VAL C 724 26.69 7.54 -82.20
N ARG C 725 26.73 8.25 -81.08
CA ARG C 725 25.86 9.41 -80.83
C ARG C 725 26.72 10.65 -80.71
N GLY C 726 26.23 11.76 -81.27
CA GLY C 726 27.02 12.96 -81.38
C GLY C 726 27.14 13.74 -80.08
N ASP C 727 27.76 14.90 -80.19
CA ASP C 727 27.93 15.80 -79.06
C ASP C 727 26.82 16.85 -79.07
N LEU C 728 26.80 17.68 -78.03
CA LEU C 728 25.83 18.76 -77.90
C LEU C 728 26.56 20.04 -77.57
N TYR C 729 26.14 21.14 -78.20
CA TYR C 729 26.64 22.47 -77.89
C TYR C 729 25.45 23.39 -77.63
N ILE C 730 25.40 23.99 -76.45
CA ILE C 730 24.28 24.83 -76.05
C ILE C 730 24.82 26.18 -75.63
N CYS C 731 24.22 27.26 -76.15
CA CYS C 731 24.62 28.62 -75.82
C CYS C 731 23.43 29.39 -75.27
N PHE C 732 23.68 30.21 -74.27
CA PHE C 732 22.67 31.08 -73.67
C PHE C 732 23.22 32.50 -73.63
N ASN C 733 22.50 33.44 -74.22
CA ASN C 733 22.88 34.85 -74.23
C ASN C 733 21.74 35.66 -73.64
N ALA C 734 21.93 36.19 -72.44
CA ALA C 734 20.96 37.07 -71.81
C ALA C 734 21.27 38.55 -72.01
N ASN C 735 22.37 38.87 -72.70
CA ASN C 735 22.72 40.25 -72.96
C ASN C 735 21.77 40.88 -73.97
N GLU C 736 21.72 42.21 -73.95
CA GLU C 736 20.98 42.98 -74.94
C GLU C 736 21.82 43.27 -76.18
N GLU C 737 23.07 42.85 -76.20
CA GLU C 737 23.94 42.97 -77.36
C GLU C 737 24.33 41.57 -77.84
N SER C 738 24.55 41.45 -79.15
CA SER C 738 24.94 40.17 -79.72
C SER C 738 26.35 39.81 -79.31
N VAL C 739 26.62 38.50 -79.27
CA VAL C 739 27.90 37.96 -78.84
C VAL C 739 28.35 36.90 -79.84
N SER C 740 29.63 36.96 -80.19
CA SER C 740 30.23 35.99 -81.10
C SER C 740 30.63 34.74 -80.31
N ALA C 741 30.26 33.57 -80.84
CA ALA C 741 30.57 32.30 -80.21
C ALA C 741 31.30 31.41 -81.21
N ALA C 742 32.21 30.60 -80.68
CA ALA C 742 33.01 29.67 -81.49
C ALA C 742 32.62 28.24 -81.17
N LEU C 743 32.51 27.42 -82.21
CA LEU C 743 32.15 26.02 -82.07
C LEU C 743 33.39 25.18 -81.80
N PRO C 744 33.29 24.18 -80.92
CA PRO C 744 34.45 23.36 -80.59
C PRO C 744 34.92 22.54 -81.80
N ALA C 745 36.21 22.20 -81.77
CA ALA C 745 36.78 21.36 -82.81
C ALA C 745 36.16 19.97 -82.75
N LEU C 746 35.88 19.41 -83.92
CA LEU C 746 35.20 18.12 -84.03
C LEU C 746 36.18 17.05 -84.50
N ALA C 747 35.65 15.85 -84.75
CA ALA C 747 36.47 14.75 -85.25
C ALA C 747 36.68 14.92 -86.75
N GLU C 748 37.20 13.88 -87.40
CA GLU C 748 37.51 13.94 -88.82
C GLU C 748 36.24 13.68 -89.62
N GLY C 749 35.93 14.59 -90.55
CA GLY C 749 34.74 14.47 -91.36
C GLY C 749 33.45 14.59 -90.58
N SER C 750 33.43 15.40 -89.53
CA SER C 750 32.25 15.63 -88.72
C SER C 750 31.90 17.11 -88.73
N VAL C 751 30.60 17.39 -88.65
CA VAL C 751 30.08 18.75 -88.73
C VAL C 751 29.06 18.97 -87.61
N TRP C 752 28.76 20.23 -87.35
CA TRP C 752 27.76 20.63 -86.37
C TRP C 752 26.46 20.94 -87.09
N LEU C 753 25.36 20.39 -86.59
CA LEU C 753 24.04 20.59 -87.16
C LEU C 753 23.22 21.40 -86.17
N ARG C 754 22.67 22.52 -86.61
CA ARG C 754 21.94 23.42 -85.73
C ARG C 754 20.51 22.94 -85.58
N LEU C 755 20.04 22.84 -84.34
CA LEU C 755 18.68 22.36 -84.08
C LEU C 755 17.74 23.46 -83.61
N VAL C 756 18.21 24.41 -82.81
CA VAL C 756 17.36 25.44 -82.23
C VAL C 756 18.06 26.79 -82.32
N ASP C 757 17.32 27.82 -82.71
CA ASP C 757 17.76 29.21 -82.60
C ASP C 757 16.52 30.05 -82.32
N THR C 758 16.36 30.50 -81.08
CA THR C 758 15.12 31.14 -80.66
C THR C 758 14.96 32.55 -81.22
N SER C 759 15.94 33.07 -81.94
CA SER C 759 15.84 34.38 -82.58
C SER C 759 15.33 34.30 -84.02
N LEU C 760 15.14 33.10 -84.55
CA LEU C 760 14.70 32.93 -85.93
C LEU C 760 13.18 33.13 -86.03
N ALA C 761 12.60 32.76 -87.16
CA ALA C 761 11.19 32.98 -87.44
C ALA C 761 10.47 31.64 -87.56
N PHE C 762 9.28 31.56 -86.96
CA PHE C 762 8.48 30.35 -87.06
C PHE C 762 7.79 30.29 -88.42
N PRO C 763 7.80 29.14 -89.09
CA PRO C 763 8.49 27.89 -88.72
C PRO C 763 9.95 27.93 -89.11
N GLY C 764 10.82 27.22 -88.39
CA GLY C 764 12.22 27.19 -88.73
C GLY C 764 13.16 27.39 -87.57
N PHE C 765 12.69 28.03 -86.49
CA PHE C 765 13.56 28.25 -85.35
C PHE C 765 13.81 26.97 -84.56
N PHE C 766 13.00 25.93 -84.79
CA PHE C 766 13.35 24.57 -84.39
C PHE C 766 13.14 23.66 -85.59
N ALA C 767 14.08 22.74 -85.79
CA ALA C 767 14.02 21.84 -86.93
C ALA C 767 14.63 20.49 -86.56
N THR C 768 13.98 19.42 -86.96
CA THR C 768 14.43 18.07 -86.64
C THR C 768 15.38 17.54 -87.71
N VAL C 774 18.45 22.24 -92.70
CA VAL C 774 18.97 23.23 -91.76
C VAL C 774 20.50 23.24 -91.87
N GLN C 775 21.10 24.41 -91.65
CA GLN C 775 22.48 24.66 -92.01
C GLN C 775 23.45 23.71 -91.29
N GLN C 776 24.50 23.32 -92.00
CA GLN C 776 25.63 22.61 -91.41
C GLN C 776 26.76 23.60 -91.16
N VAL C 777 27.49 23.38 -90.07
CA VAL C 777 28.58 24.28 -89.69
C VAL C 777 29.82 23.47 -89.38
N PRO C 778 30.94 23.74 -90.03
CA PRO C 778 32.19 23.03 -89.71
C PRO C 778 32.70 23.41 -88.32
N GLY C 779 33.58 22.56 -87.80
CA GLY C 779 34.18 22.83 -86.51
C GLY C 779 35.09 24.04 -86.54
N LEU C 780 35.31 24.62 -85.36
CA LEU C 780 36.15 25.80 -85.17
C LEU C 780 35.64 27.00 -85.97
N SER C 781 34.33 27.01 -86.27
CA SER C 781 33.73 28.11 -87.00
C SER C 781 33.28 29.20 -86.02
N SER C 782 32.53 30.18 -86.53
CA SER C 782 32.01 31.26 -85.72
C SER C 782 30.52 31.43 -85.97
N TYR C 783 29.76 31.58 -84.90
CA TYR C 783 28.33 31.79 -84.96
C TYR C 783 27.97 33.05 -84.20
N HIS C 784 27.04 33.83 -84.75
CA HIS C 784 26.61 35.09 -84.14
C HIS C 784 25.36 34.82 -83.33
N VAL C 785 25.49 34.89 -82.00
CA VAL C 785 24.34 34.71 -81.12
C VAL C 785 23.71 36.06 -80.86
N GLU C 786 22.44 36.20 -81.24
CA GLU C 786 21.73 37.46 -81.10
C GLU C 786 21.39 37.70 -79.62
N ALA C 787 20.90 38.91 -79.34
CA ALA C 787 20.50 39.25 -77.99
C ALA C 787 19.28 38.45 -77.57
N HIS C 788 19.28 37.98 -76.32
CA HIS C 788 18.20 37.16 -75.76
C HIS C 788 17.92 35.95 -76.65
N THR C 789 18.96 35.15 -76.86
CA THR C 789 18.88 34.02 -77.78
C THR C 789 19.55 32.80 -77.16
N CYS C 790 19.01 31.63 -77.46
CA CYS C 790 19.57 30.34 -77.06
C CYS C 790 19.70 29.46 -78.29
N VAL C 791 20.82 28.76 -78.41
CA VAL C 791 21.14 27.97 -79.59
C VAL C 791 21.52 26.55 -79.15
N LEU C 792 21.23 25.57 -80.00
CA LEU C 792 21.55 24.18 -79.74
C LEU C 792 22.15 23.55 -80.99
N PHE C 793 23.24 22.81 -80.82
CA PHE C 793 23.91 22.12 -81.91
C PHE C 793 24.08 20.64 -81.57
N GLU C 794 24.11 19.80 -82.61
CA GLU C 794 24.44 18.40 -82.49
C GLU C 794 25.47 18.02 -83.55
N SER C 795 26.48 17.27 -83.14
CA SER C 795 27.55 16.87 -84.05
C SER C 795 27.13 15.61 -84.80
N LYS C 796 27.23 15.66 -86.13
CA LYS C 796 26.86 14.55 -86.99
C LYS C 796 28.09 14.11 -87.78
N SER C 797 28.38 12.83 -87.76
CA SER C 797 29.53 12.29 -88.47
C SER C 797 29.15 12.01 -89.93
N ALA C 798 29.88 12.62 -90.85
CA ALA C 798 29.70 12.36 -92.28
C ALA C 798 30.50 11.12 -92.68
N LEU C 799 30.16 10.00 -92.05
CA LEU C 799 30.88 8.75 -92.24
C LEU C 799 30.22 7.91 -93.34
#